data_4M2E
#
_entry.id   4M2E
#
_cell.length_a   68.322
_cell.length_b   117.162
_cell.length_c   96.038
_cell.angle_alpha   90.00
_cell.angle_beta   91.62
_cell.angle_gamma   90.00
#
_symmetry.space_group_name_H-M   'P 1 21 1'
#
loop_
_entity.id
_entity.type
_entity.pdbx_description
1 polymer 'L-arginine beta-hydroxylase'
2 non-polymer L-HOMOARGININE
3 non-polymer 'FE (III) ION'
4 water water
#
_entity_poly.entity_id   1
_entity_poly.type   'polypeptide(L)'
_entity_poly.pdbx_seq_one_letter_code
;MGSSHHHHHHSSGLVPRGSHMSNLTDQSTPSYSLTPAEASAVAELTLELAAAYGSFGDPVLLRDLPRLAARLPEGVQDFL
REFKLADRHGHTVIRGHDFDQRRIGPTPDHWRGRVRPGPEFPEELLLMLYSALLGEPFGWATQQDGHLVHDIFPIRSHEN
DQLGMGSKQLLTWHTEDAFHPYRSDYLILGALRNPDHVPTTVGELDLSSLSAEDIDVLFEPRYHIAPDESHLPKNNTIAT
EEEAARFATIQRMIDERPLGPLLYGSRLDPYMRLDPYFTSVPQDDTDARRAYDALFKVVDSGMREVVADQGDVLFIDNHR
AVHGRLPFQARYDGTDRWLKRVCVTSDLRRSREMRATSATRLLG
;
_entity_poly.pdbx_strand_id   A,B,C,D
#
loop_
_chem_comp.id
_chem_comp.type
_chem_comp.name
_chem_comp.formula
FE non-polymer 'FE (III) ION' 'Fe 3'
#
# COMPACT_ATOMS: atom_id res chain seq x y z
N THR A 29 -42.79 8.33 8.68
CA THR A 29 -41.61 7.85 7.90
C THR A 29 -40.37 8.72 8.18
N PRO A 30 -39.34 8.13 8.82
CA PRO A 30 -38.13 8.85 9.20
C PRO A 30 -37.32 9.36 8.02
N SER A 31 -36.68 10.51 8.21
CA SER A 31 -35.70 11.03 7.27
C SER A 31 -34.57 11.70 8.04
N TYR A 32 -33.49 12.04 7.34
CA TYR A 32 -32.34 12.67 7.96
C TYR A 32 -32.02 13.93 7.20
N SER A 33 -32.01 15.06 7.90
CA SER A 33 -31.56 16.31 7.33
C SER A 33 -30.14 16.61 7.79
N LEU A 34 -29.23 16.82 6.84
CA LEU A 34 -27.84 17.14 7.13
C LEU A 34 -27.73 18.59 7.62
N THR A 35 -26.95 18.80 8.68
CA THR A 35 -26.50 20.15 9.02
C THR A 35 -25.57 20.62 7.90
N PRO A 36 -25.41 21.96 7.73
CA PRO A 36 -24.42 22.49 6.82
C PRO A 36 -23.00 21.94 7.06
N ALA A 37 -22.65 21.70 8.32
CA ALA A 37 -21.35 21.10 8.62
C ALA A 37 -21.25 19.69 8.04
N GLU A 38 -22.30 18.88 8.24
CA GLU A 38 -22.34 17.51 7.74
C GLU A 38 -22.28 17.50 6.19
N ALA A 39 -23.04 18.40 5.57
CA ALA A 39 -23.08 18.52 4.10
C ALA A 39 -21.69 18.86 3.56
N SER A 40 -21.01 19.80 4.21
CA SER A 40 -19.63 20.16 3.85
C SER A 40 -18.66 18.98 3.95
N ALA A 41 -18.71 18.24 5.06
CA ALA A 41 -17.86 17.06 5.26
C ALA A 41 -18.11 15.95 4.22
N VAL A 42 -19.38 15.72 3.89
CA VAL A 42 -19.73 14.74 2.87
C VAL A 42 -19.15 15.17 1.52
N ALA A 43 -19.44 16.41 1.11
CA ALA A 43 -18.89 16.96 -0.13
C ALA A 43 -17.36 16.86 -0.23
N GLU A 44 -16.64 17.29 0.83
CA GLU A 44 -15.19 17.16 0.92
C GLU A 44 -14.68 15.73 0.76
N LEU A 45 -15.36 14.81 1.43
CA LEU A 45 -15.00 13.41 1.36
C LEU A 45 -15.13 12.90 -0.09
N THR A 46 -16.23 13.22 -0.73
CA THR A 46 -16.49 12.70 -2.09
C THR A 46 -15.52 13.30 -3.11
N LEU A 47 -15.16 14.58 -2.93
CA LEU A 47 -14.12 15.23 -3.74
C LEU A 47 -12.75 14.57 -3.58
N GLU A 48 -12.38 14.29 -2.32
CA GLU A 48 -11.14 13.57 -2.03
C GLU A 48 -11.08 12.21 -2.73
N LEU A 49 -12.10 11.39 -2.50
CA LEU A 49 -12.19 10.08 -3.11
C LEU A 49 -12.27 10.14 -4.64
N ALA A 50 -12.96 11.14 -5.18
CA ALA A 50 -13.00 11.33 -6.63
C ALA A 50 -11.60 11.50 -7.22
N ALA A 51 -10.75 12.30 -6.56
CA ALA A 51 -9.37 12.50 -7.00
C ALA A 51 -8.47 11.29 -6.78
N ALA A 52 -8.70 10.54 -5.69
CA ALA A 52 -7.86 9.41 -5.31
C ALA A 52 -8.06 8.13 -6.11
N TYR A 53 -9.25 7.93 -6.68
CA TYR A 53 -9.53 6.75 -7.49
C TYR A 53 -9.88 7.16 -8.93
N GLY A 54 -9.53 6.31 -9.90
CA GLY A 54 -9.73 6.63 -11.32
C GLY A 54 -11.18 6.58 -11.78
N SER A 55 -11.82 5.44 -11.53
CA SER A 55 -13.20 5.19 -11.97
C SER A 55 -13.74 4.01 -11.19
N PHE A 56 -15.02 3.72 -11.39
CA PHE A 56 -15.63 2.53 -10.81
C PHE A 56 -15.09 1.24 -11.45
N GLY A 57 -14.37 1.39 -12.56
CA GLY A 57 -13.68 0.26 -13.19
C GLY A 57 -12.51 -0.24 -12.35
N ASP A 58 -12.08 0.57 -11.39
CA ASP A 58 -10.99 0.22 -10.47
C ASP A 58 -11.51 -0.76 -9.42
N PRO A 59 -10.98 -1.99 -9.42
CA PRO A 59 -11.44 -3.01 -8.48
C PRO A 59 -11.16 -2.66 -7.02
N VAL A 60 -10.11 -1.86 -6.79
CA VAL A 60 -9.73 -1.48 -5.42
C VAL A 60 -10.80 -0.58 -4.81
N LEU A 61 -11.40 0.28 -5.63
CA LEU A 61 -12.46 1.17 -5.16
C LEU A 61 -13.64 0.36 -4.64
N LEU A 62 -14.10 -0.60 -5.46
CA LEU A 62 -15.20 -1.48 -5.05
C LEU A 62 -14.85 -2.20 -3.75
N ARG A 63 -13.63 -2.73 -3.68
CA ARG A 63 -13.14 -3.34 -2.46
C ARG A 63 -13.22 -2.36 -1.26
N ASP A 64 -12.72 -1.12 -1.44
CA ASP A 64 -12.61 -0.15 -0.34
C ASP A 64 -13.92 0.48 0.14
N LEU A 65 -14.99 0.34 -0.65
CA LEU A 65 -16.27 1.02 -0.38
C LEU A 65 -16.78 0.99 1.07
N PRO A 66 -16.91 -0.20 1.68
CA PRO A 66 -17.45 -0.16 3.05
C PRO A 66 -16.55 0.61 4.02
N ARG A 67 -15.23 0.44 3.91
CA ARG A 67 -14.29 1.14 4.78
C ARG A 67 -14.35 2.66 4.55
N LEU A 68 -14.40 3.06 3.29
CA LEU A 68 -14.55 4.47 2.91
C LEU A 68 -15.83 5.10 3.43
N ALA A 69 -16.92 4.32 3.40
CA ALA A 69 -18.22 4.74 3.92
C ALA A 69 -18.20 5.03 5.42
N ALA A 70 -17.27 4.40 6.14
CA ALA A 70 -17.08 4.64 7.59
C ALA A 70 -16.49 6.03 7.88
N ARG A 71 -16.07 6.74 6.82
CA ARG A 71 -15.59 8.12 6.94
C ARG A 71 -16.71 9.15 6.80
N LEU A 72 -17.93 8.69 6.51
CA LEU A 72 -19.11 9.55 6.47
C LEU A 72 -19.49 10.04 7.89
N PRO A 73 -20.24 11.17 8.00
CA PRO A 73 -20.62 11.58 9.36
C PRO A 73 -21.29 10.43 10.11
N GLU A 74 -20.92 10.26 11.37
CA GLU A 74 -21.42 9.14 12.15
C GLU A 74 -22.95 9.11 12.24
N GLY A 75 -23.56 10.29 12.36
CA GLY A 75 -25.02 10.39 12.37
C GLY A 75 -25.66 9.66 11.18
N VAL A 76 -25.09 9.88 10.00
CA VAL A 76 -25.59 9.30 8.76
C VAL A 76 -25.48 7.78 8.79
N GLN A 77 -24.31 7.28 9.20
CA GLN A 77 -24.09 5.84 9.28
C GLN A 77 -25.08 5.15 10.20
N ASP A 78 -25.29 5.75 11.38
CA ASP A 78 -26.21 5.21 12.38
C ASP A 78 -27.63 5.22 11.84
N PHE A 79 -28.03 6.33 11.21
CA PHE A 79 -29.35 6.46 10.62
C PHE A 79 -29.65 5.34 9.61
N LEU A 80 -28.73 5.12 8.68
CA LEU A 80 -28.92 4.12 7.63
C LEU A 80 -28.85 2.68 8.16
N ARG A 81 -27.95 2.46 9.12
CA ARG A 81 -27.88 1.18 9.82
C ARG A 81 -29.22 0.85 10.48
N GLU A 82 -29.84 1.85 11.08
CA GLU A 82 -31.11 1.69 11.78
C GLU A 82 -32.25 1.45 10.81
N PHE A 83 -32.21 2.11 9.66
CA PHE A 83 -33.16 1.86 8.59
C PHE A 83 -33.04 0.41 8.15
N LYS A 84 -31.82 -0.02 7.86
CA LYS A 84 -31.53 -1.38 7.40
C LYS A 84 -31.99 -2.45 8.40
N LEU A 85 -31.62 -2.27 9.67
CA LEU A 85 -31.88 -3.29 10.68
C LEU A 85 -33.34 -3.33 11.15
N ALA A 86 -33.98 -2.17 11.18
CA ALA A 86 -35.36 -2.06 11.64
C ALA A 86 -36.29 -2.87 10.74
N ASP A 87 -36.05 -2.79 9.43
CA ASP A 87 -36.76 -3.60 8.44
C ASP A 87 -38.26 -3.41 8.59
N ARG A 88 -38.68 -2.14 8.60
CA ARG A 88 -40.07 -1.78 8.88
C ARG A 88 -40.57 -0.72 7.88
N HIS A 89 -39.88 0.41 7.78
CA HIS A 89 -40.22 1.44 6.79
C HIS A 89 -39.73 1.08 5.40
N GLY A 90 -40.49 1.49 4.38
CA GLY A 90 -40.24 1.09 3.00
C GLY A 90 -39.35 2.06 2.23
N HIS A 91 -39.22 3.27 2.74
CA HIS A 91 -38.30 4.25 2.18
C HIS A 91 -37.80 5.20 3.23
N THR A 92 -36.68 5.83 2.94
CA THR A 92 -36.17 6.95 3.73
C THR A 92 -35.44 7.92 2.79
N VAL A 93 -35.22 9.13 3.27
CA VAL A 93 -34.49 10.15 2.50
C VAL A 93 -33.40 10.78 3.37
N ILE A 94 -32.24 11.02 2.77
CA ILE A 94 -31.24 11.89 3.39
C ILE A 94 -31.23 13.20 2.57
N ARG A 95 -31.58 14.29 3.24
CA ARG A 95 -31.72 15.60 2.59
C ARG A 95 -30.62 16.58 2.95
N GLY A 96 -30.39 17.54 2.07
CA GLY A 96 -29.52 18.68 2.35
C GLY A 96 -28.06 18.53 1.94
N HIS A 97 -27.77 17.57 1.07
CA HIS A 97 -26.44 17.47 0.45
C HIS A 97 -26.12 18.68 -0.37
N ASP A 98 -24.82 18.97 -0.49
CA ASP A 98 -24.34 20.04 -1.34
C ASP A 98 -23.82 19.42 -2.65
N PHE A 99 -24.61 19.54 -3.70
CA PHE A 99 -24.20 19.06 -5.01
C PHE A 99 -23.85 20.28 -5.88
N ASP A 100 -22.55 20.55 -6.00
CA ASP A 100 -22.03 21.73 -6.70
C ASP A 100 -22.43 21.79 -8.20
N GLN A 101 -23.43 22.60 -8.53
CA GLN A 101 -24.00 22.68 -9.89
C GLN A 101 -23.00 23.12 -10.98
N ARG A 102 -22.11 24.03 -10.62
CA ARG A 102 -21.07 24.52 -11.53
C ARG A 102 -20.09 23.42 -11.93
N ARG A 103 -19.67 22.62 -10.94
CA ARG A 103 -18.77 21.50 -11.18
C ARG A 103 -19.50 20.38 -11.93
N ILE A 104 -20.73 20.10 -11.52
CA ILE A 104 -21.51 19.00 -12.11
C ILE A 104 -21.74 19.23 -13.61
N GLY A 105 -22.09 20.47 -13.98
CA GLY A 105 -22.28 20.82 -15.38
C GLY A 105 -23.66 20.53 -15.94
N PRO A 106 -23.81 20.71 -17.27
CA PRO A 106 -25.08 20.49 -17.97
C PRO A 106 -25.53 19.02 -17.91
N THR A 107 -26.85 18.82 -17.82
CA THR A 107 -27.46 17.50 -17.92
C THR A 107 -27.22 17.00 -19.34
N PRO A 108 -26.64 15.79 -19.47
CA PRO A 108 -26.24 15.30 -20.80
C PRO A 108 -27.44 15.00 -21.71
N ASP A 109 -27.17 14.93 -23.01
CA ASP A 109 -28.18 14.58 -24.02
C ASP A 109 -28.39 13.07 -24.10
N HIS A 110 -27.36 12.32 -23.72
CA HIS A 110 -27.40 10.87 -23.75
C HIS A 110 -26.41 10.26 -22.81
N TRP A 111 -26.68 9.03 -22.35
CA TRP A 111 -25.70 8.33 -21.53
C TRP A 111 -24.59 7.70 -22.36
N ARG A 112 -24.87 7.37 -23.61
CA ARG A 112 -23.86 6.80 -24.52
C ARG A 112 -22.90 7.88 -25.00
N GLY A 113 -21.64 7.51 -25.17
CA GLY A 113 -20.62 8.41 -25.71
C GLY A 113 -20.07 9.48 -24.79
N ARG A 114 -20.33 9.33 -23.48
CA ARG A 114 -19.84 10.26 -22.47
C ARG A 114 -18.50 9.82 -21.95
N VAL A 115 -17.64 10.78 -21.61
CA VAL A 115 -16.42 10.48 -20.87
C VAL A 115 -16.83 9.90 -19.51
N ARG A 116 -16.25 8.75 -19.17
CA ARG A 116 -16.50 8.08 -17.91
C ARG A 116 -15.22 7.99 -17.08
N PRO A 117 -15.25 8.46 -15.81
CA PRO A 117 -16.38 9.17 -15.16
C PRO A 117 -16.45 10.65 -15.55
N GLY A 118 -17.65 11.21 -15.48
CA GLY A 118 -17.86 12.61 -15.76
C GLY A 118 -17.52 13.50 -14.58
N PRO A 119 -17.81 14.80 -14.69
CA PRO A 119 -17.60 15.76 -13.61
C PRO A 119 -18.46 15.51 -12.35
N GLU A 120 -19.53 14.73 -12.50
CA GLU A 120 -20.42 14.37 -11.37
C GLU A 120 -19.94 13.11 -10.61
N PHE A 121 -18.77 12.60 -10.98
CA PHE A 121 -18.15 11.47 -10.29
C PHE A 121 -18.24 11.56 -8.75
N PRO A 122 -17.99 12.75 -8.15
CA PRO A 122 -18.13 12.74 -6.68
C PRO A 122 -19.50 12.27 -6.15
N GLU A 123 -20.58 12.67 -6.82
CA GLU A 123 -21.95 12.27 -6.45
C GLU A 123 -22.22 10.77 -6.66
N GLU A 124 -21.71 10.22 -7.75
CA GLU A 124 -21.76 8.79 -8.01
C GLU A 124 -21.06 8.02 -6.89
N LEU A 125 -19.89 8.51 -6.47
CA LEU A 125 -19.15 7.90 -5.36
C LEU A 125 -19.98 7.94 -4.10
N LEU A 126 -20.66 9.06 -3.86
CA LEU A 126 -21.53 9.18 -2.69
C LEU A 126 -22.55 8.06 -2.64
N LEU A 127 -23.22 7.80 -3.77
CA LEU A 127 -24.25 6.78 -3.80
C LEU A 127 -23.64 5.40 -3.62
N MET A 128 -22.45 5.20 -4.14
CA MET A 128 -21.74 3.93 -3.96
C MET A 128 -21.37 3.67 -2.50
N LEU A 129 -20.95 4.72 -1.79
CA LEU A 129 -20.67 4.63 -0.36
C LEU A 129 -21.94 4.23 0.38
N TYR A 130 -23.05 4.93 0.11
CA TYR A 130 -24.34 4.58 0.71
C TYR A 130 -24.76 3.14 0.40
N SER A 131 -24.48 2.67 -0.81
CA SER A 131 -24.86 1.31 -1.21
C SER A 131 -24.12 0.27 -0.35
N ALA A 132 -22.86 0.57 -0.05
CA ALA A 132 -22.01 -0.31 0.77
C ALA A 132 -22.41 -0.34 2.23
N LEU A 133 -23.04 0.72 2.71
CA LEU A 133 -23.68 0.70 4.03
C LEU A 133 -24.95 -0.18 4.04
N LEU A 134 -25.62 -0.32 2.91
CA LEU A 134 -26.84 -1.14 2.87
C LEU A 134 -26.59 -2.56 2.44
N GLY A 135 -25.65 -2.75 1.51
CA GLY A 135 -25.28 -4.07 1.04
C GLY A 135 -24.18 -3.98 -0.01
N GLU A 136 -24.46 -4.45 -1.22
CA GLU A 136 -23.47 -4.44 -2.30
C GLU A 136 -24.10 -3.87 -3.55
N PRO A 137 -23.42 -2.90 -4.20
CA PRO A 137 -23.94 -2.42 -5.48
C PRO A 137 -23.76 -3.46 -6.55
N PHE A 138 -24.77 -3.58 -7.40
CA PHE A 138 -24.74 -4.48 -8.55
C PHE A 138 -25.56 -3.85 -9.68
N GLY A 139 -25.43 -4.42 -10.89
CA GLY A 139 -26.17 -3.94 -12.05
C GLY A 139 -26.65 -5.04 -12.95
N TRP A 140 -27.20 -4.62 -14.09
CA TRP A 140 -27.65 -5.50 -15.16
C TRP A 140 -26.81 -5.20 -16.34
N ALA A 141 -26.19 -6.24 -16.90
CA ALA A 141 -25.19 -6.04 -17.96
C ALA A 141 -25.77 -5.30 -19.16
N THR A 142 -27.06 -5.47 -19.41
CA THR A 142 -27.70 -4.87 -20.59
C THR A 142 -28.16 -3.43 -20.37
N GLN A 143 -28.11 -2.98 -19.12
CA GLN A 143 -28.64 -1.66 -18.78
C GLN A 143 -27.55 -0.60 -18.69
N GLN A 144 -27.60 0.35 -19.63
CA GLN A 144 -26.62 1.43 -19.75
C GLN A 144 -25.17 0.94 -19.68
N ASP A 145 -24.83 -0.02 -20.55
CA ASP A 145 -23.47 -0.57 -20.66
C ASP A 145 -22.92 -1.19 -19.37
N GLY A 146 -23.82 -1.61 -18.48
CA GLY A 146 -23.42 -2.20 -17.20
C GLY A 146 -22.90 -1.23 -16.14
N HIS A 147 -23.12 0.06 -16.32
CA HIS A 147 -22.68 1.07 -15.35
C HIS A 147 -23.36 0.85 -14.02
N LEU A 148 -22.58 0.74 -12.95
CA LEU A 148 -23.15 0.47 -11.62
C LEU A 148 -24.01 1.62 -11.09
N VAL A 149 -23.58 2.86 -11.35
CA VAL A 149 -24.42 4.03 -11.12
C VAL A 149 -25.01 4.41 -12.47
N HIS A 150 -26.31 4.37 -12.61
CA HIS A 150 -26.89 4.72 -13.91
C HIS A 150 -27.58 6.05 -13.88
N ASP A 151 -27.83 6.58 -15.07
CA ASP A 151 -28.39 7.91 -15.21
C ASP A 151 -29.89 7.88 -15.41
N ILE A 152 -30.57 8.86 -14.82
CA ILE A 152 -31.96 9.11 -15.07
C ILE A 152 -32.10 10.56 -15.50
N PHE A 153 -32.22 10.76 -16.81
CA PHE A 153 -32.48 12.08 -17.42
C PHE A 153 -33.13 11.92 -18.80
N PRO A 154 -33.90 12.94 -19.26
CA PRO A 154 -34.63 12.84 -20.53
C PRO A 154 -33.73 12.68 -21.74
N ILE A 155 -34.04 11.70 -22.58
CA ILE A 155 -33.38 11.57 -23.87
C ILE A 155 -34.43 11.79 -24.95
N ARG A 156 -34.17 12.73 -25.86
CA ARG A 156 -35.16 13.15 -26.87
C ARG A 156 -35.74 11.98 -27.65
N SER A 157 -34.86 11.13 -28.18
CA SER A 157 -35.27 9.95 -28.95
C SER A 157 -36.05 8.92 -28.13
N HIS A 158 -36.01 9.05 -26.81
CA HIS A 158 -36.71 8.14 -25.88
C HIS A 158 -38.00 8.71 -25.36
N GLU A 159 -38.39 9.89 -25.88
CA GLU A 159 -39.56 10.62 -25.36
C GLU A 159 -40.85 9.79 -25.31
N ASN A 160 -41.01 8.88 -26.27
CA ASN A 160 -42.23 8.10 -26.42
C ASN A 160 -42.27 6.76 -25.65
N ASP A 161 -41.27 6.52 -24.81
CA ASP A 161 -41.14 5.25 -24.07
C ASP A 161 -41.50 5.40 -22.59
N GLN A 162 -41.87 4.29 -21.96
CA GLN A 162 -42.12 4.24 -20.52
C GLN A 162 -40.90 3.74 -19.77
N LEU A 163 -39.95 4.66 -19.52
CA LEU A 163 -38.67 4.34 -18.89
C LEU A 163 -38.22 5.50 -18.01
N GLY A 164 -37.06 5.32 -17.37
CA GLY A 164 -36.42 6.40 -16.61
C GLY A 164 -35.88 7.50 -17.50
N MET A 165 -35.48 7.14 -18.72
CA MET A 165 -34.92 8.10 -19.68
C MET A 165 -36.00 8.87 -20.46
N GLY A 166 -37.27 8.56 -20.19
CA GLY A 166 -38.39 9.26 -20.80
C GLY A 166 -38.75 10.52 -20.04
N SER A 167 -40.00 10.96 -20.19
CA SER A 167 -40.48 12.18 -19.55
C SER A 167 -41.99 12.35 -19.68
N LYS A 168 -42.48 12.33 -20.92
CA LYS A 168 -43.89 12.58 -21.24
C LYS A 168 -44.82 11.46 -20.78
N GLN A 169 -44.28 10.26 -20.67
CA GLN A 169 -45.06 9.08 -20.28
C GLN A 169 -45.05 8.89 -18.77
N LEU A 170 -46.21 8.53 -18.23
CA LEU A 170 -46.35 8.19 -16.82
C LEU A 170 -45.64 6.87 -16.52
N LEU A 171 -44.72 6.91 -15.56
CA LEU A 171 -44.08 5.69 -15.08
C LEU A 171 -44.89 5.16 -13.91
N THR A 172 -45.76 4.20 -14.22
CA THR A 172 -46.67 3.62 -13.24
C THR A 172 -45.90 2.79 -12.19
N TRP A 173 -46.46 2.71 -10.98
CA TRP A 173 -45.71 2.16 -9.85
C TRP A 173 -45.54 0.66 -9.89
N HIS A 174 -44.49 0.20 -9.23
CA HIS A 174 -44.15 -1.21 -9.16
C HIS A 174 -42.93 -1.48 -8.34
N THR A 175 -42.87 -2.69 -7.80
CA THR A 175 -41.63 -3.31 -7.32
C THR A 175 -40.70 -3.50 -8.52
N GLU A 176 -39.44 -3.11 -8.38
CA GLU A 176 -38.45 -3.32 -9.44
C GLU A 176 -38.16 -4.81 -9.67
N ASP A 177 -38.32 -5.25 -10.91
CA ASP A 177 -38.07 -6.64 -11.33
C ASP A 177 -38.76 -7.68 -10.45
N ALA A 178 -40.07 -7.49 -10.22
CA ALA A 178 -40.87 -8.36 -9.35
C ALA A 178 -40.67 -9.85 -9.60
N PHE A 179 -40.51 -10.21 -10.86
CA PHE A 179 -40.38 -11.60 -11.30
C PHE A 179 -39.05 -12.26 -10.89
N HIS A 180 -37.98 -11.45 -10.81
CA HIS A 180 -36.60 -11.94 -10.72
C HIS A 180 -36.19 -12.39 -9.33
N PRO A 181 -35.65 -13.61 -9.20
CA PRO A 181 -35.27 -14.09 -7.88
C PRO A 181 -34.10 -13.27 -7.29
N TYR A 182 -33.35 -12.60 -8.14
CA TYR A 182 -32.19 -11.80 -7.75
C TYR A 182 -32.41 -10.30 -8.01
N ARG A 183 -33.68 -9.88 -8.02
CA ARG A 183 -34.04 -8.45 -8.10
C ARG A 183 -33.38 -7.68 -6.95
N SER A 184 -33.33 -6.36 -7.07
CA SER A 184 -32.78 -5.47 -6.05
C SER A 184 -33.43 -5.67 -4.69
N ASP A 185 -32.63 -5.56 -3.64
CA ASP A 185 -33.17 -5.50 -2.29
C ASP A 185 -33.45 -4.03 -1.92
N TYR A 186 -32.57 -3.14 -2.38
CA TYR A 186 -32.75 -1.69 -2.23
C TYR A 186 -32.42 -0.91 -3.50
N LEU A 187 -33.01 0.27 -3.63
CA LEU A 187 -32.63 1.23 -4.66
C LEU A 187 -32.26 2.55 -4.02
N ILE A 188 -31.19 3.14 -4.54
CA ILE A 188 -30.71 4.44 -4.08
C ILE A 188 -30.81 5.42 -5.26
N LEU A 189 -31.61 6.46 -5.05
CA LEU A 189 -31.82 7.49 -6.06
C LEU A 189 -31.31 8.82 -5.55
N GLY A 190 -30.35 9.41 -6.26
CA GLY A 190 -29.80 10.69 -5.85
C GLY A 190 -30.11 11.78 -6.86
N ALA A 191 -30.74 12.85 -6.39
CA ALA A 191 -31.14 13.92 -7.30
C ALA A 191 -30.04 14.97 -7.47
N LEU A 192 -29.34 14.93 -8.60
CA LEU A 192 -28.32 15.93 -8.92
C LEU A 192 -28.96 17.29 -9.16
N ARG A 193 -30.08 17.27 -9.90
CA ARG A 193 -30.92 18.45 -10.07
C ARG A 193 -32.36 18.05 -10.40
N ASN A 194 -33.27 18.94 -10.02
CA ASN A 194 -34.71 18.76 -10.24
C ASN A 194 -35.37 20.14 -10.23
N PRO A 195 -35.07 20.97 -11.26
CA PRO A 195 -35.50 22.38 -11.26
C PRO A 195 -37.00 22.60 -11.07
N ASP A 196 -37.82 21.71 -11.62
CA ASP A 196 -39.28 21.84 -11.56
C ASP A 196 -39.91 20.92 -10.51
N HIS A 197 -39.07 20.41 -9.61
CA HIS A 197 -39.50 19.67 -8.42
C HIS A 197 -40.43 18.53 -8.73
N VAL A 198 -40.08 17.73 -9.75
CA VAL A 198 -40.89 16.60 -10.17
C VAL A 198 -40.77 15.46 -9.14
N PRO A 199 -41.90 15.10 -8.50
CA PRO A 199 -41.85 14.08 -7.45
C PRO A 199 -41.68 12.68 -7.99
N THR A 200 -41.12 11.81 -7.15
CA THR A 200 -41.11 10.38 -7.35
C THR A 200 -42.33 9.89 -6.59
N THR A 201 -43.03 8.89 -7.12
CA THR A 201 -44.12 8.27 -6.37
C THR A 201 -43.59 7.02 -5.67
N VAL A 202 -43.90 6.89 -4.39
CA VAL A 202 -43.58 5.69 -3.63
C VAL A 202 -44.75 5.28 -2.74
N GLY A 203 -44.99 3.98 -2.66
CA GLY A 203 -46.11 3.46 -1.89
C GLY A 203 -45.73 2.25 -1.07
N GLU A 204 -46.31 2.18 0.12
CA GLU A 204 -46.08 1.07 1.03
C GLU A 204 -47.36 0.29 1.30
N LEU A 205 -47.24 -0.83 2.02
CA LEU A 205 -48.36 -1.70 2.32
C LEU A 205 -48.88 -1.41 3.73
N ASP A 206 -50.10 -0.89 3.81
CA ASP A 206 -50.81 -0.79 5.08
C ASP A 206 -51.54 -2.11 5.27
N LEU A 207 -50.95 -3.02 6.05
CA LEU A 207 -51.49 -4.38 6.22
C LEU A 207 -52.84 -4.43 6.93
N SER A 208 -53.06 -3.48 7.85
CA SER A 208 -54.33 -3.39 8.59
C SER A 208 -55.54 -3.13 7.68
N SER A 209 -55.27 -2.80 6.41
CA SER A 209 -56.33 -2.46 5.46
C SER A 209 -56.89 -3.68 4.74
N LEU A 210 -56.28 -4.84 4.96
CA LEU A 210 -56.68 -6.09 4.30
C LEU A 210 -57.27 -7.10 5.28
N SER A 211 -58.07 -8.02 4.74
CA SER A 211 -58.64 -9.10 5.54
C SER A 211 -57.61 -10.19 5.78
N ALA A 212 -57.80 -10.95 6.86
CA ALA A 212 -56.92 -12.07 7.18
C ALA A 212 -56.99 -13.16 6.10
N GLU A 213 -58.13 -13.27 5.44
CA GLU A 213 -58.30 -14.28 4.40
C GLU A 213 -57.55 -13.88 3.11
N ASP A 214 -57.65 -12.62 2.73
CA ASP A 214 -56.91 -12.08 1.59
C ASP A 214 -55.39 -12.23 1.75
N ILE A 215 -54.88 -11.87 2.93
CA ILE A 215 -53.44 -12.02 3.25
C ILE A 215 -52.98 -13.45 3.05
N ASP A 216 -53.77 -14.40 3.56
CA ASP A 216 -53.47 -15.83 3.43
C ASP A 216 -53.38 -16.25 1.97
N VAL A 217 -54.29 -15.72 1.14
CA VAL A 217 -54.32 -16.03 -0.30
C VAL A 217 -53.08 -15.44 -0.99
N LEU A 218 -52.74 -14.20 -0.63
CA LEU A 218 -51.58 -13.49 -1.19
C LEU A 218 -50.27 -14.12 -0.78
N PHE A 219 -50.26 -14.82 0.35
CA PHE A 219 -49.10 -15.59 0.78
C PHE A 219 -48.93 -16.90 0.03
N GLU A 220 -49.95 -17.29 -0.74
CA GLU A 220 -49.95 -18.57 -1.42
C GLU A 220 -49.47 -18.48 -2.87
N PRO A 221 -48.90 -19.59 -3.40
CA PRO A 221 -48.39 -19.56 -4.78
C PRO A 221 -49.51 -19.64 -5.82
N ARG A 222 -50.12 -18.51 -6.11
CA ARG A 222 -51.34 -18.46 -6.92
C ARG A 222 -51.27 -17.43 -8.06
N TYR A 223 -50.12 -16.77 -8.18
CA TYR A 223 -49.96 -15.67 -9.12
C TYR A 223 -48.82 -15.90 -10.09
N HIS A 224 -48.98 -15.44 -11.32
CA HIS A 224 -47.91 -15.51 -12.28
C HIS A 224 -47.36 -14.14 -12.50
N ILE A 225 -46.04 -14.02 -12.38
CA ILE A 225 -45.41 -12.74 -12.61
C ILE A 225 -44.47 -12.85 -13.80
N ALA A 226 -44.77 -12.09 -14.84
CA ALA A 226 -44.02 -12.18 -16.09
C ALA A 226 -42.77 -11.31 -16.05
N PRO A 227 -41.67 -11.78 -16.68
CA PRO A 227 -40.47 -10.97 -16.79
C PRO A 227 -40.61 -9.78 -17.73
N ASP A 228 -39.89 -8.71 -17.42
CA ASP A 228 -39.69 -7.59 -18.32
C ASP A 228 -38.89 -8.12 -19.51
N GLU A 229 -39.11 -7.57 -20.70
CA GLU A 229 -38.48 -8.07 -21.94
C GLU A 229 -36.95 -8.11 -21.90
N SER A 230 -36.36 -7.19 -21.15
CA SER A 230 -34.92 -7.13 -20.97
C SER A 230 -34.32 -8.41 -20.39
N HIS A 231 -35.13 -9.17 -19.65
CA HIS A 231 -34.66 -10.37 -18.95
C HIS A 231 -34.86 -11.65 -19.73
N LEU A 232 -35.42 -11.52 -20.92
CA LEU A 232 -35.71 -12.68 -21.77
C LEU A 232 -34.43 -13.27 -22.35
N PRO A 233 -34.17 -14.58 -22.07
CA PRO A 233 -33.03 -15.30 -22.63
C PRO A 233 -33.01 -15.40 -24.16
N LYS A 234 -34.14 -15.12 -24.80
CA LYS A 234 -34.16 -15.00 -26.26
C LYS A 234 -33.89 -13.56 -26.70
N ASN A 235 -33.99 -12.63 -25.76
CA ASN A 235 -33.71 -11.21 -25.99
C ASN A 235 -32.20 -10.98 -26.02
N ASN A 236 -31.52 -11.30 -24.93
CA ASN A 236 -30.06 -11.29 -24.88
C ASN A 236 -29.48 -12.69 -25.12
N THR A 237 -28.27 -12.73 -25.69
CA THR A 237 -27.57 -13.99 -25.99
C THR A 237 -26.69 -14.39 -24.78
N ILE A 238 -26.43 -15.68 -24.51
CA ILE A 238 -26.67 -16.92 -25.31
C ILE A 238 -25.71 -17.15 -26.49
N ALA A 239 -25.74 -18.37 -27.04
CA ALA A 239 -24.74 -18.88 -28.00
C ALA A 239 -23.42 -19.15 -27.28
N THR A 240 -23.05 -20.44 -27.24
CA THR A 240 -21.99 -21.03 -26.39
C THR A 240 -22.57 -21.58 -25.08
N GLU A 241 -21.94 -22.62 -24.55
CA GLU A 241 -22.36 -23.29 -23.33
C GLU A 241 -22.42 -22.31 -22.15
N GLU A 242 -21.33 -21.59 -21.95
CA GLU A 242 -21.16 -20.65 -20.84
C GLU A 242 -22.33 -19.65 -20.70
N GLU A 243 -22.64 -18.96 -21.78
CA GLU A 243 -23.68 -17.93 -21.79
C GLU A 243 -25.09 -18.51 -21.69
N ALA A 244 -25.25 -19.77 -22.10
CA ALA A 244 -26.53 -20.46 -22.05
C ALA A 244 -26.93 -20.83 -20.62
N ALA A 245 -25.98 -21.35 -19.86
CA ALA A 245 -26.21 -21.77 -18.46
C ALA A 245 -26.53 -20.61 -17.52
N ARG A 246 -26.14 -19.40 -17.93
CA ARG A 246 -26.34 -18.17 -17.17
C ARG A 246 -27.80 -17.69 -17.18
N PHE A 247 -28.60 -18.24 -18.09
CA PHE A 247 -30.01 -17.88 -18.21
C PHE A 247 -30.94 -19.09 -18.10
N ALA A 248 -30.40 -20.19 -17.58
CA ALA A 248 -31.14 -21.46 -17.53
C ALA A 248 -32.25 -21.45 -16.49
N THR A 249 -32.03 -20.79 -15.36
CA THR A 249 -33.06 -20.65 -14.33
C THR A 249 -34.22 -19.75 -14.81
N ILE A 250 -33.88 -18.68 -15.52
CA ILE A 250 -34.91 -17.79 -16.09
C ILE A 250 -35.70 -18.51 -17.20
N GLN A 251 -34.99 -19.19 -18.10
CA GLN A 251 -35.63 -19.96 -19.17
C GLN A 251 -36.62 -20.97 -18.61
N ARG A 252 -36.23 -21.63 -17.53
CA ARG A 252 -37.07 -22.62 -16.87
C ARG A 252 -38.29 -21.98 -16.22
N MET A 253 -38.15 -20.74 -15.73
CA MET A 253 -39.30 -19.97 -15.24
C MET A 253 -40.25 -19.58 -16.36
N ILE A 254 -39.70 -19.34 -17.56
CA ILE A 254 -40.51 -18.99 -18.73
C ILE A 254 -41.24 -20.21 -19.29
N ASP A 255 -40.58 -21.36 -19.24
CA ASP A 255 -41.11 -22.62 -19.78
C ASP A 255 -42.20 -23.22 -18.90
N GLU A 256 -41.99 -23.19 -17.57
CA GLU A 256 -42.89 -23.85 -16.63
C GLU A 256 -43.90 -22.92 -15.98
N ARG A 257 -43.70 -21.61 -16.13
CA ARG A 257 -44.59 -20.61 -15.57
C ARG A 257 -45.06 -20.96 -14.15
N PRO A 258 -44.11 -21.03 -13.18
CA PRO A 258 -44.57 -21.35 -11.84
C PRO A 258 -45.40 -20.21 -11.31
N LEU A 259 -46.30 -20.51 -10.38
CA LEU A 259 -47.09 -19.50 -9.71
C LEU A 259 -46.42 -19.19 -8.39
N GLY A 260 -46.52 -17.93 -7.96
CA GLY A 260 -45.89 -17.50 -6.71
C GLY A 260 -46.75 -16.54 -5.91
N PRO A 261 -46.33 -16.27 -4.65
CA PRO A 261 -47.06 -15.35 -3.79
C PRO A 261 -46.78 -13.89 -4.14
N LEU A 262 -47.63 -12.97 -3.68
CA LEU A 262 -47.33 -11.55 -3.80
C LEU A 262 -46.87 -10.99 -2.47
N LEU A 263 -47.03 -11.78 -1.41
CA LEU A 263 -46.58 -11.41 -0.06
C LEU A 263 -45.80 -12.59 0.53
N TYR A 264 -44.73 -12.28 1.26
CA TYR A 264 -43.86 -13.30 1.85
C TYR A 264 -43.14 -12.74 3.11
N GLY A 265 -42.26 -13.56 3.71
CA GLY A 265 -41.59 -13.17 4.96
C GLY A 265 -42.51 -13.38 6.15
N SER A 266 -42.76 -12.31 6.91
CA SER A 266 -43.58 -12.40 8.13
C SER A 266 -45.04 -12.02 7.89
N ARG A 267 -45.95 -12.87 8.38
CA ARG A 267 -47.38 -12.68 8.17
C ARG A 267 -47.93 -11.44 8.87
N LEU A 268 -47.21 -10.97 9.87
CA LEU A 268 -47.61 -9.78 10.64
C LEU A 268 -47.12 -8.47 10.00
N ASP A 269 -46.05 -8.55 9.20
CA ASP A 269 -45.45 -7.39 8.53
C ASP A 269 -44.73 -7.86 7.25
N PRO A 270 -45.50 -8.14 6.18
CA PRO A 270 -44.96 -8.91 5.07
C PRO A 270 -44.18 -8.11 4.05
N TYR A 271 -43.17 -8.73 3.45
CA TYR A 271 -42.57 -8.22 2.22
C TYR A 271 -43.57 -8.39 1.08
N MET A 272 -43.41 -7.58 0.03
CA MET A 272 -44.27 -7.67 -1.16
C MET A 272 -43.50 -7.58 -2.47
N ARG A 273 -44.04 -8.21 -3.50
CA ARG A 273 -43.54 -8.02 -4.85
C ARG A 273 -44.72 -7.81 -5.77
N LEU A 274 -44.92 -6.55 -6.15
CA LEU A 274 -46.12 -6.14 -6.86
C LEU A 274 -45.77 -5.32 -8.10
N ASP A 275 -45.96 -5.94 -9.26
CA ASP A 275 -45.85 -5.22 -10.52
C ASP A 275 -47.13 -5.49 -11.30
N PRO A 276 -48.12 -4.59 -11.15
CA PRO A 276 -49.44 -4.79 -11.75
C PRO A 276 -49.37 -5.11 -13.24
N TYR A 277 -48.44 -4.48 -13.95
CA TYR A 277 -48.36 -4.63 -15.40
C TYR A 277 -47.99 -6.03 -15.86
N PHE A 278 -47.21 -6.73 -15.04
CA PHE A 278 -46.70 -8.06 -15.41
C PHE A 278 -47.29 -9.21 -14.59
N THR A 279 -48.27 -8.90 -13.74
CA THR A 279 -48.93 -9.89 -12.91
C THR A 279 -50.19 -10.42 -13.59
N SER A 280 -50.31 -11.74 -13.67
CA SER A 280 -51.51 -12.41 -14.19
C SER A 280 -52.15 -13.17 -13.04
N VAL A 281 -53.39 -12.82 -12.74
CA VAL A 281 -54.20 -13.61 -11.84
C VAL A 281 -54.94 -14.65 -12.69
N PRO A 282 -54.72 -15.96 -12.42
CA PRO A 282 -55.39 -17.03 -13.18
C PRO A 282 -56.90 -16.84 -13.16
N GLN A 283 -57.53 -16.96 -14.34
CA GLN A 283 -58.95 -16.64 -14.52
C GLN A 283 -59.88 -17.39 -13.55
N ASP A 284 -59.61 -18.67 -13.36
CA ASP A 284 -60.45 -19.55 -12.54
C ASP A 284 -60.24 -19.39 -11.04
N ASP A 285 -59.15 -18.74 -10.63
CA ASP A 285 -58.92 -18.52 -9.20
C ASP A 285 -59.61 -17.24 -8.71
N THR A 286 -60.90 -17.40 -8.39
CA THR A 286 -61.75 -16.34 -7.83
C THR A 286 -61.20 -15.74 -6.53
N ASP A 287 -60.67 -16.59 -5.65
CA ASP A 287 -60.09 -16.12 -4.40
C ASP A 287 -58.87 -15.21 -4.64
N ALA A 288 -57.97 -15.64 -5.52
CA ALA A 288 -56.78 -14.87 -5.86
C ALA A 288 -57.14 -13.53 -6.49
N ARG A 289 -58.13 -13.55 -7.38
CA ARG A 289 -58.60 -12.35 -8.04
C ARG A 289 -59.20 -11.33 -7.08
N ARG A 290 -59.93 -11.80 -6.08
CA ARG A 290 -60.51 -10.93 -5.05
C ARG A 290 -59.42 -10.27 -4.18
N ALA A 291 -58.46 -11.09 -3.73
CA ALA A 291 -57.36 -10.61 -2.88
C ALA A 291 -56.41 -9.67 -3.61
N TYR A 292 -56.08 -9.98 -4.86
CA TYR A 292 -55.24 -9.11 -5.67
C TYR A 292 -55.87 -7.72 -5.85
N ASP A 293 -57.15 -7.69 -6.23
CA ASP A 293 -57.87 -6.42 -6.36
C ASP A 293 -57.85 -5.65 -5.04
N ALA A 294 -57.98 -6.38 -3.93
CA ALA A 294 -57.92 -5.78 -2.60
C ALA A 294 -56.54 -5.17 -2.35
N LEU A 295 -55.49 -5.96 -2.59
CA LEU A 295 -54.10 -5.51 -2.44
C LEU A 295 -53.79 -4.32 -3.33
N PHE A 296 -54.19 -4.39 -4.60
CA PHE A 296 -53.97 -3.30 -5.54
C PHE A 296 -54.59 -2.00 -5.02
N LYS A 297 -55.83 -2.09 -4.56
CA LYS A 297 -56.59 -0.93 -4.08
C LYS A 297 -55.91 -0.23 -2.91
N VAL A 298 -55.46 -1.01 -1.92
CA VAL A 298 -54.73 -0.49 -0.76
C VAL A 298 -53.46 0.26 -1.18
N VAL A 299 -52.61 -0.41 -1.97
CA VAL A 299 -51.33 0.16 -2.41
C VAL A 299 -51.54 1.41 -3.27
N ASP A 300 -52.45 1.34 -4.22
CA ASP A 300 -52.76 2.47 -5.10
C ASP A 300 -53.25 3.71 -4.36
N SER A 301 -53.95 3.51 -3.24
CA SER A 301 -54.49 4.64 -2.48
C SER A 301 -53.51 5.11 -1.40
N GLY A 302 -52.52 4.27 -1.11
CA GLY A 302 -51.46 4.65 -0.19
C GLY A 302 -50.31 5.39 -0.86
N MET A 303 -50.38 5.53 -2.19
CA MET A 303 -49.31 6.14 -2.99
C MET A 303 -49.02 7.56 -2.53
N ARG A 304 -47.75 7.80 -2.23
CA ARG A 304 -47.31 9.10 -1.73
C ARG A 304 -46.43 9.72 -2.80
N GLU A 305 -46.50 11.03 -2.93
CA GLU A 305 -45.53 11.76 -3.75
C GLU A 305 -44.39 12.23 -2.86
N VAL A 306 -43.19 11.79 -3.18
CA VAL A 306 -41.98 12.16 -2.45
C VAL A 306 -41.07 12.90 -3.42
N VAL A 307 -40.80 14.16 -3.11
CA VAL A 307 -39.94 14.96 -4.01
C VAL A 307 -38.50 14.78 -3.55
N ALA A 308 -37.68 14.34 -4.49
CA ALA A 308 -36.26 14.33 -4.30
C ALA A 308 -35.78 15.55 -5.04
N ASP A 309 -35.54 16.63 -4.31
CA ASP A 309 -35.01 17.85 -4.88
C ASP A 309 -33.49 17.74 -4.89
N GLN A 310 -32.84 18.65 -5.60
CA GLN A 310 -31.39 18.81 -5.57
C GLN A 310 -30.83 18.55 -4.16
N GLY A 311 -29.89 17.61 -4.07
CA GLY A 311 -29.25 17.32 -2.79
C GLY A 311 -29.96 16.30 -1.94
N ASP A 312 -31.05 15.75 -2.46
CA ASP A 312 -31.76 14.66 -1.79
C ASP A 312 -31.35 13.32 -2.32
N VAL A 313 -31.22 12.36 -1.43
CA VAL A 313 -30.93 10.98 -1.77
C VAL A 313 -32.05 10.10 -1.18
N LEU A 314 -32.76 9.43 -2.07
CA LEU A 314 -33.89 8.59 -1.70
C LEU A 314 -33.50 7.11 -1.65
N PHE A 315 -33.85 6.46 -0.54
CA PHE A 315 -33.62 5.05 -0.32
C PHE A 315 -34.94 4.28 -0.35
N ILE A 316 -35.07 3.35 -1.29
CA ILE A 316 -36.28 2.52 -1.42
C ILE A 316 -35.97 1.06 -1.08
N ASP A 317 -36.73 0.52 -0.13
CA ASP A 317 -36.72 -0.90 0.16
C ASP A 317 -37.58 -1.60 -0.91
N ASN A 318 -36.92 -2.32 -1.82
CA ASN A 318 -37.64 -3.00 -2.89
C ASN A 318 -38.56 -4.13 -2.42
N HIS A 319 -38.46 -4.48 -1.14
CA HIS A 319 -39.27 -5.53 -0.55
C HIS A 319 -40.42 -5.00 0.26
N ARG A 320 -40.45 -3.69 0.47
CA ARG A 320 -41.52 -3.05 1.25
C ARG A 320 -42.22 -1.90 0.53
N ALA A 321 -41.64 -1.40 -0.56
CA ALA A 321 -42.22 -0.26 -1.25
C ALA A 321 -42.34 -0.46 -2.76
N VAL A 322 -43.36 0.15 -3.35
CA VAL A 322 -43.41 0.29 -4.79
C VAL A 322 -43.01 1.72 -5.13
N HIS A 323 -42.57 1.93 -6.36
CA HIS A 323 -42.24 3.26 -6.79
C HIS A 323 -42.59 3.46 -8.24
N GLY A 324 -42.70 4.72 -8.62
CA GLY A 324 -42.97 5.12 -9.99
C GLY A 324 -42.56 6.56 -10.11
N ARG A 325 -42.96 7.19 -11.21
CA ARG A 325 -42.62 8.58 -11.46
C ARG A 325 -43.75 9.25 -12.26
N LEU A 326 -43.93 10.55 -12.05
CA LEU A 326 -44.93 11.30 -12.80
C LEU A 326 -44.41 11.74 -14.17
N PRO A 327 -45.32 11.91 -15.16
CA PRO A 327 -44.91 12.49 -16.44
C PRO A 327 -44.52 13.96 -16.28
N PHE A 328 -43.57 14.42 -17.10
CA PHE A 328 -43.16 15.81 -17.11
C PHE A 328 -42.65 16.20 -18.51
N GLN A 329 -42.68 17.49 -18.81
CA GLN A 329 -42.13 18.00 -20.06
C GLN A 329 -40.66 18.34 -19.92
N ALA A 330 -39.85 17.68 -20.73
CA ALA A 330 -38.42 17.93 -20.78
C ALA A 330 -38.13 19.13 -21.66
N ARG A 331 -37.03 19.81 -21.39
CA ARG A 331 -36.60 20.95 -22.21
C ARG A 331 -35.47 20.59 -23.17
N TYR A 332 -34.75 19.52 -22.85
CA TYR A 332 -33.60 19.03 -23.65
C TYR A 332 -32.52 20.09 -23.93
N ASP A 333 -32.30 20.97 -22.95
CA ASP A 333 -31.39 22.10 -23.11
C ASP A 333 -30.24 22.10 -22.09
N GLY A 334 -30.00 20.94 -21.48
CA GLY A 334 -28.95 20.82 -20.48
C GLY A 334 -29.34 21.20 -19.06
N THR A 335 -30.60 21.61 -18.87
CA THR A 335 -31.09 22.02 -17.56
C THR A 335 -32.10 21.04 -16.96
N ASP A 336 -32.28 19.90 -17.60
CA ASP A 336 -33.29 18.94 -17.17
C ASP A 336 -32.96 18.21 -15.88
N ARG A 337 -34.02 17.76 -15.21
CA ARG A 337 -33.98 16.85 -14.07
C ARG A 337 -32.97 15.72 -14.32
N TRP A 338 -32.14 15.46 -13.32
CA TRP A 338 -31.07 14.49 -13.47
C TRP A 338 -30.90 13.74 -12.19
N LEU A 339 -31.21 12.44 -12.21
CA LEU A 339 -31.01 11.56 -11.06
C LEU A 339 -29.99 10.47 -11.38
N LYS A 340 -29.26 10.06 -10.35
CA LYS A 340 -28.36 8.91 -10.40
C LYS A 340 -28.99 7.77 -9.62
N ARG A 341 -28.78 6.54 -10.07
CA ARG A 341 -29.42 5.41 -9.43
C ARG A 341 -28.47 4.24 -9.24
N VAL A 342 -28.52 3.64 -8.06
CA VAL A 342 -27.74 2.44 -7.75
C VAL A 342 -28.69 1.36 -7.25
N CYS A 343 -28.52 0.15 -7.78
CA CYS A 343 -29.21 -1.03 -7.26
C CYS A 343 -28.34 -1.72 -6.21
N VAL A 344 -28.97 -2.18 -5.14
CA VAL A 344 -28.25 -2.82 -4.01
C VAL A 344 -28.76 -4.25 -3.77
N THR A 345 -27.83 -5.19 -3.59
CA THR A 345 -28.19 -6.54 -3.17
C THR A 345 -27.62 -6.83 -1.78
N SER A 346 -28.35 -7.62 -1.00
CA SER A 346 -27.88 -8.03 0.31
C SER A 346 -27.04 -9.30 0.24
N ASP A 347 -26.84 -9.83 -0.96
CA ASP A 347 -26.14 -11.11 -1.14
C ASP A 347 -25.71 -11.33 -2.59
N LEU A 348 -24.55 -10.80 -2.94
CA LEU A 348 -24.03 -10.89 -4.32
C LEU A 348 -23.85 -12.35 -4.79
N ARG A 349 -23.47 -13.24 -3.88
CA ARG A 349 -23.21 -14.64 -4.24
C ARG A 349 -24.47 -15.44 -4.62
N ARG A 350 -25.64 -14.98 -4.18
CA ARG A 350 -26.89 -15.61 -4.56
C ARG A 350 -27.12 -15.62 -6.08
N SER A 351 -26.69 -14.57 -6.77
CA SER A 351 -26.86 -14.47 -8.22
C SER A 351 -25.69 -15.04 -9.02
N ARG A 352 -24.82 -15.83 -8.37
CA ARG A 352 -23.60 -16.32 -9.03
C ARG A 352 -23.84 -16.99 -10.39
N GLU A 353 -24.90 -17.79 -10.47
CA GLU A 353 -25.26 -18.51 -11.70
C GLU A 353 -25.50 -17.59 -12.89
N MET A 354 -25.92 -16.35 -12.64
CA MET A 354 -26.20 -15.39 -13.70
C MET A 354 -25.06 -14.42 -14.00
N ARG A 355 -23.95 -14.56 -13.28
CA ARG A 355 -22.81 -13.67 -13.47
C ARG A 355 -21.66 -14.40 -14.17
N ALA A 356 -21.01 -13.74 -15.12
CA ALA A 356 -19.96 -14.34 -15.93
C ALA A 356 -18.76 -14.86 -15.11
N THR A 357 -18.20 -14.01 -14.26
CA THR A 357 -17.09 -14.38 -13.38
C THR A 357 -17.53 -14.23 -11.94
N SER A 358 -16.68 -14.63 -10.99
CA SER A 358 -16.93 -14.41 -9.56
C SER A 358 -16.85 -12.93 -9.22
N ALA A 359 -15.91 -12.23 -9.84
CA ALA A 359 -15.65 -10.82 -9.58
C ALA A 359 -16.72 -9.85 -10.10
N THR A 360 -17.42 -10.21 -11.17
CA THR A 360 -18.35 -9.25 -11.79
C THR A 360 -19.59 -9.02 -10.93
N ARG A 361 -20.06 -7.77 -10.93
CA ARG A 361 -21.29 -7.40 -10.24
C ARG A 361 -22.44 -7.22 -11.22
N LEU A 362 -22.21 -7.64 -12.47
CA LEU A 362 -23.20 -7.53 -13.54
C LEU A 362 -23.94 -8.84 -13.80
N LEU A 363 -25.26 -8.79 -13.75
CA LEU A 363 -26.08 -9.94 -14.10
C LEU A 363 -26.38 -9.95 -15.60
N GLY A 364 -26.14 -11.09 -16.24
CA GLY A 364 -26.46 -11.25 -17.67
C GLY A 364 -25.20 -11.31 -18.51
N THR B 29 -3.41 -21.47 -0.50
CA THR B 29 -4.41 -20.79 0.37
C THR B 29 -3.84 -19.52 0.99
N PRO B 30 -4.24 -18.33 0.50
CA PRO B 30 -3.97 -17.06 1.14
C PRO B 30 -4.19 -17.04 2.66
N SER B 31 -3.26 -16.40 3.37
CA SER B 31 -3.34 -16.21 4.81
C SER B 31 -2.73 -14.86 5.19
N TYR B 32 -3.11 -14.33 6.35
CA TYR B 32 -2.61 -13.04 6.81
C TYR B 32 -1.92 -13.19 8.17
N SER B 33 -0.65 -12.81 8.23
CA SER B 33 0.11 -12.82 9.49
C SER B 33 0.28 -11.40 10.02
N LEU B 34 -0.39 -11.13 11.14
CA LEU B 34 -0.33 -9.85 11.81
C LEU B 34 1.07 -9.54 12.34
N THR B 35 1.49 -8.28 12.20
CA THR B 35 2.71 -7.77 12.84
C THR B 35 2.44 -7.65 14.34
N PRO B 36 3.51 -7.59 15.17
CA PRO B 36 3.28 -7.28 16.57
C PRO B 36 2.45 -6.00 16.81
N ALA B 37 2.69 -4.96 16.00
CA ALA B 37 1.93 -3.70 16.07
C ALA B 37 0.45 -3.86 15.72
N GLU B 38 0.17 -4.64 14.68
CA GLU B 38 -1.21 -4.96 14.32
C GLU B 38 -1.84 -5.75 15.47
N ALA B 39 -1.16 -6.83 15.88
CA ALA B 39 -1.63 -7.68 16.98
C ALA B 39 -1.92 -6.87 18.24
N SER B 40 -1.09 -5.87 18.52
CA SER B 40 -1.30 -4.98 19.66
C SER B 40 -2.52 -4.07 19.48
N ALA B 41 -2.67 -3.51 18.29
CA ALA B 41 -3.82 -2.64 17.99
C ALA B 41 -5.13 -3.42 18.08
N VAL B 42 -5.12 -4.64 17.56
CA VAL B 42 -6.30 -5.50 17.62
C VAL B 42 -6.66 -5.84 19.07
N ALA B 43 -5.66 -6.24 19.86
CA ALA B 43 -5.86 -6.54 21.28
C ALA B 43 -6.42 -5.31 22.02
N GLU B 44 -5.83 -4.13 21.75
CA GLU B 44 -6.23 -2.89 22.43
C GLU B 44 -7.68 -2.52 22.14
N LEU B 45 -8.04 -2.48 20.86
CA LEU B 45 -9.42 -2.19 20.44
C LEU B 45 -10.40 -3.16 21.09
N THR B 46 -10.07 -4.44 21.00
CA THR B 46 -10.82 -5.52 21.62
C THR B 46 -11.12 -5.28 23.12
N LEU B 47 -10.12 -4.84 23.88
CA LEU B 47 -10.31 -4.52 25.31
C LEU B 47 -11.15 -3.25 25.54
N GLU B 48 -10.91 -2.24 24.72
CA GLU B 48 -11.66 -0.97 24.79
C GLU B 48 -13.15 -1.14 24.49
N LEU B 49 -13.45 -2.02 23.53
CA LEU B 49 -14.84 -2.33 23.17
C LEU B 49 -15.55 -3.15 24.25
N ALA B 50 -14.85 -4.16 24.78
CA ALA B 50 -15.38 -4.99 25.87
C ALA B 50 -15.72 -4.18 27.12
N ALA B 51 -15.06 -3.03 27.28
CA ALA B 51 -15.27 -2.17 28.44
C ALA B 51 -16.38 -1.13 28.23
N ALA B 52 -16.73 -0.86 26.98
CA ALA B 52 -17.74 0.17 26.66
C ALA B 52 -19.17 -0.39 26.43
N TYR B 53 -19.25 -1.69 26.14
CA TYR B 53 -20.52 -2.39 25.94
C TYR B 53 -20.68 -3.55 26.93
N GLY B 54 -21.91 -3.74 27.42
CA GLY B 54 -22.20 -4.77 28.44
C GLY B 54 -22.06 -6.20 27.95
N SER B 55 -22.73 -6.51 26.84
CA SER B 55 -22.71 -7.84 26.23
C SER B 55 -23.18 -7.73 24.77
N PHE B 56 -23.32 -8.87 24.10
CA PHE B 56 -23.97 -8.92 22.79
C PHE B 56 -25.47 -8.72 22.95
N GLY B 57 -25.94 -8.86 24.20
CA GLY B 57 -27.34 -8.58 24.53
C GLY B 57 -27.65 -7.10 24.35
N ASP B 58 -26.58 -6.30 24.24
CA ASP B 58 -26.71 -4.87 23.99
C ASP B 58 -27.02 -4.63 22.53
N PRO B 59 -28.20 -4.03 22.24
CA PRO B 59 -28.63 -3.76 20.86
C PRO B 59 -27.66 -2.87 20.08
N VAL B 60 -27.12 -1.84 20.74
CA VAL B 60 -26.25 -0.87 20.07
C VAL B 60 -24.93 -1.45 19.59
N LEU B 61 -24.36 -2.40 20.34
CA LEU B 61 -23.14 -3.08 19.90
C LEU B 61 -23.36 -3.76 18.55
N LEU B 62 -24.52 -4.40 18.42
CA LEU B 62 -24.89 -5.11 17.19
C LEU B 62 -25.11 -4.13 16.05
N ARG B 63 -25.76 -3.01 16.36
CA ARG B 63 -25.88 -1.89 15.43
C ARG B 63 -24.48 -1.44 14.96
N ASP B 64 -23.60 -1.20 15.92
CA ASP B 64 -22.31 -0.56 15.66
C ASP B 64 -21.24 -1.45 15.04
N LEU B 65 -21.46 -2.77 15.04
CA LEU B 65 -20.45 -3.73 14.55
C LEU B 65 -19.67 -3.33 13.27
N PRO B 66 -20.35 -2.91 12.18
CA PRO B 66 -19.58 -2.59 10.97
C PRO B 66 -18.73 -1.32 11.13
N ARG B 67 -19.31 -0.28 11.74
CA ARG B 67 -18.57 0.94 11.99
C ARG B 67 -17.38 0.66 12.92
N LEU B 68 -17.62 -0.14 13.95
CA LEU B 68 -16.59 -0.54 14.89
C LEU B 68 -15.49 -1.38 14.26
N ALA B 69 -15.87 -2.23 13.30
CA ALA B 69 -14.90 -3.09 12.59
C ALA B 69 -13.99 -2.29 11.68
N ALA B 70 -14.42 -1.08 11.34
CA ALA B 70 -13.64 -0.17 10.53
C ALA B 70 -12.48 0.44 11.32
N ARG B 71 -12.42 0.11 12.61
CA ARG B 71 -11.35 0.60 13.48
C ARG B 71 -10.22 -0.41 13.59
N LEU B 72 -10.42 -1.62 13.07
CA LEU B 72 -9.35 -2.61 12.95
C LEU B 72 -8.27 -2.11 11.99
N PRO B 73 -7.02 -2.63 12.13
CA PRO B 73 -5.98 -2.40 11.12
C PRO B 73 -6.50 -2.54 9.69
N GLU B 74 -6.25 -1.52 8.87
CA GLU B 74 -6.72 -1.45 7.50
C GLU B 74 -6.33 -2.67 6.67
N GLY B 75 -5.12 -3.19 6.92
CA GLY B 75 -4.62 -4.37 6.23
C GLY B 75 -5.49 -5.60 6.47
N VAL B 76 -6.10 -5.65 7.65
CA VAL B 76 -6.92 -6.78 8.09
C VAL B 76 -8.30 -6.67 7.44
N GLN B 77 -8.84 -5.46 7.39
CA GLN B 77 -10.09 -5.19 6.71
C GLN B 77 -9.94 -5.53 5.23
N ASP B 78 -8.87 -5.02 4.62
CA ASP B 78 -8.64 -5.22 3.20
C ASP B 78 -8.54 -6.69 2.87
N PHE B 79 -7.78 -7.43 3.69
CA PHE B 79 -7.56 -8.85 3.50
C PHE B 79 -8.86 -9.66 3.48
N LEU B 80 -9.70 -9.44 4.49
CA LEU B 80 -10.97 -10.14 4.60
C LEU B 80 -11.93 -9.77 3.47
N ARG B 81 -11.93 -8.50 3.06
CA ARG B 81 -12.79 -8.04 1.96
C ARG B 81 -12.41 -8.73 0.65
N GLU B 82 -11.12 -8.88 0.42
CA GLU B 82 -10.61 -9.54 -0.79
C GLU B 82 -10.95 -11.03 -0.82
N PHE B 83 -10.95 -11.65 0.35
CA PHE B 83 -11.35 -13.05 0.49
C PHE B 83 -12.84 -13.23 0.13
N LYS B 84 -13.68 -12.43 0.76
CA LYS B 84 -15.11 -12.37 0.46
C LYS B 84 -15.39 -12.18 -1.03
N LEU B 85 -14.84 -11.13 -1.62
CA LEU B 85 -15.12 -10.76 -3.01
C LEU B 85 -14.47 -11.69 -4.04
N ALA B 86 -13.30 -12.24 -3.71
CA ALA B 86 -12.62 -13.17 -4.63
C ALA B 86 -13.48 -14.39 -4.93
N ASP B 87 -14.24 -14.84 -3.92
CA ASP B 87 -15.13 -16.00 -4.04
C ASP B 87 -14.39 -17.15 -4.74
N ARG B 88 -13.20 -17.47 -4.22
CA ARG B 88 -12.30 -18.44 -4.87
C ARG B 88 -11.73 -19.50 -3.93
N HIS B 89 -11.51 -19.15 -2.67
CA HIS B 89 -10.98 -20.08 -1.68
C HIS B 89 -12.00 -20.49 -0.68
N GLY B 90 -11.94 -21.75 -0.28
CA GLY B 90 -12.85 -22.32 0.71
C GLY B 90 -12.59 -21.90 2.14
N HIS B 91 -11.35 -21.53 2.44
CA HIS B 91 -10.99 -21.12 3.79
C HIS B 91 -9.85 -20.12 3.80
N THR B 92 -9.81 -19.30 4.84
CA THR B 92 -8.61 -18.50 5.10
C THR B 92 -8.34 -18.31 6.60
N VAL B 93 -7.11 -17.91 6.91
CA VAL B 93 -6.67 -17.77 8.29
C VAL B 93 -6.00 -16.41 8.52
N ILE B 94 -6.41 -15.70 9.57
CA ILE B 94 -5.65 -14.58 10.11
C ILE B 94 -4.90 -15.06 11.35
N ARG B 95 -3.56 -14.98 11.33
CA ARG B 95 -2.73 -15.59 12.37
C ARG B 95 -1.95 -14.58 13.20
N GLY B 96 -1.59 -14.98 14.41
CA GLY B 96 -0.71 -14.18 15.26
C GLY B 96 -1.39 -13.14 16.12
N HIS B 97 -2.69 -13.32 16.39
CA HIS B 97 -3.42 -12.49 17.35
C HIS B 97 -2.82 -12.65 18.72
N ASP B 98 -3.03 -11.67 19.58
CA ASP B 98 -2.55 -11.77 20.95
C ASP B 98 -3.72 -12.03 21.89
N PHE B 99 -3.90 -13.31 22.23
CA PHE B 99 -4.95 -13.75 23.16
C PHE B 99 -4.36 -13.98 24.54
N ASP B 100 -4.70 -13.09 25.47
CA ASP B 100 -4.09 -13.07 26.82
C ASP B 100 -4.54 -14.29 27.62
N GLN B 101 -3.70 -15.33 27.62
CA GLN B 101 -4.04 -16.60 28.28
C GLN B 101 -4.37 -16.43 29.77
N ARG B 102 -3.69 -15.51 30.46
CA ARG B 102 -3.98 -15.25 31.86
C ARG B 102 -5.37 -14.65 32.06
N ARG B 103 -5.69 -13.61 31.28
CA ARG B 103 -7.00 -12.97 31.30
C ARG B 103 -8.12 -13.93 30.92
N ILE B 104 -7.96 -14.62 29.78
CA ILE B 104 -8.95 -15.55 29.25
C ILE B 104 -9.41 -16.56 30.31
N GLY B 105 -8.44 -17.09 31.05
CA GLY B 105 -8.74 -18.00 32.14
C GLY B 105 -8.83 -19.43 31.66
N PRO B 106 -9.06 -20.37 32.60
CA PRO B 106 -9.15 -21.79 32.28
C PRO B 106 -10.36 -22.15 31.43
N THR B 107 -10.15 -23.11 30.53
CA THR B 107 -11.20 -23.72 29.72
C THR B 107 -12.28 -24.26 30.67
N PRO B 108 -13.53 -23.76 30.53
CA PRO B 108 -14.62 -24.10 31.43
C PRO B 108 -15.10 -25.54 31.29
N ASP B 109 -15.95 -26.00 32.21
CA ASP B 109 -16.52 -27.34 32.16
C ASP B 109 -17.63 -27.45 31.12
N HIS B 110 -18.56 -26.52 31.15
CA HIS B 110 -19.73 -26.54 30.27
C HIS B 110 -20.16 -25.15 29.90
N TRP B 111 -20.91 -25.02 28.81
CA TRP B 111 -21.48 -23.74 28.39
C TRP B 111 -22.74 -23.39 29.14
N ARG B 112 -23.50 -24.39 29.57
CA ARG B 112 -24.82 -24.15 30.17
C ARG B 112 -24.74 -23.60 31.60
N GLY B 113 -25.60 -22.62 31.89
CA GLY B 113 -25.65 -21.97 33.19
C GLY B 113 -24.48 -21.04 33.48
N ARG B 114 -23.46 -21.12 32.63
CA ARG B 114 -22.25 -20.29 32.74
C ARG B 114 -22.58 -18.82 32.48
N VAL B 115 -22.05 -17.94 33.31
CA VAL B 115 -22.27 -16.50 33.19
C VAL B 115 -21.58 -15.90 31.94
N ARG B 116 -22.36 -15.17 31.15
CA ARG B 116 -21.90 -14.55 29.91
C ARG B 116 -22.16 -13.03 29.97
N PRO B 117 -21.17 -12.22 29.57
CA PRO B 117 -19.87 -12.62 29.01
C PRO B 117 -18.79 -12.94 30.05
N GLY B 118 -17.98 -13.95 29.75
CA GLY B 118 -16.83 -14.32 30.59
C GLY B 118 -15.64 -13.39 30.39
N PRO B 119 -14.49 -13.72 30.99
CA PRO B 119 -13.28 -12.89 30.85
C PRO B 119 -12.76 -12.84 29.41
N GLU B 120 -13.19 -13.78 28.58
CA GLU B 120 -12.75 -13.89 27.18
C GLU B 120 -13.65 -13.09 26.22
N PHE B 121 -14.51 -12.25 26.80
CA PHE B 121 -15.35 -11.28 26.05
C PHE B 121 -14.62 -10.58 24.89
N PRO B 122 -13.41 -10.04 25.15
CA PRO B 122 -12.61 -9.39 24.11
C PRO B 122 -12.49 -10.21 22.82
N GLU B 123 -12.16 -11.49 22.96
CA GLU B 123 -11.96 -12.37 21.80
C GLU B 123 -13.26 -12.69 21.08
N GLU B 124 -14.35 -12.83 21.83
CA GLU B 124 -15.67 -13.02 21.25
C GLU B 124 -16.03 -11.83 20.36
N LEU B 125 -15.88 -10.62 20.92
CA LEU B 125 -16.04 -9.36 20.17
C LEU B 125 -15.22 -9.31 18.88
N LEU B 126 -13.97 -9.75 18.95
CA LEU B 126 -13.10 -9.78 17.79
C LEU B 126 -13.76 -10.56 16.64
N LEU B 127 -14.19 -11.79 16.94
CA LEU B 127 -14.88 -12.63 15.96
C LEU B 127 -16.17 -11.98 15.47
N MET B 128 -16.83 -11.21 16.33
CA MET B 128 -18.03 -10.47 15.95
C MET B 128 -17.70 -9.35 14.96
N LEU B 129 -16.59 -8.66 15.19
CA LEU B 129 -16.13 -7.63 14.27
C LEU B 129 -15.83 -8.26 12.93
N TYR B 130 -15.11 -9.38 12.96
CA TYR B 130 -14.77 -10.09 11.73
C TYR B 130 -16.02 -10.53 10.97
N SER B 131 -17.08 -10.84 11.72
CA SER B 131 -18.32 -11.33 11.15
C SER B 131 -19.06 -10.20 10.41
N ALA B 132 -18.97 -8.99 10.95
CA ALA B 132 -19.65 -7.83 10.39
C ALA B 132 -18.97 -7.33 9.11
N LEU B 133 -17.66 -7.54 9.04
CA LEU B 133 -16.93 -7.37 7.81
C LEU B 133 -17.38 -8.35 6.73
N LEU B 134 -17.72 -9.57 7.12
CA LEU B 134 -18.13 -10.59 6.14
C LEU B 134 -19.62 -10.54 5.79
N GLY B 135 -20.45 -10.10 6.74
CA GLY B 135 -21.89 -10.15 6.55
C GLY B 135 -22.59 -9.76 7.83
N GLU B 136 -23.41 -10.66 8.37
CA GLU B 136 -24.06 -10.43 9.66
C GLU B 136 -23.93 -11.66 10.55
N PRO B 137 -23.69 -11.45 11.87
CA PRO B 137 -23.72 -12.59 12.77
C PRO B 137 -25.14 -13.07 13.04
N PHE B 138 -25.31 -14.39 13.07
CA PHE B 138 -26.59 -14.99 13.42
C PHE B 138 -26.34 -16.32 14.14
N GLY B 139 -27.36 -16.80 14.84
CA GLY B 139 -27.29 -18.10 15.51
C GLY B 139 -28.57 -18.89 15.42
N TRP B 140 -28.56 -20.03 16.13
CA TRP B 140 -29.73 -20.90 16.23
C TRP B 140 -30.25 -20.83 17.63
N ALA B 141 -31.49 -20.37 17.76
CA ALA B 141 -32.11 -20.11 19.07
C ALA B 141 -32.13 -21.29 20.05
N THR B 142 -32.08 -22.51 19.52
CA THR B 142 -32.00 -23.71 20.36
C THR B 142 -30.56 -24.04 20.74
N GLN B 143 -29.64 -23.83 19.79
CA GLN B 143 -28.22 -24.14 19.98
C GLN B 143 -27.52 -23.26 21.03
N GLN B 144 -26.94 -23.91 22.05
CA GLN B 144 -26.19 -23.25 23.13
C GLN B 144 -26.84 -21.99 23.73
N ASP B 145 -28.12 -22.12 24.11
CA ASP B 145 -28.95 -21.02 24.61
C ASP B 145 -29.15 -19.90 23.58
N GLY B 146 -28.77 -20.17 22.33
CA GLY B 146 -28.91 -19.19 21.25
C GLY B 146 -27.90 -18.05 21.35
N HIS B 147 -26.74 -18.34 21.92
CA HIS B 147 -25.67 -17.36 21.99
C HIS B 147 -25.08 -17.16 20.62
N LEU B 148 -24.86 -15.90 20.27
CA LEU B 148 -24.33 -15.55 18.94
C LEU B 148 -22.90 -16.07 18.74
N VAL B 149 -22.14 -16.16 19.84
CA VAL B 149 -20.83 -16.81 19.82
C VAL B 149 -20.89 -18.18 20.49
N HIS B 150 -20.45 -19.20 19.77
CA HIS B 150 -20.51 -20.59 20.22
C HIS B 150 -19.19 -21.09 20.75
N ASP B 151 -19.26 -21.87 21.81
CA ASP B 151 -18.09 -22.48 22.42
C ASP B 151 -17.76 -23.83 21.82
N ILE B 152 -16.47 -24.06 21.55
CA ILE B 152 -15.98 -25.37 21.16
C ILE B 152 -14.92 -25.83 22.14
N PHE B 153 -15.34 -26.64 23.11
CA PHE B 153 -14.41 -27.28 24.04
C PHE B 153 -14.89 -28.67 24.47
N PRO B 154 -13.95 -29.56 24.84
CA PRO B 154 -14.31 -30.91 25.30
C PRO B 154 -15.26 -30.90 26.50
N ILE B 155 -16.23 -31.81 26.49
CA ILE B 155 -17.19 -31.96 27.59
C ILE B 155 -17.35 -33.44 27.92
N ARG B 156 -17.24 -33.77 29.20
CA ARG B 156 -17.32 -35.16 29.69
C ARG B 156 -18.73 -35.74 29.53
N SER B 157 -19.74 -34.88 29.59
CA SER B 157 -21.14 -35.26 29.36
C SER B 157 -21.37 -35.69 27.92
N HIS B 158 -21.05 -34.81 26.98
CA HIS B 158 -21.27 -35.07 25.56
C HIS B 158 -20.08 -35.73 24.91
N GLU B 159 -19.34 -36.51 25.70
CA GLU B 159 -18.20 -37.26 25.20
C GLU B 159 -18.69 -38.43 24.34
N LYS B 168 -13.40 -45.96 19.04
CA LYS B 168 -13.48 -46.04 17.59
C LYS B 168 -14.20 -44.81 17.03
N GLN B 169 -13.43 -43.95 16.37
CA GLN B 169 -13.94 -42.66 15.88
C GLN B 169 -14.01 -42.61 14.35
N LEU B 170 -15.15 -42.16 13.83
CA LEU B 170 -15.36 -42.01 12.40
C LEU B 170 -15.04 -40.59 11.95
N LEU B 171 -14.08 -40.48 11.04
CA LEU B 171 -13.60 -39.18 10.58
C LEU B 171 -14.52 -38.60 9.50
N THR B 172 -15.51 -37.83 9.94
CA THR B 172 -16.53 -37.27 9.06
C THR B 172 -16.25 -35.81 8.69
N TRP B 173 -16.79 -35.37 7.56
CA TRP B 173 -16.71 -33.98 7.13
C TRP B 173 -18.01 -33.52 6.50
N HIS B 174 -18.27 -32.22 6.53
CA HIS B 174 -19.55 -31.71 6.05
C HIS B 174 -19.62 -30.23 5.79
N THR B 175 -20.65 -29.85 5.04
CA THR B 175 -21.17 -28.49 4.99
C THR B 175 -22.02 -28.29 6.25
N GLU B 176 -21.91 -27.11 6.86
CA GLU B 176 -22.74 -26.80 8.03
C GLU B 176 -24.21 -26.65 7.61
N ASP B 177 -25.08 -27.43 8.27
CA ASP B 177 -26.53 -27.44 8.02
C ASP B 177 -26.86 -27.49 6.54
N ALA B 178 -26.29 -28.48 5.84
CA ALA B 178 -26.34 -28.55 4.37
C ALA B 178 -27.76 -28.57 3.81
N PHE B 179 -28.68 -29.12 4.61
CA PHE B 179 -30.10 -29.21 4.28
C PHE B 179 -30.81 -27.86 4.25
N HIS B 180 -30.37 -26.97 5.13
CA HIS B 180 -31.11 -25.74 5.46
C HIS B 180 -30.97 -24.65 4.41
N PRO B 181 -32.10 -24.05 3.99
CA PRO B 181 -32.07 -22.94 3.03
C PRO B 181 -31.30 -21.71 3.56
N TYR B 182 -31.37 -21.50 4.88
CA TYR B 182 -30.75 -20.36 5.56
C TYR B 182 -29.46 -20.74 6.33
N ARG B 183 -28.82 -21.83 5.91
CA ARG B 183 -27.53 -22.24 6.48
C ARG B 183 -26.48 -21.12 6.35
N SER B 184 -25.43 -21.20 7.17
CA SER B 184 -24.33 -20.25 7.15
C SER B 184 -23.74 -20.02 5.77
N ASP B 185 -23.35 -18.77 5.52
CA ASP B 185 -22.57 -18.46 4.34
C ASP B 185 -21.08 -18.57 4.65
N TYR B 186 -20.72 -18.15 5.86
CA TYR B 186 -19.35 -18.25 6.37
C TYR B 186 -19.32 -18.78 7.80
N LEU B 187 -18.24 -19.47 8.15
CA LEU B 187 -17.95 -19.79 9.55
C LEU B 187 -16.63 -19.18 9.98
N ILE B 188 -16.63 -18.59 11.17
CA ILE B 188 -15.40 -18.05 11.74
C ILE B 188 -15.03 -18.81 13.02
N LEU B 189 -13.86 -19.45 13.00
CA LEU B 189 -13.35 -20.23 14.13
C LEU B 189 -12.10 -19.57 14.69
N GLY B 190 -12.22 -18.99 15.88
CA GLY B 190 -11.08 -18.41 16.58
C GLY B 190 -10.53 -19.32 17.67
N ALA B 191 -9.28 -19.75 17.50
CA ALA B 191 -8.60 -20.62 18.48
C ALA B 191 -8.02 -19.82 19.65
N LEU B 192 -8.72 -19.82 20.78
CA LEU B 192 -8.20 -19.27 22.03
C LEU B 192 -7.00 -20.05 22.55
N ARG B 193 -7.09 -21.38 22.45
CA ARG B 193 -5.96 -22.28 22.77
C ARG B 193 -6.06 -23.63 22.05
N ASN B 194 -4.90 -24.22 21.77
CA ASN B 194 -4.82 -25.50 21.08
C ASN B 194 -3.48 -26.17 21.43
N PRO B 195 -3.26 -26.50 22.72
CA PRO B 195 -1.92 -26.88 23.19
C PRO B 195 -1.32 -28.09 22.47
N ASP B 196 -2.16 -29.00 22.00
CA ASP B 196 -1.69 -30.19 21.30
C ASP B 196 -1.82 -30.11 19.77
N HIS B 197 -2.15 -28.92 19.29
CA HIS B 197 -2.23 -28.63 17.84
C HIS B 197 -3.11 -29.60 17.10
N VAL B 198 -4.32 -29.80 17.64
CA VAL B 198 -5.33 -30.65 17.02
C VAL B 198 -5.93 -29.92 15.82
N PRO B 199 -5.71 -30.44 14.59
CA PRO B 199 -6.12 -29.76 13.38
C PRO B 199 -7.62 -29.81 13.15
N THR B 200 -8.08 -28.99 12.21
CA THR B 200 -9.42 -29.05 11.67
C THR B 200 -9.28 -29.58 10.24
N THR B 201 -10.24 -30.36 9.78
CA THR B 201 -10.22 -30.82 8.40
C THR B 201 -11.04 -29.85 7.56
N VAL B 202 -10.54 -29.53 6.37
CA VAL B 202 -11.28 -28.72 5.41
C VAL B 202 -10.95 -29.16 3.99
N GLY B 203 -11.98 -29.30 3.17
CA GLY B 203 -11.81 -29.75 1.80
C GLY B 203 -12.67 -28.95 0.84
N GLU B 204 -12.17 -28.83 -0.39
CA GLU B 204 -12.81 -28.06 -1.45
C GLU B 204 -13.11 -29.00 -2.61
N LEU B 205 -13.74 -28.46 -3.66
CA LEU B 205 -14.07 -29.25 -4.85
C LEU B 205 -13.03 -29.06 -5.96
N ASP B 206 -12.51 -30.16 -6.49
CA ASP B 206 -11.68 -30.11 -7.69
C ASP B 206 -12.50 -30.60 -8.90
N LEU B 207 -12.83 -29.66 -9.78
CA LEU B 207 -13.68 -29.93 -10.94
C LEU B 207 -13.07 -30.83 -12.02
N SER B 208 -11.78 -30.65 -12.28
CA SER B 208 -11.08 -31.40 -13.32
C SER B 208 -11.14 -32.91 -13.06
N SER B 209 -11.51 -33.27 -11.83
CA SER B 209 -11.62 -34.66 -11.41
C SER B 209 -12.98 -35.28 -11.79
N LEU B 210 -13.91 -34.45 -12.23
CA LEU B 210 -15.27 -34.88 -12.56
C LEU B 210 -15.59 -34.64 -14.03
N SER B 211 -16.43 -35.51 -14.61
CA SER B 211 -16.91 -35.36 -15.98
C SER B 211 -18.02 -34.31 -16.06
N ALA B 212 -18.22 -33.78 -17.28
CA ALA B 212 -19.26 -32.78 -17.54
C ALA B 212 -20.68 -33.35 -17.44
N GLU B 213 -20.78 -34.68 -17.51
CA GLU B 213 -22.05 -35.38 -17.36
C GLU B 213 -22.43 -35.45 -15.88
N ASP B 214 -21.47 -35.84 -15.04
CA ASP B 214 -21.68 -35.92 -13.59
C ASP B 214 -22.06 -34.58 -12.99
N ILE B 215 -21.35 -33.54 -13.40
CA ILE B 215 -21.60 -32.18 -12.89
C ILE B 215 -23.05 -31.77 -13.20
N ASP B 216 -23.47 -31.97 -14.45
CA ASP B 216 -24.85 -31.60 -14.86
C ASP B 216 -25.91 -32.29 -14.01
N VAL B 217 -25.71 -33.58 -13.74
CA VAL B 217 -26.62 -34.34 -12.87
C VAL B 217 -26.67 -33.73 -11.45
N LEU B 218 -25.50 -33.32 -10.94
CA LEU B 218 -25.38 -32.79 -9.59
C LEU B 218 -26.09 -31.45 -9.39
N PHE B 219 -26.16 -30.66 -10.47
CA PHE B 219 -26.90 -29.39 -10.50
C PHE B 219 -28.42 -29.52 -10.38
N GLU B 220 -28.94 -30.71 -10.66
CA GLU B 220 -30.40 -30.93 -10.69
C GLU B 220 -31.00 -31.33 -9.33
N PRO B 221 -32.28 -31.01 -9.09
CA PRO B 221 -32.88 -31.27 -7.78
C PRO B 221 -33.31 -32.73 -7.63
N ARG B 222 -32.33 -33.59 -7.38
CA ARG B 222 -32.55 -35.03 -7.35
C ARG B 222 -32.04 -35.68 -6.06
N TYR B 223 -31.78 -34.85 -5.04
CA TYR B 223 -31.15 -35.31 -3.82
C TYR B 223 -31.89 -34.87 -2.55
N HIS B 224 -32.02 -35.80 -1.60
CA HIS B 224 -32.56 -35.47 -0.28
C HIS B 224 -31.44 -35.28 0.70
N ILE B 225 -31.51 -34.20 1.46
CA ILE B 225 -30.62 -34.01 2.59
C ILE B 225 -31.47 -33.88 3.85
N ALA B 226 -31.25 -34.80 4.78
CA ALA B 226 -32.01 -34.86 6.02
C ALA B 226 -31.57 -33.77 7.00
N PRO B 227 -32.46 -33.38 7.93
CA PRO B 227 -32.15 -32.37 8.93
C PRO B 227 -31.22 -32.88 10.03
N ASP B 228 -31.28 -32.24 11.19
CA ASP B 228 -30.52 -32.64 12.34
C ASP B 228 -31.42 -32.67 13.56
N GLU B 229 -31.00 -33.41 14.60
CA GLU B 229 -31.79 -33.60 15.82
C GLU B 229 -31.95 -32.29 16.62
N SER B 230 -30.99 -32.01 17.50
CA SER B 230 -30.95 -30.78 18.30
C SER B 230 -32.28 -30.41 18.97
N HIS B 231 -32.95 -31.41 19.53
CA HIS B 231 -34.30 -31.23 20.09
C HIS B 231 -34.33 -31.37 21.60
N LEU B 232 -35.22 -30.62 22.23
CA LEU B 232 -35.40 -30.56 23.70
C LEU B 232 -34.16 -30.08 24.49
N PRO B 233 -33.36 -30.99 25.08
CA PRO B 233 -32.22 -30.46 25.84
C PRO B 233 -30.97 -30.30 24.97
N GLU B 243 -45.42 -19.36 17.78
CA GLU B 243 -44.46 -20.43 17.63
C GLU B 243 -45.00 -21.57 16.75
N ALA B 244 -46.04 -21.26 15.99
CA ALA B 244 -46.65 -22.20 15.06
C ALA B 244 -46.40 -21.80 13.59
N ALA B 245 -46.64 -20.51 13.29
CA ALA B 245 -46.41 -19.96 11.95
C ALA B 245 -44.93 -19.95 11.59
N ARG B 246 -44.08 -19.71 12.59
CA ARG B 246 -42.63 -19.86 12.47
C ARG B 246 -42.24 -21.31 12.21
N PHE B 247 -42.82 -22.20 13.00
CA PHE B 247 -42.45 -23.63 13.00
C PHE B 247 -42.85 -24.31 11.69
N ALA B 248 -44.05 -24.01 11.21
CA ALA B 248 -44.61 -24.64 10.01
C ALA B 248 -43.92 -24.23 8.70
N THR B 249 -42.67 -23.79 8.81
CA THR B 249 -41.90 -23.36 7.65
C THR B 249 -40.97 -24.46 7.15
N ILE B 250 -40.15 -25.01 8.05
CA ILE B 250 -39.30 -26.17 7.75
C ILE B 250 -40.17 -27.36 7.35
N GLN B 251 -41.45 -27.27 7.68
CA GLN B 251 -42.45 -28.30 7.38
C GLN B 251 -42.64 -28.60 5.89
N ARG B 252 -42.14 -27.72 5.03
CA ARG B 252 -42.10 -27.97 3.60
C ARG B 252 -41.03 -29.01 3.24
N MET B 253 -39.94 -29.01 4.02
CA MET B 253 -38.90 -30.04 3.94
C MET B 253 -39.22 -31.21 4.87
N ILE B 254 -39.94 -30.93 5.94
CA ILE B 254 -40.22 -31.92 7.00
C ILE B 254 -41.33 -32.90 6.62
N ASP B 255 -42.32 -32.43 5.87
CA ASP B 255 -43.41 -33.27 5.37
C ASP B 255 -43.16 -33.73 3.93
N GLU B 256 -43.12 -32.77 3.02
CA GLU B 256 -43.03 -33.04 1.58
C GLU B 256 -41.66 -33.55 1.14
N ARG B 257 -40.61 -33.02 1.77
CA ARG B 257 -39.21 -33.42 1.49
C ARG B 257 -38.81 -33.14 0.04
N PRO B 258 -38.64 -31.84 -0.33
CA PRO B 258 -38.31 -31.50 -1.71
C PRO B 258 -36.86 -31.85 -2.04
N LEU B 259 -36.66 -32.54 -3.16
CA LEU B 259 -35.33 -32.89 -3.64
C LEU B 259 -34.59 -31.64 -4.12
N GLY B 260 -33.38 -31.45 -3.62
CA GLY B 260 -32.56 -30.29 -3.95
C GLY B 260 -31.29 -30.68 -4.68
N PRO B 261 -30.52 -29.68 -5.15
CA PRO B 261 -29.28 -30.02 -5.86
C PRO B 261 -28.12 -30.20 -4.88
N LEU B 262 -26.99 -30.68 -5.38
CA LEU B 262 -25.77 -30.67 -4.56
C LEU B 262 -24.82 -29.55 -4.97
N LEU B 263 -24.69 -29.35 -6.28
CA LEU B 263 -23.93 -28.23 -6.81
C LEU B 263 -24.88 -27.18 -7.40
N TYR B 264 -24.51 -25.91 -7.23
CA TYR B 264 -25.29 -24.77 -7.70
C TYR B 264 -24.32 -23.62 -7.97
N GLY B 265 -24.83 -22.48 -8.44
CA GLY B 265 -23.95 -21.36 -8.78
C GLY B 265 -23.37 -21.54 -10.17
N SER B 266 -22.10 -21.19 -10.34
CA SER B 266 -21.41 -21.35 -11.61
C SER B 266 -21.23 -22.82 -11.94
N ARG B 267 -21.27 -23.16 -13.22
CA ARG B 267 -21.06 -24.54 -13.66
C ARG B 267 -19.59 -24.81 -13.95
N LEU B 268 -18.82 -23.73 -14.05
CA LEU B 268 -17.38 -23.78 -14.27
C LEU B 268 -16.64 -23.69 -12.94
N ASP B 269 -17.33 -23.16 -11.92
CA ASP B 269 -16.77 -23.03 -10.58
C ASP B 269 -17.90 -23.11 -9.54
N PRO B 270 -18.48 -24.31 -9.35
CA PRO B 270 -19.70 -24.50 -8.59
C PRO B 270 -19.54 -24.36 -7.09
N TYR B 271 -20.62 -23.92 -6.43
CA TYR B 271 -20.76 -24.04 -4.99
C TYR B 271 -21.25 -25.44 -4.69
N MET B 272 -21.14 -25.83 -3.42
CA MET B 272 -21.56 -27.16 -2.99
C MET B 272 -22.22 -27.15 -1.61
N ARG B 273 -23.14 -28.09 -1.43
CA ARG B 273 -23.72 -28.42 -0.12
C ARG B 273 -23.62 -29.94 0.01
N LEU B 274 -22.69 -30.40 0.84
CA LEU B 274 -22.42 -31.82 0.95
C LEU B 274 -22.42 -32.23 2.41
N ASP B 275 -23.30 -33.15 2.76
CA ASP B 275 -23.33 -33.78 4.09
C ASP B 275 -23.63 -35.25 3.85
N PRO B 276 -22.58 -36.06 3.58
CA PRO B 276 -22.76 -37.43 3.09
C PRO B 276 -23.56 -38.30 4.04
N TYR B 277 -23.40 -38.07 5.34
CA TYR B 277 -24.13 -38.81 6.36
C TYR B 277 -25.65 -38.68 6.26
N PHE B 278 -26.15 -37.48 6.00
CA PHE B 278 -27.60 -37.23 5.92
C PHE B 278 -28.12 -37.05 4.50
N THR B 279 -27.35 -37.50 3.52
CA THR B 279 -27.74 -37.41 2.12
C THR B 279 -28.44 -38.71 1.69
N SER B 280 -29.52 -38.57 0.91
CA SER B 280 -30.23 -39.69 0.30
C SER B 280 -30.47 -39.47 -1.19
N VAL B 281 -30.46 -40.57 -1.94
CA VAL B 281 -30.78 -40.57 -3.36
C VAL B 281 -31.88 -41.60 -3.59
N PRO B 282 -32.87 -41.29 -4.48
CA PRO B 282 -33.81 -42.32 -4.91
C PRO B 282 -33.08 -43.51 -5.55
N GLN B 283 -33.45 -44.72 -5.13
CA GLN B 283 -32.83 -45.95 -5.64
C GLN B 283 -32.84 -45.99 -7.18
N ASP B 284 -33.96 -45.62 -7.77
CA ASP B 284 -34.18 -45.69 -9.22
C ASP B 284 -33.42 -44.62 -10.02
N ASP B 285 -32.89 -43.60 -9.33
CA ASP B 285 -32.08 -42.58 -9.99
C ASP B 285 -30.62 -43.00 -10.03
N THR B 286 -30.27 -43.81 -11.03
CA THR B 286 -28.95 -44.43 -11.13
C THR B 286 -27.87 -43.44 -11.56
N ASP B 287 -28.26 -42.50 -12.42
CA ASP B 287 -27.36 -41.41 -12.82
C ASP B 287 -26.95 -40.60 -11.58
N ALA B 288 -27.94 -40.18 -10.80
CA ALA B 288 -27.72 -39.35 -9.61
C ALA B 288 -26.85 -40.01 -8.55
N ARG B 289 -27.05 -41.31 -8.34
CA ARG B 289 -26.21 -42.08 -7.41
C ARG B 289 -24.76 -42.19 -7.88
N ARG B 290 -24.57 -42.40 -9.19
CA ARG B 290 -23.26 -42.46 -9.82
C ARG B 290 -22.52 -41.12 -9.71
N ALA B 291 -23.24 -40.02 -9.95
CA ALA B 291 -22.67 -38.67 -9.87
C ALA B 291 -22.37 -38.26 -8.42
N TYR B 292 -23.18 -38.77 -7.49
CA TYR B 292 -22.96 -38.57 -6.06
C TYR B 292 -21.72 -39.32 -5.55
N ASP B 293 -21.50 -40.55 -6.04
CA ASP B 293 -20.31 -41.32 -5.68
C ASP B 293 -19.04 -40.58 -6.10
N ALA B 294 -18.98 -40.18 -7.37
CA ALA B 294 -17.82 -39.48 -7.93
C ALA B 294 -17.53 -38.17 -7.21
N LEU B 295 -18.59 -37.43 -6.87
CA LEU B 295 -18.44 -36.21 -6.08
C LEU B 295 -17.86 -36.50 -4.69
N PHE B 296 -18.38 -37.53 -4.02
CA PHE B 296 -17.84 -37.92 -2.72
C PHE B 296 -16.36 -38.23 -2.81
N LYS B 297 -15.99 -39.06 -3.80
CA LYS B 297 -14.61 -39.52 -3.97
C LYS B 297 -13.61 -38.39 -4.21
N VAL B 298 -14.06 -37.35 -4.90
CA VAL B 298 -13.21 -36.19 -5.22
C VAL B 298 -13.01 -35.31 -3.97
N VAL B 299 -14.11 -35.07 -3.25
CA VAL B 299 -14.05 -34.25 -2.05
C VAL B 299 -13.30 -34.97 -0.93
N ASP B 300 -13.70 -36.21 -0.64
CA ASP B 300 -13.07 -37.01 0.41
C ASP B 300 -11.55 -37.10 0.27
N SER B 301 -11.08 -37.32 -0.95
CA SER B 301 -9.65 -37.49 -1.22
C SER B 301 -8.87 -36.16 -1.21
N GLY B 302 -9.59 -35.06 -1.29
CA GLY B 302 -8.97 -33.72 -1.30
C GLY B 302 -8.85 -33.09 0.07
N MET B 303 -9.45 -33.70 1.09
CA MET B 303 -9.44 -33.15 2.46
C MET B 303 -8.02 -32.83 2.93
N ARG B 304 -7.87 -31.63 3.51
CA ARG B 304 -6.61 -31.21 4.11
C ARG B 304 -6.79 -30.98 5.60
N GLU B 305 -5.73 -31.21 6.36
CA GLU B 305 -5.70 -30.88 7.78
C GLU B 305 -5.15 -29.47 7.92
N VAL B 306 -5.88 -28.65 8.67
CA VAL B 306 -5.52 -27.25 8.90
C VAL B 306 -5.54 -27.03 10.41
N VAL B 307 -4.41 -26.67 10.98
CA VAL B 307 -4.38 -26.42 12.43
C VAL B 307 -4.71 -24.97 12.73
N ALA B 308 -5.67 -24.77 13.62
CA ALA B 308 -5.93 -23.47 14.20
C ALA B 308 -5.22 -23.43 15.55
N ASP B 309 -3.99 -22.93 15.55
CA ASP B 309 -3.20 -22.77 16.79
C ASP B 309 -3.65 -21.52 17.53
N GLN B 310 -3.21 -21.38 18.78
CA GLN B 310 -3.51 -20.20 19.59
C GLN B 310 -3.20 -18.92 18.80
N GLY B 311 -4.17 -18.01 18.79
CA GLY B 311 -4.03 -16.75 18.07
C GLY B 311 -4.50 -16.79 16.61
N ASP B 312 -4.83 -17.97 16.10
CA ASP B 312 -5.33 -18.10 14.74
C ASP B 312 -6.84 -17.88 14.68
N VAL B 313 -7.28 -17.25 13.60
CA VAL B 313 -8.70 -17.24 13.27
C VAL B 313 -8.89 -17.82 11.86
N LEU B 314 -9.61 -18.94 11.80
CA LEU B 314 -9.87 -19.66 10.58
C LEU B 314 -11.22 -19.23 10.04
N PHE B 315 -11.27 -18.96 8.74
CA PHE B 315 -12.49 -18.51 8.09
C PHE B 315 -12.92 -19.57 7.09
N ILE B 316 -14.10 -20.14 7.29
CA ILE B 316 -14.58 -21.20 6.38
C ILE B 316 -15.73 -20.67 5.53
N ASP B 317 -15.55 -20.78 4.22
CA ASP B 317 -16.63 -20.47 3.29
C ASP B 317 -17.52 -21.72 3.18
N ASN B 318 -18.72 -21.64 3.75
CA ASN B 318 -19.64 -22.78 3.80
C ASN B 318 -20.22 -23.23 2.45
N HIS B 319 -19.93 -22.48 1.39
CA HIS B 319 -20.43 -22.81 0.06
C HIS B 319 -19.34 -23.37 -0.81
N ARG B 320 -18.09 -23.26 -0.36
CA ARG B 320 -16.97 -23.72 -1.17
C ARG B 320 -16.10 -24.79 -0.48
N ALA B 321 -16.30 -24.97 0.82
CA ALA B 321 -15.53 -25.93 1.59
C ALA B 321 -16.38 -26.67 2.60
N VAL B 322 -16.09 -27.97 2.72
CA VAL B 322 -16.59 -28.78 3.82
C VAL B 322 -15.53 -28.80 4.91
N HIS B 323 -15.95 -28.99 6.14
CA HIS B 323 -15.03 -29.11 7.26
C HIS B 323 -15.39 -30.24 8.17
N GLY B 324 -14.46 -30.58 9.06
CA GLY B 324 -14.70 -31.63 10.05
C GLY B 324 -13.83 -31.59 11.29
N ARG B 325 -14.11 -32.51 12.20
CA ARG B 325 -13.38 -32.68 13.46
C ARG B 325 -12.43 -33.85 13.37
N LEU B 326 -11.29 -33.73 14.03
CA LEU B 326 -10.41 -34.86 14.27
C LEU B 326 -10.45 -35.20 15.75
N PRO B 327 -10.53 -36.50 16.09
CA PRO B 327 -10.62 -36.92 17.49
C PRO B 327 -9.32 -36.69 18.25
N PHE B 328 -9.44 -36.41 19.53
CA PHE B 328 -8.29 -36.14 20.39
C PHE B 328 -8.55 -36.49 21.84
N GLN B 329 -7.48 -36.81 22.56
CA GLN B 329 -7.53 -37.08 23.98
C GLN B 329 -7.62 -35.77 24.77
N ALA B 330 -8.74 -35.57 25.47
CA ALA B 330 -8.99 -34.34 26.22
C ALA B 330 -8.71 -34.49 27.72
N ARG B 331 -8.21 -33.43 28.33
CA ARG B 331 -7.70 -33.47 29.73
C ARG B 331 -8.73 -33.12 30.81
N TYR B 332 -9.66 -32.21 30.47
CA TYR B 332 -10.73 -31.76 31.39
C TYR B 332 -10.26 -30.94 32.61
N ASP B 333 -9.00 -30.54 32.59
CA ASP B 333 -8.38 -29.85 33.73
C ASP B 333 -8.49 -28.31 33.66
N GLY B 334 -8.85 -27.79 32.48
CA GLY B 334 -8.88 -26.34 32.24
C GLY B 334 -7.84 -25.85 31.25
N THR B 335 -7.05 -26.80 30.72
CA THR B 335 -5.98 -26.48 29.76
C THR B 335 -6.32 -27.00 28.35
N ASP B 336 -7.55 -27.48 28.18
CA ASP B 336 -8.00 -28.06 26.91
C ASP B 336 -8.19 -27.04 25.79
N ARG B 337 -7.90 -27.50 24.57
CA ARG B 337 -8.24 -26.80 23.31
C ARG B 337 -9.56 -26.04 23.44
N TRP B 338 -9.59 -24.81 22.96
CA TRP B 338 -10.76 -23.96 23.12
C TRP B 338 -10.92 -23.05 21.93
N LEU B 339 -11.95 -23.29 21.13
CA LEU B 339 -12.26 -22.38 20.03
C LEU B 339 -13.57 -21.67 20.30
N LYS B 340 -13.76 -20.53 19.64
CA LYS B 340 -15.03 -19.84 19.58
C LYS B 340 -15.49 -19.82 18.13
N ARG B 341 -16.80 -19.75 17.92
CA ARG B 341 -17.35 -19.90 16.58
C ARG B 341 -18.57 -19.02 16.36
N VAL B 342 -18.53 -18.24 15.28
CA VAL B 342 -19.64 -17.39 14.87
C VAL B 342 -20.09 -17.80 13.46
N CYS B 343 -21.40 -17.92 13.30
CA CYS B 343 -22.02 -18.22 12.02
C CYS B 343 -22.36 -16.90 11.31
N VAL B 344 -21.97 -16.81 10.05
CA VAL B 344 -22.24 -15.58 9.29
C VAL B 344 -23.23 -15.80 8.16
N THR B 345 -24.25 -14.95 8.13
CA THR B 345 -25.16 -14.86 6.97
C THR B 345 -24.95 -13.58 6.15
N SER B 346 -24.91 -13.74 4.82
CA SER B 346 -24.83 -12.60 3.93
C SER B 346 -26.14 -11.81 3.97
N ASP B 347 -27.27 -12.50 4.04
CA ASP B 347 -28.58 -11.84 3.93
C ASP B 347 -29.51 -12.17 5.10
N LEU B 348 -29.48 -11.34 6.13
CA LEU B 348 -30.31 -11.58 7.31
C LEU B 348 -31.82 -11.68 6.98
N ARG B 349 -32.32 -10.75 6.16
CA ARG B 349 -33.76 -10.67 5.88
C ARG B 349 -34.34 -11.89 5.18
N ARG B 350 -33.49 -12.65 4.49
CA ARG B 350 -33.92 -13.83 3.77
C ARG B 350 -34.52 -14.86 4.74
N SER B 351 -34.05 -14.87 5.98
CA SER B 351 -34.53 -15.80 7.00
C SER B 351 -35.68 -15.26 7.86
N ARG B 352 -36.23 -14.10 7.52
CA ARG B 352 -37.29 -13.46 8.35
C ARG B 352 -38.45 -14.36 8.77
N GLU B 353 -38.90 -15.25 7.88
CA GLU B 353 -40.04 -16.12 8.19
C GLU B 353 -39.81 -17.04 9.40
N MET B 354 -38.56 -17.49 9.57
CA MET B 354 -38.18 -18.37 10.68
C MET B 354 -37.62 -17.64 11.90
N ARG B 355 -37.61 -16.31 11.86
CA ARG B 355 -37.11 -15.55 13.01
C ARG B 355 -38.26 -14.92 13.77
N ALA B 356 -38.14 -14.91 15.10
CA ALA B 356 -39.21 -14.52 16.01
C ALA B 356 -39.76 -13.12 15.74
N THR B 357 -38.85 -12.16 15.64
CA THR B 357 -39.18 -10.77 15.32
C THR B 357 -38.20 -10.26 14.27
N SER B 358 -38.38 -9.01 13.86
CA SER B 358 -37.47 -8.35 12.92
C SER B 358 -36.07 -8.20 13.50
N ALA B 359 -36.00 -7.88 14.78
CA ALA B 359 -34.74 -7.56 15.46
C ALA B 359 -33.82 -8.75 15.74
N THR B 360 -34.38 -9.94 15.98
CA THR B 360 -33.56 -11.07 16.42
C THR B 360 -32.72 -11.71 15.32
N ARG B 361 -31.48 -12.04 15.67
CA ARG B 361 -30.56 -12.75 14.76
C ARG B 361 -30.64 -14.26 14.96
N LEU B 362 -31.58 -14.70 15.80
CA LEU B 362 -31.72 -16.11 16.11
C LEU B 362 -32.87 -16.78 15.34
N LEU B 363 -32.58 -17.92 14.73
CA LEU B 363 -33.58 -18.68 13.98
C LEU B 363 -34.24 -19.75 14.85
N GLY B 364 -35.52 -20.01 14.57
CA GLY B 364 -36.24 -21.12 15.21
C GLY B 364 -36.89 -20.77 16.53
N THR C 29 34.24 -0.52 20.52
CA THR C 29 33.68 0.65 19.78
C THR C 29 34.46 1.93 20.08
N PRO C 30 35.12 2.51 19.07
CA PRO C 30 35.90 3.72 19.28
C PRO C 30 35.01 4.90 19.64
N SER C 31 35.54 5.81 20.45
CA SER C 31 34.88 7.06 20.78
C SER C 31 35.93 8.14 20.94
N TYR C 32 35.47 9.39 21.03
CA TYR C 32 36.37 10.55 21.06
C TYR C 32 35.92 11.46 22.20
N SER C 33 36.89 11.95 22.95
CA SER C 33 36.61 12.86 24.07
C SER C 33 37.30 14.18 23.81
N LEU C 34 36.50 15.25 23.78
CA LEU C 34 37.02 16.59 23.53
C LEU C 34 37.78 17.09 24.74
N THR C 35 38.91 17.75 24.52
CA THR C 35 39.61 18.42 25.62
C THR C 35 38.79 19.66 26.00
N PRO C 36 39.00 20.22 27.21
CA PRO C 36 38.24 21.42 27.56
C PRO C 36 38.38 22.54 26.52
N ALA C 37 39.57 22.70 25.96
CA ALA C 37 39.80 23.73 24.96
C ALA C 37 39.08 23.44 23.62
N GLU C 38 38.98 22.17 23.24
CA GLU C 38 38.17 21.79 22.05
C GLU C 38 36.69 22.08 22.32
N ALA C 39 36.20 21.64 23.48
CA ALA C 39 34.82 21.91 23.91
C ALA C 39 34.51 23.40 23.82
N SER C 40 35.37 24.21 24.42
CA SER C 40 35.21 25.66 24.41
C SER C 40 35.25 26.28 22.97
N ALA C 41 36.18 25.82 22.14
CA ALA C 41 36.24 26.25 20.73
C ALA C 41 34.97 25.87 19.94
N VAL C 42 34.50 24.64 20.11
CA VAL C 42 33.25 24.18 19.52
C VAL C 42 32.05 25.02 20.02
N ALA C 43 31.98 25.27 21.33
CA ALA C 43 30.85 26.02 21.87
C ALA C 43 30.79 27.44 21.30
N GLU C 44 31.94 28.09 21.14
CA GLU C 44 31.94 29.46 20.64
C GLU C 44 31.69 29.58 19.12
N LEU C 45 32.17 28.60 18.36
CA LEU C 45 31.83 28.49 16.95
C LEU C 45 30.31 28.41 16.77
N THR C 46 29.71 27.57 17.59
CA THR C 46 28.29 27.28 17.60
C THR C 46 27.44 28.55 17.95
N LEU C 47 27.90 29.34 18.92
CA LEU C 47 27.27 30.61 19.28
C LEU C 47 27.40 31.62 18.14
N GLU C 48 28.57 31.65 17.52
CA GLU C 48 28.81 32.54 16.38
C GLU C 48 27.88 32.23 15.20
N LEU C 49 27.74 30.95 14.86
CA LEU C 49 26.86 30.54 13.78
C LEU C 49 25.38 30.83 14.11
N ALA C 50 24.99 30.65 15.36
CA ALA C 50 23.61 30.95 15.79
C ALA C 50 23.23 32.40 15.49
N ALA C 51 24.19 33.31 15.65
CA ALA C 51 23.96 34.73 15.41
C ALA C 51 24.06 35.12 13.94
N ALA C 52 24.65 34.26 13.12
CA ALA C 52 24.85 34.57 11.70
C ALA C 52 23.73 34.03 10.81
N TYR C 53 23.01 33.02 11.30
CA TYR C 53 22.00 32.33 10.50
C TYR C 53 20.64 32.29 11.21
N GLY C 54 19.57 32.21 10.42
CA GLY C 54 18.20 32.37 10.93
C GLY C 54 17.52 31.12 11.45
N SER C 55 17.80 29.98 10.81
CA SER C 55 17.25 28.70 11.20
C SER C 55 18.02 27.57 10.52
N PHE C 56 17.90 26.35 11.04
CA PHE C 56 18.20 25.17 10.24
C PHE C 56 17.07 25.13 9.21
N GLY C 57 17.40 25.11 7.94
CA GLY C 57 16.39 25.35 6.91
C GLY C 57 16.71 26.61 6.13
N ASP C 58 17.48 27.49 6.77
CA ASP C 58 18.09 28.65 6.13
C ASP C 58 18.95 28.14 4.95
N PRO C 59 18.58 28.52 3.71
CA PRO C 59 19.31 28.03 2.53
C PRO C 59 20.80 28.42 2.50
N VAL C 60 21.14 29.59 3.04
CA VAL C 60 22.54 30.00 3.06
C VAL C 60 23.32 29.08 4.01
N LEU C 61 22.74 28.81 5.18
CA LEU C 61 23.31 27.82 6.10
C LEU C 61 23.52 26.47 5.40
N LEU C 62 22.47 25.97 4.76
CA LEU C 62 22.52 24.66 4.13
C LEU C 62 23.64 24.60 3.11
N ARG C 63 23.78 25.68 2.33
CA ARG C 63 24.88 25.79 1.40
C ARG C 63 26.26 25.80 2.11
N ASP C 64 26.39 26.60 3.16
CA ASP C 64 27.68 26.77 3.85
C ASP C 64 28.12 25.58 4.71
N LEU C 65 27.18 24.70 5.03
CA LEU C 65 27.35 23.66 6.05
C LEU C 65 28.70 22.88 6.03
N PRO C 66 29.09 22.31 4.85
CA PRO C 66 30.37 21.57 4.78
C PRO C 66 31.57 22.44 5.11
N ARG C 67 31.62 23.63 4.53
CA ARG C 67 32.69 24.58 4.76
C ARG C 67 32.77 24.96 6.24
N LEU C 68 31.63 25.21 6.86
CA LEU C 68 31.54 25.55 8.29
C LEU C 68 32.01 24.43 9.21
N ALA C 69 31.67 23.20 8.86
CA ALA C 69 32.07 22.02 9.63
C ALA C 69 33.60 21.81 9.61
N ALA C 70 34.26 22.33 8.57
CA ALA C 70 35.72 22.34 8.54
C ALA C 70 36.34 23.30 9.54
N ARG C 71 35.49 24.03 10.28
CA ARG C 71 35.96 24.92 11.35
C ARG C 71 35.96 24.20 12.70
N LEU C 72 35.43 22.98 12.74
CA LEU C 72 35.51 22.13 13.92
C LEU C 72 36.95 21.68 14.10
N PRO C 73 37.35 21.28 15.33
CA PRO C 73 38.74 20.83 15.53
C PRO C 73 39.10 19.76 14.52
N GLU C 74 40.36 19.72 14.10
CA GLU C 74 40.77 18.81 13.04
C GLU C 74 40.66 17.35 13.42
N GLY C 75 41.00 17.04 14.66
CA GLY C 75 40.96 15.68 15.17
C GLY C 75 39.54 15.14 15.19
N VAL C 76 38.57 16.01 15.44
CA VAL C 76 37.15 15.66 15.40
C VAL C 76 36.71 15.28 13.98
N GLN C 77 37.17 16.04 12.99
CA GLN C 77 36.82 15.76 11.60
C GLN C 77 37.44 14.45 11.15
N ASP C 78 38.74 14.26 11.43
CA ASP C 78 39.46 13.03 11.10
C ASP C 78 38.80 11.81 11.73
N PHE C 79 38.37 11.96 12.98
CA PHE C 79 37.72 10.87 13.71
C PHE C 79 36.41 10.43 13.07
N LEU C 80 35.54 11.39 12.74
CA LEU C 80 34.28 11.10 12.06
C LEU C 80 34.49 10.60 10.64
N ARG C 81 35.51 11.12 9.97
CA ARG C 81 35.86 10.65 8.64
C ARG C 81 36.29 9.17 8.66
N GLU C 82 37.13 8.82 9.63
CA GLU C 82 37.59 7.43 9.81
C GLU C 82 36.42 6.46 10.05
N PHE C 83 35.53 6.84 10.96
CA PHE C 83 34.31 6.08 11.25
C PHE C 83 33.47 5.89 9.98
N LYS C 84 33.29 6.95 9.22
CA LYS C 84 32.49 6.90 7.98
C LYS C 84 33.14 5.99 6.93
N LEU C 85 34.43 6.20 6.68
CA LEU C 85 35.12 5.45 5.64
C LEU C 85 35.33 3.98 5.98
N ALA C 86 35.54 3.67 7.26
CA ALA C 86 35.79 2.28 7.68
C ALA C 86 34.58 1.41 7.47
N ASP C 87 33.39 1.97 7.66
CA ASP C 87 32.14 1.27 7.36
C ASP C 87 32.18 -0.09 8.07
N ARG C 88 32.47 -0.06 9.37
CA ARG C 88 32.66 -1.27 10.16
C ARG C 88 31.81 -1.25 11.44
N HIS C 89 31.89 -0.15 12.18
CA HIS C 89 31.22 0.00 13.46
C HIS C 89 29.82 0.52 13.36
N GLY C 90 28.95 0.01 14.21
CA GLY C 90 27.54 0.40 14.20
C GLY C 90 27.30 1.82 14.68
N HIS C 91 28.11 2.27 15.62
CA HIS C 91 27.93 3.58 16.23
C HIS C 91 29.23 4.10 16.74
N THR C 92 29.32 5.41 16.92
CA THR C 92 30.41 6.00 17.66
C THR C 92 29.91 7.20 18.46
N VAL C 93 30.73 7.68 19.41
CA VAL C 93 30.34 8.78 20.29
C VAL C 93 31.44 9.82 20.37
N ILE C 94 31.07 11.10 20.35
CA ILE C 94 31.98 12.18 20.71
C ILE C 94 31.48 12.76 22.04
N ARG C 95 32.31 12.65 23.08
CA ARG C 95 31.95 13.08 24.43
C ARG C 95 32.56 14.43 24.80
N GLY C 96 32.01 15.09 25.84
CA GLY C 96 32.67 16.25 26.43
C GLY C 96 32.39 17.60 25.79
N HIS C 97 31.31 17.73 25.02
CA HIS C 97 30.85 19.03 24.55
C HIS C 97 30.34 19.84 25.72
N ASP C 98 30.45 21.16 25.61
CA ASP C 98 29.92 22.07 26.60
C ASP C 98 28.53 22.57 26.13
N PHE C 99 27.47 22.05 26.73
CA PHE C 99 26.10 22.44 26.42
C PHE C 99 25.56 23.28 27.60
N ASP C 100 25.54 24.59 27.42
CA ASP C 100 25.19 25.56 28.47
C ASP C 100 23.74 25.37 28.92
N GLN C 101 23.58 24.71 30.05
CA GLN C 101 22.26 24.31 30.54
C GLN C 101 21.33 25.49 30.86
N ARG C 102 21.92 26.63 31.25
CA ARG C 102 21.17 27.87 31.48
C ARG C 102 20.54 28.39 30.19
N ARG C 103 21.36 28.57 29.16
CA ARG C 103 20.91 29.08 27.87
C ARG C 103 19.88 28.14 27.23
N ILE C 104 20.11 26.83 27.33
CA ILE C 104 19.18 25.84 26.77
C ILE C 104 17.77 25.98 27.36
N GLY C 105 17.70 26.19 28.67
CA GLY C 105 16.43 26.35 29.36
C GLY C 105 15.79 25.01 29.64
N PRO C 106 14.53 25.03 30.15
CA PRO C 106 13.84 23.81 30.52
C PRO C 106 13.35 22.97 29.35
N THR C 107 13.32 21.66 29.56
CA THR C 107 12.79 20.72 28.57
C THR C 107 11.32 21.05 28.28
N PRO C 108 10.99 21.30 26.99
CA PRO C 108 9.63 21.73 26.61
C PRO C 108 8.59 20.66 26.90
N ASP C 109 7.33 21.10 27.02
CA ASP C 109 6.21 20.19 27.27
C ASP C 109 5.73 19.49 25.99
N HIS C 110 6.05 20.11 24.84
CA HIS C 110 5.75 19.54 23.53
C HIS C 110 6.61 20.21 22.47
N TRP C 111 6.76 19.56 21.33
CA TRP C 111 7.41 20.19 20.18
C TRP C 111 6.45 20.97 19.33
N ARG C 112 5.18 20.57 19.36
CA ARG C 112 4.21 20.90 18.29
C ARG C 112 3.84 22.35 18.04
N GLY C 113 4.39 23.29 18.80
CA GLY C 113 4.06 24.69 18.57
C GLY C 113 4.96 25.71 19.23
N ARG C 114 6.11 25.26 19.75
CA ARG C 114 7.09 26.21 20.25
C ARG C 114 7.90 26.78 19.09
N VAL C 115 8.43 27.97 19.29
CA VAL C 115 9.22 28.67 18.29
C VAL C 115 10.50 27.91 17.95
N ARG C 116 10.78 27.82 16.65
CA ARG C 116 12.06 27.33 16.16
C ARG C 116 12.69 28.43 15.32
N PRO C 117 13.99 28.72 15.54
CA PRO C 117 14.85 28.08 16.54
C PRO C 117 14.72 28.67 17.94
N GLY C 118 14.71 27.80 18.95
CA GLY C 118 14.70 28.24 20.34
C GLY C 118 16.10 28.55 20.84
N PRO C 119 16.23 28.73 22.19
CA PRO C 119 17.53 29.08 22.75
C PRO C 119 18.58 27.97 22.60
N GLU C 120 18.15 26.75 22.30
CA GLU C 120 19.07 25.62 22.09
C GLU C 120 19.60 25.52 20.65
N PHE C 121 19.36 26.57 19.86
CA PHE C 121 19.82 26.66 18.48
C PHE C 121 21.30 26.31 18.29
N PRO C 122 22.19 26.85 19.17
CA PRO C 122 23.60 26.51 19.00
C PRO C 122 23.91 25.00 18.97
N GLU C 123 23.23 24.21 19.80
CA GLU C 123 23.42 22.77 19.82
C GLU C 123 22.83 22.12 18.56
N GLU C 124 21.70 22.65 18.09
CA GLU C 124 21.09 22.15 16.87
C GLU C 124 22.03 22.39 15.68
N LEU C 125 22.69 23.54 15.66
CA LEU C 125 23.65 23.86 14.62
C LEU C 125 24.86 22.92 14.64
N LEU C 126 25.36 22.62 15.83
CA LEU C 126 26.43 21.63 15.97
C LEU C 126 26.04 20.33 15.27
N LEU C 127 24.80 19.89 15.47
CA LEU C 127 24.38 18.62 14.91
C LEU C 127 24.28 18.72 13.39
N MET C 128 23.95 19.90 12.88
CA MET C 128 23.94 20.12 11.44
C MET C 128 25.36 20.08 10.88
N LEU C 129 26.31 20.66 11.61
CA LEU C 129 27.72 20.64 11.20
C LEU C 129 28.20 19.20 11.10
N TYR C 130 27.91 18.41 12.14
CA TYR C 130 28.23 16.99 12.12
C TYR C 130 27.58 16.22 10.95
N SER C 131 26.33 16.53 10.63
CA SER C 131 25.62 15.87 9.53
C SER C 131 26.28 16.09 8.19
N ALA C 132 26.93 17.25 8.04
CA ALA C 132 27.58 17.62 6.79
C ALA C 132 28.93 16.95 6.63
N LEU C 133 29.50 16.48 7.74
CA LEU C 133 30.69 15.65 7.72
C LEU C 133 30.35 14.22 7.29
N LEU C 134 29.15 13.76 7.62
CA LEU C 134 28.74 12.42 7.24
C LEU C 134 27.95 12.32 5.93
N GLY C 135 27.32 13.42 5.49
CA GLY C 135 26.43 13.37 4.33
C GLY C 135 25.64 14.66 4.17
N GLU C 136 24.32 14.55 3.98
CA GLU C 136 23.45 15.73 3.88
C GLU C 136 22.30 15.59 4.88
N PRO C 137 22.01 16.66 5.65
CA PRO C 137 20.82 16.56 6.51
C PRO C 137 19.55 16.61 5.65
N PHE C 138 18.54 15.84 6.06
CA PHE C 138 17.27 15.85 5.36
C PHE C 138 16.19 15.58 6.38
N GLY C 139 14.94 15.82 6.02
CA GLY C 139 13.83 15.52 6.92
C GLY C 139 12.64 14.90 6.23
N TRP C 140 11.51 14.94 6.95
CA TRP C 140 10.31 14.24 6.55
C TRP C 140 9.18 15.18 6.68
N ALA C 141 8.50 15.43 5.56
CA ALA C 141 7.34 16.31 5.57
C ALA C 141 6.20 15.67 6.39
N THR C 142 6.32 14.37 6.62
CA THR C 142 5.31 13.60 7.36
C THR C 142 5.69 13.35 8.82
N GLN C 143 6.77 13.97 9.30
CA GLN C 143 7.23 13.79 10.69
C GLN C 143 7.71 15.09 11.31
N GLN C 144 7.18 15.40 12.49
CA GLN C 144 7.44 16.65 13.22
C GLN C 144 7.43 17.92 12.35
N ASP C 145 6.40 18.06 11.52
CA ASP C 145 6.21 19.27 10.68
C ASP C 145 7.37 19.56 9.72
N GLY C 146 8.17 18.56 9.39
CA GLY C 146 9.31 18.75 8.49
C GLY C 146 10.47 19.57 9.03
N HIS C 147 10.59 19.64 10.35
CA HIS C 147 11.78 20.24 10.98
C HIS C 147 12.97 19.38 10.67
N LEU C 148 14.09 20.00 10.33
CA LEU C 148 15.31 19.27 9.99
C LEU C 148 16.00 18.68 11.22
N VAL C 149 15.72 19.26 12.39
CA VAL C 149 16.24 18.73 13.66
C VAL C 149 15.05 18.26 14.50
N HIS C 150 15.01 16.98 14.83
CA HIS C 150 13.91 16.42 15.60
C HIS C 150 14.17 16.59 17.07
N ASP C 151 13.10 16.73 17.85
CA ASP C 151 13.19 16.65 19.32
C ASP C 151 12.89 15.26 19.83
N ILE C 152 13.64 14.86 20.86
CA ILE C 152 13.37 13.62 21.58
C ILE C 152 13.32 13.97 23.06
N PHE C 153 12.10 14.07 23.58
CA PHE C 153 11.87 14.26 25.01
C PHE C 153 10.49 13.72 25.41
N PRO C 154 10.31 13.38 26.70
CA PRO C 154 9.04 12.74 27.09
C PRO C 154 7.85 13.71 27.10
N ILE C 155 6.78 13.29 26.44
CA ILE C 155 5.53 14.03 26.37
C ILE C 155 4.47 13.15 27.06
N ARG C 156 3.71 13.75 27.98
CA ARG C 156 2.76 13.00 28.82
C ARG C 156 1.73 12.20 28.00
N SER C 157 1.24 12.80 26.93
CA SER C 157 0.31 12.15 25.99
C SER C 157 0.94 11.03 25.13
N HIS C 158 2.24 10.80 25.28
CA HIS C 158 2.92 9.73 24.53
C HIS C 158 3.59 8.72 25.43
N GLU C 159 3.34 8.85 26.73
CA GLU C 159 3.98 8.02 27.76
C GLU C 159 3.96 6.51 27.46
N ASN C 160 2.88 6.05 26.82
CA ASN C 160 2.73 4.63 26.48
C ASN C 160 2.91 4.34 24.99
N ASP C 161 3.53 5.27 24.27
CA ASP C 161 3.65 5.15 22.82
C ASP C 161 4.99 4.58 22.35
N GLN C 162 4.95 3.85 21.24
CA GLN C 162 6.16 3.39 20.58
C GLN C 162 6.74 4.55 19.74
N LEU C 163 7.10 5.63 20.43
CA LEU C 163 7.65 6.84 19.81
C LEU C 163 8.85 7.32 20.61
N GLY C 164 9.65 8.18 19.99
CA GLY C 164 10.74 8.85 20.67
C GLY C 164 10.25 9.67 21.86
N MET C 165 9.04 10.21 21.77
CA MET C 165 8.46 11.00 22.87
C MET C 165 7.85 10.15 23.98
N GLY C 166 8.05 8.83 23.91
CA GLY C 166 7.62 7.92 24.96
C GLY C 166 8.52 7.93 26.18
N SER C 167 8.27 7.00 27.11
CA SER C 167 9.07 6.89 28.32
C SER C 167 8.86 5.55 29.03
N LYS C 168 7.64 5.31 29.48
CA LYS C 168 7.27 4.13 30.28
C LYS C 168 7.45 2.78 29.59
N GLN C 169 7.17 2.73 28.28
CA GLN C 169 7.30 1.50 27.52
C GLN C 169 8.63 1.46 26.78
N LEU C 170 9.31 0.33 26.88
CA LEU C 170 10.55 0.08 26.15
C LEU C 170 10.43 0.46 24.68
N LEU C 171 11.34 1.32 24.21
CA LEU C 171 11.42 1.61 22.77
C LEU C 171 12.11 0.42 22.09
N THR C 172 11.30 -0.43 21.47
CA THR C 172 11.80 -1.64 20.84
C THR C 172 12.82 -1.28 19.77
N TRP C 173 13.87 -2.06 19.68
CA TRP C 173 14.96 -1.73 18.78
C TRP C 173 14.53 -1.85 17.35
N HIS C 174 15.13 -1.02 16.50
CA HIS C 174 14.78 -0.92 15.08
C HIS C 174 15.79 -0.11 14.30
N THR C 175 15.80 -0.34 12.99
CA THR C 175 16.40 0.57 12.04
C THR C 175 15.44 1.75 11.91
N GLU C 176 15.96 2.97 11.92
CA GLU C 176 15.12 4.16 11.73
C GLU C 176 14.49 4.17 10.33
N ASP C 177 13.18 4.42 10.30
CA ASP C 177 12.37 4.38 9.06
C ASP C 177 12.67 3.12 8.22
N ALA C 178 12.73 1.98 8.89
CA ALA C 178 13.04 0.69 8.24
C ALA C 178 12.20 0.42 6.99
N PHE C 179 10.95 0.85 7.02
CA PHE C 179 9.97 0.64 5.95
C PHE C 179 10.31 1.39 4.65
N HIS C 180 10.97 2.55 4.80
CA HIS C 180 11.17 3.52 3.73
C HIS C 180 12.42 3.27 2.94
N PRO C 181 12.34 3.32 1.60
CA PRO C 181 13.53 3.09 0.76
C PRO C 181 14.55 4.23 0.80
N TYR C 182 14.14 5.39 1.31
CA TYR C 182 15.03 6.55 1.40
C TYR C 182 15.30 6.94 2.84
N ARG C 183 15.20 5.95 3.72
CA ARG C 183 15.54 6.10 5.13
C ARG C 183 16.97 6.60 5.32
N SER C 184 17.26 7.15 6.51
CA SER C 184 18.59 7.66 6.84
C SER C 184 19.68 6.64 6.61
N ASP C 185 20.85 7.13 6.22
CA ASP C 185 22.08 6.36 6.22
C ASP C 185 22.77 6.48 7.58
N TYR C 186 22.67 7.65 8.21
CA TYR C 186 23.16 7.87 9.58
C TYR C 186 22.16 8.70 10.38
N LEU C 187 22.22 8.55 11.70
CA LEU C 187 21.49 9.41 12.62
C LEU C 187 22.49 10.04 13.57
N ILE C 188 22.25 11.29 13.90
CA ILE C 188 23.04 12.02 14.87
C ILE C 188 22.12 12.37 16.05
N LEU C 189 22.45 11.80 17.20
CA LEU C 189 21.72 12.05 18.43
C LEU C 189 22.58 12.85 19.40
N GLY C 190 22.15 14.08 19.70
CA GLY C 190 22.87 14.93 20.65
C GLY C 190 22.09 15.06 21.94
N ALA C 191 22.70 14.64 23.05
CA ALA C 191 22.04 14.66 24.37
C ALA C 191 22.19 16.00 25.07
N LEU C 192 21.15 16.83 25.00
CA LEU C 192 21.17 18.13 25.67
C LEU C 192 21.22 17.89 27.18
N ARG C 193 20.42 16.93 27.65
CA ARG C 193 20.46 16.46 29.04
C ARG C 193 19.93 15.03 29.17
N ASN C 194 20.41 14.34 30.20
CA ASN C 194 20.01 12.98 30.53
C ASN C 194 20.38 12.72 32.01
N PRO C 195 19.70 13.43 32.96
CA PRO C 195 20.08 13.43 34.38
C PRO C 195 20.00 12.09 35.09
N ASP C 196 19.07 11.22 34.68
CA ASP C 196 18.94 9.90 35.28
C ASP C 196 19.64 8.80 34.46
N HIS C 197 20.42 9.21 33.45
CA HIS C 197 21.27 8.30 32.66
C HIS C 197 20.51 7.18 31.98
N VAL C 198 19.37 7.51 31.40
CA VAL C 198 18.60 6.52 30.63
C VAL C 198 19.44 6.04 29.42
N PRO C 199 19.61 4.70 29.29
CA PRO C 199 20.43 4.18 28.20
C PRO C 199 19.72 4.12 26.85
N THR C 200 20.46 4.44 25.79
CA THR C 200 20.08 4.06 24.44
C THR C 200 20.55 2.62 24.28
N THR C 201 19.77 1.81 23.56
CA THR C 201 20.22 0.47 23.19
C THR C 201 20.64 0.48 21.74
N VAL C 202 21.73 -0.21 21.43
CA VAL C 202 22.20 -0.31 20.04
C VAL C 202 22.88 -1.66 19.78
N GLY C 203 22.54 -2.24 18.64
CA GLY C 203 23.01 -3.57 18.30
C GLY C 203 23.43 -3.68 16.85
N GLU C 204 24.46 -4.48 16.63
CA GLU C 204 24.98 -4.75 15.31
C GLU C 204 24.62 -6.15 14.85
N LEU C 205 25.11 -6.51 13.66
CA LEU C 205 24.91 -7.81 13.08
C LEU C 205 26.15 -8.66 13.34
N ASP C 206 25.95 -9.77 14.05
CA ASP C 206 27.02 -10.76 14.28
C ASP C 206 26.72 -11.98 13.41
N LEU C 207 27.77 -12.53 12.80
CA LEU C 207 27.62 -13.66 11.88
C LEU C 207 28.17 -14.97 12.44
N SER C 208 28.45 -15.00 13.75
CA SER C 208 29.11 -16.18 14.33
C SER C 208 28.18 -17.39 14.53
N SER C 209 26.89 -17.23 14.24
CA SER C 209 25.94 -18.34 14.26
C SER C 209 25.07 -18.41 13.00
N LEU C 210 25.47 -17.70 11.95
CA LEU C 210 24.68 -17.61 10.71
C LEU C 210 25.44 -18.13 9.49
N SER C 211 24.77 -18.95 8.70
CA SER C 211 25.39 -19.60 7.54
C SER C 211 25.23 -18.77 6.27
N ALA C 212 26.14 -18.98 5.33
CA ALA C 212 26.00 -18.42 3.99
C ALA C 212 24.58 -18.64 3.47
N GLU C 213 23.99 -19.78 3.79
CA GLU C 213 22.64 -20.15 3.37
C GLU C 213 21.54 -19.32 4.05
N ASP C 214 21.70 -19.06 5.35
CA ASP C 214 20.76 -18.19 6.10
C ASP C 214 20.79 -16.76 5.55
N ILE C 215 22.00 -16.27 5.34
CA ILE C 215 22.25 -14.92 4.80
C ILE C 215 21.61 -14.76 3.41
N ASP C 216 21.78 -15.76 2.54
CA ASP C 216 21.14 -15.73 1.22
C ASP C 216 19.61 -15.57 1.29
N VAL C 217 18.99 -16.23 2.27
CA VAL C 217 17.52 -16.14 2.44
C VAL C 217 17.11 -14.75 2.90
N LEU C 218 17.95 -14.12 3.73
CA LEU C 218 17.64 -12.79 4.27
C LEU C 218 17.84 -11.69 3.24
N PHE C 219 18.70 -11.96 2.27
CA PHE C 219 18.95 -11.07 1.12
C PHE C 219 17.80 -11.06 0.11
N GLU C 220 16.83 -11.95 0.28
CA GLU C 220 15.73 -12.07 -0.68
C GLU C 220 14.48 -11.31 -0.24
N PRO C 221 13.71 -10.76 -1.21
CA PRO C 221 12.51 -10.00 -0.89
C PRO C 221 11.35 -10.87 -0.42
N ARG C 222 11.40 -11.30 0.83
CA ARG C 222 10.43 -12.25 1.35
C ARG C 222 9.82 -11.80 2.67
N TYR C 223 10.11 -10.56 3.07
CA TYR C 223 9.70 -10.05 4.38
C TYR C 223 8.88 -8.75 4.26
N HIS C 224 7.97 -8.53 5.21
CA HIS C 224 7.17 -7.33 5.24
C HIS C 224 7.54 -6.45 6.40
N ILE C 225 7.76 -5.16 6.14
CA ILE C 225 7.94 -4.15 7.19
C ILE C 225 7.00 -2.97 6.96
N ALA C 226 6.22 -2.62 7.98
CA ALA C 226 5.26 -1.51 7.92
C ALA C 226 5.79 -0.24 8.59
N PRO C 227 5.12 0.92 8.39
CA PRO C 227 5.50 2.20 8.98
C PRO C 227 5.00 2.45 10.40
N ASP C 228 5.78 3.20 11.18
CA ASP C 228 5.42 3.60 12.55
C ASP C 228 4.55 4.86 12.59
N GLU C 229 4.07 5.18 13.78
CA GLU C 229 3.04 6.20 14.01
C GLU C 229 3.51 7.67 14.03
N SER C 230 4.81 7.94 14.00
CA SER C 230 5.29 9.33 13.89
C SER C 230 4.95 9.95 12.52
N HIS C 231 4.65 9.08 11.54
CA HIS C 231 4.28 9.52 10.20
C HIS C 231 2.79 9.70 10.00
N LEU C 232 1.99 9.43 11.04
CA LEU C 232 0.54 9.63 10.97
C LEU C 232 0.16 11.10 11.06
N PRO C 233 -0.90 11.52 10.35
CA PRO C 233 -1.43 12.89 10.41
C PRO C 233 -1.84 13.28 11.82
N LYS C 234 -2.16 12.28 12.64
CA LYS C 234 -2.49 12.44 14.06
C LYS C 234 -1.35 13.12 14.84
N ASN C 235 -0.11 12.83 14.45
CA ASN C 235 1.06 13.31 15.18
C ASN C 235 1.79 14.46 14.48
N ASN C 236 1.05 15.17 13.63
CA ASN C 236 1.53 16.34 12.91
C ASN C 236 0.40 17.37 12.86
N THR C 237 0.73 18.65 12.69
CA THR C 237 -0.31 19.63 12.35
C THR C 237 -0.62 19.55 10.85
N ILE C 238 -1.83 19.96 10.46
CA ILE C 238 -2.33 19.69 9.11
C ILE C 238 -2.92 20.93 8.45
N ALA C 239 -3.92 20.70 7.59
CA ALA C 239 -4.82 21.73 7.09
C ALA C 239 -5.99 21.01 6.44
N THR C 240 -6.92 20.56 7.29
CA THR C 240 -7.89 19.49 6.96
C THR C 240 -7.15 18.26 6.40
N GLU C 241 -7.73 17.60 5.40
CA GLU C 241 -7.14 16.37 4.86
C GLU C 241 -6.74 16.47 3.38
N GLU C 242 -5.47 16.69 3.07
CA GLU C 242 -4.38 16.98 4.01
C GLU C 242 -3.31 17.78 3.27
N GLU C 243 -3.65 19.01 2.90
CA GLU C 243 -2.88 19.78 1.90
C GLU C 243 -2.58 18.89 0.70
N ALA C 244 -3.66 18.28 0.19
CA ALA C 244 -3.62 17.24 -0.84
C ALA C 244 -2.79 16.00 -0.44
N ALA C 245 -1.54 15.96 -0.89
CA ALA C 245 -0.75 14.74 -0.86
C ALA C 245 0.45 14.74 0.08
N ARG C 246 0.33 15.40 1.24
CA ARG C 246 1.46 15.44 2.19
C ARG C 246 1.82 14.06 2.72
N PHE C 247 0.81 13.25 3.01
CA PHE C 247 1.00 11.90 3.54
C PHE C 247 0.82 10.83 2.47
N ALA C 248 0.71 11.24 1.21
CA ALA C 248 0.46 10.31 0.09
C ALA C 248 1.47 9.20 -0.04
N THR C 249 2.75 9.54 0.09
CA THR C 249 3.84 8.55 -0.02
C THR C 249 3.74 7.44 1.04
N ILE C 250 3.56 7.82 2.30
CA ILE C 250 3.43 6.80 3.35
C ILE C 250 2.10 6.03 3.22
N GLN C 251 1.04 6.74 2.84
CA GLN C 251 -0.27 6.13 2.51
C GLN C 251 -0.10 5.00 1.49
N ARG C 252 0.61 5.32 0.41
CA ARG C 252 0.88 4.39 -0.70
C ARG C 252 1.57 3.12 -0.21
N MET C 253 2.56 3.28 0.67
CA MET C 253 3.34 2.16 1.23
C MET C 253 2.49 1.19 2.06
N ILE C 254 1.75 1.74 3.02
CA ILE C 254 0.73 1.01 3.79
C ILE C 254 -0.21 0.24 2.84
N ASP C 255 -0.81 0.95 1.90
CA ASP C 255 -1.72 0.35 0.92
C ASP C 255 -0.94 -0.31 -0.20
N GLU C 256 -0.10 -1.30 0.16
CA GLU C 256 0.77 -1.99 -0.81
C GLU C 256 1.49 -3.15 -0.12
N ARG C 257 1.95 -2.91 1.10
CA ARG C 257 2.58 -3.93 1.95
C ARG C 257 3.63 -4.79 1.24
N PRO C 258 4.59 -4.16 0.53
CA PRO C 258 5.48 -4.90 -0.37
C PRO C 258 6.49 -5.75 0.38
N LEU C 259 7.01 -6.78 -0.28
CA LEU C 259 8.00 -7.68 0.34
C LEU C 259 9.42 -7.30 -0.05
N GLY C 260 10.24 -6.97 0.95
CA GLY C 260 11.62 -6.55 0.73
C GLY C 260 12.63 -7.40 1.48
N PRO C 261 13.93 -7.16 1.23
CA PRO C 261 14.95 -7.91 1.98
C PRO C 261 15.12 -7.37 3.39
N LEU C 262 15.84 -8.11 4.23
CA LEU C 262 16.25 -7.63 5.55
C LEU C 262 17.75 -7.38 5.59
N LEU C 263 18.50 -8.15 4.80
CA LEU C 263 19.93 -7.91 4.62
C LEU C 263 20.22 -7.53 3.16
N TYR C 264 21.21 -6.66 2.96
CA TYR C 264 21.61 -6.18 1.64
C TYR C 264 23.09 -5.79 1.65
N GLY C 265 23.61 -5.38 0.50
CA GLY C 265 25.03 -5.07 0.38
C GLY C 265 25.84 -6.33 0.09
N SER C 266 26.98 -6.48 0.74
CA SER C 266 27.81 -7.66 0.57
C SER C 266 27.33 -8.81 1.44
N ARG C 267 27.14 -9.98 0.84
CA ARG C 267 26.74 -11.19 1.57
C ARG C 267 27.76 -11.60 2.61
N LEU C 268 29.01 -11.19 2.41
CA LEU C 268 30.07 -11.45 3.38
C LEU C 268 30.01 -10.55 4.60
N ASP C 269 29.34 -9.40 4.47
CA ASP C 269 29.37 -8.35 5.51
C ASP C 269 28.15 -7.43 5.35
N PRO C 270 26.94 -7.97 5.57
CA PRO C 270 25.69 -7.34 5.13
C PRO C 270 25.24 -6.11 5.92
N TYR C 271 24.57 -5.19 5.23
CA TYR C 271 23.83 -4.11 5.84
C TYR C 271 22.49 -4.69 6.26
N MET C 272 21.80 -4.03 7.18
CA MET C 272 20.50 -4.54 7.63
C MET C 272 19.40 -3.48 7.72
N ARG C 273 18.16 -3.90 7.46
CA ARG C 273 17.00 -3.10 7.79
C ARG C 273 16.03 -4.01 8.53
N LEU C 274 15.65 -3.59 9.74
CA LEU C 274 15.04 -4.47 10.72
C LEU C 274 14.16 -3.66 11.64
N ASP C 275 12.88 -4.02 11.73
CA ASP C 275 11.95 -3.38 12.66
C ASP C 275 10.96 -4.44 13.14
N PRO C 276 11.38 -5.27 14.11
CA PRO C 276 10.57 -6.43 14.49
C PRO C 276 9.11 -6.09 14.76
N TYR C 277 8.87 -5.09 15.61
CA TYR C 277 7.52 -4.67 15.97
C TYR C 277 6.58 -4.43 14.78
N PHE C 278 7.14 -4.04 13.63
CA PHE C 278 6.34 -3.76 12.44
C PHE C 278 6.63 -4.75 11.31
N THR C 279 7.09 -5.96 11.67
CA THR C 279 7.45 -6.99 10.69
C THR C 279 6.50 -8.20 10.70
N SER C 280 6.22 -8.72 9.50
CA SER C 280 5.50 -9.98 9.33
C SER C 280 6.13 -10.78 8.20
N VAL C 281 5.98 -12.11 8.27
CA VAL C 281 6.52 -13.03 7.26
C VAL C 281 5.41 -13.98 6.81
N PRO C 282 5.15 -14.07 5.49
CA PRO C 282 4.12 -14.98 4.95
C PRO C 282 4.26 -16.38 5.53
N GLN C 283 3.13 -16.98 5.93
CA GLN C 283 3.12 -18.23 6.70
C GLN C 283 3.68 -19.43 5.92
N ASP C 284 3.44 -19.47 4.62
CA ASP C 284 3.93 -20.56 3.77
C ASP C 284 5.45 -20.58 3.68
N ASP C 285 6.09 -19.41 3.74
CA ASP C 285 7.53 -19.29 3.50
C ASP C 285 8.36 -19.70 4.74
N THR C 286 8.42 -21.01 4.96
CA THR C 286 9.13 -21.64 6.07
C THR C 286 10.57 -21.19 6.21
N ASP C 287 11.29 -21.18 5.09
CA ASP C 287 12.68 -20.80 5.09
C ASP C 287 12.86 -19.36 5.57
N ALA C 288 11.95 -18.47 5.16
CA ALA C 288 12.01 -17.05 5.53
C ALA C 288 11.78 -16.87 7.03
N ARG C 289 10.73 -17.52 7.54
CA ARG C 289 10.37 -17.43 8.95
C ARG C 289 11.50 -17.92 9.87
N ARG C 290 12.10 -19.07 9.52
CA ARG C 290 13.22 -19.60 10.29
C ARG C 290 14.41 -18.64 10.23
N ALA C 291 14.71 -18.14 9.03
CA ALA C 291 15.81 -17.20 8.85
C ALA C 291 15.57 -15.91 9.64
N TYR C 292 14.37 -15.33 9.52
CA TYR C 292 14.02 -14.14 10.30
C TYR C 292 14.12 -14.38 11.81
N ASP C 293 13.48 -15.44 12.28
CA ASP C 293 13.53 -15.81 13.69
C ASP C 293 14.98 -15.87 14.16
N ALA C 294 15.84 -16.53 13.39
CA ALA C 294 17.27 -16.60 13.70
C ALA C 294 17.89 -15.21 13.80
N LEU C 295 17.59 -14.36 12.81
CA LEU C 295 18.13 -12.99 12.74
C LEU C 295 17.72 -12.16 13.95
N PHE C 296 16.42 -12.13 14.24
CA PHE C 296 15.92 -11.42 15.43
C PHE C 296 16.66 -11.84 16.69
N LYS C 297 16.86 -13.15 16.88
CA LYS C 297 17.53 -13.65 18.09
C LYS C 297 19.00 -13.25 18.14
N VAL C 298 19.66 -13.31 16.97
CA VAL C 298 21.05 -12.91 16.85
C VAL C 298 21.24 -11.44 17.24
N VAL C 299 20.41 -10.56 16.69
CA VAL C 299 20.49 -9.12 16.98
C VAL C 299 20.04 -8.82 18.42
N ASP C 300 18.98 -9.47 18.88
CA ASP C 300 18.50 -9.25 20.25
C ASP C 300 19.58 -9.59 21.29
N SER C 301 20.25 -10.73 21.13
CA SER C 301 21.29 -11.15 22.08
C SER C 301 22.55 -10.26 22.05
N GLY C 302 22.82 -9.62 20.91
CA GLY C 302 23.96 -8.71 20.79
C GLY C 302 23.73 -7.26 21.21
N MET C 303 22.52 -6.92 21.65
CA MET C 303 22.17 -5.53 22.00
C MET C 303 23.04 -4.98 23.15
N ARG C 304 23.44 -3.71 23.01
CA ARG C 304 24.28 -3.04 24.00
C ARG C 304 23.53 -1.86 24.59
N GLU C 305 23.89 -1.49 25.81
CA GLU C 305 23.40 -0.25 26.39
C GLU C 305 24.49 0.82 26.25
N VAL C 306 24.11 1.97 25.70
CA VAL C 306 25.00 3.10 25.50
C VAL C 306 24.28 4.32 26.12
N VAL C 307 24.88 4.94 27.12
CA VAL C 307 24.25 6.08 27.78
C VAL C 307 24.70 7.36 27.10
N ALA C 308 23.77 8.06 26.47
CA ALA C 308 24.09 9.36 25.89
C ALA C 308 23.87 10.39 27.00
N ASP C 309 24.95 10.78 27.66
CA ASP C 309 24.90 11.79 28.72
C ASP C 309 25.03 13.19 28.16
N GLN C 310 24.69 14.18 29.00
CA GLN C 310 24.82 15.59 28.62
C GLN C 310 26.19 15.83 28.00
N GLY C 311 26.19 16.54 26.87
CA GLY C 311 27.43 16.85 26.17
C GLY C 311 27.89 15.79 25.16
N ASP C 312 27.16 14.68 25.06
CA ASP C 312 27.52 13.58 24.18
C ASP C 312 26.77 13.68 22.87
N VAL C 313 27.48 13.40 21.77
CA VAL C 313 26.85 13.22 20.47
C VAL C 313 27.10 11.78 20.04
N LEU C 314 26.00 11.03 19.90
CA LEU C 314 25.99 9.65 19.43
C LEU C 314 25.67 9.62 17.93
N PHE C 315 26.52 8.92 17.19
CA PHE C 315 26.42 8.79 15.76
C PHE C 315 26.05 7.34 15.45
N ILE C 316 24.89 7.14 14.82
CA ILE C 316 24.42 5.80 14.50
C ILE C 316 24.49 5.52 12.99
N ASP C 317 25.17 4.43 12.62
CA ASP C 317 25.13 3.92 11.24
C ASP C 317 23.80 3.17 11.08
N ASN C 318 22.87 3.76 10.34
CA ASN C 318 21.54 3.19 10.19
C ASN C 318 21.52 1.93 9.32
N HIS C 319 22.64 1.62 8.68
CA HIS C 319 22.79 0.38 7.91
C HIS C 319 23.43 -0.74 8.68
N ARG C 320 24.15 -0.41 9.75
CA ARG C 320 24.88 -1.44 10.51
C ARG C 320 24.44 -1.55 11.95
N ALA C 321 23.48 -0.72 12.36
CA ALA C 321 23.00 -0.76 13.73
C ALA C 321 21.51 -0.52 13.83
N VAL C 322 20.87 -1.25 14.75
CA VAL C 322 19.52 -0.98 15.21
C VAL C 322 19.62 -0.25 16.55
N HIS C 323 18.58 0.46 16.94
CA HIS C 323 18.66 1.23 18.18
C HIS C 323 17.33 1.29 18.85
N GLY C 324 17.37 1.44 20.18
CA GLY C 324 16.14 1.59 20.94
C GLY C 324 16.40 2.36 22.22
N ARG C 325 15.50 2.21 23.19
CA ARG C 325 15.64 2.99 24.43
C ARG C 325 14.91 2.30 25.59
N LEU C 326 15.58 2.17 26.72
CA LEU C 326 14.99 1.51 27.89
C LEU C 326 13.84 2.32 28.51
N PRO C 327 12.89 1.62 29.19
CA PRO C 327 11.81 2.31 29.90
C PRO C 327 12.38 3.28 30.93
N PHE C 328 11.69 4.38 31.18
CA PHE C 328 12.07 5.29 32.25
C PHE C 328 10.89 6.11 32.79
N GLN C 329 11.10 6.75 33.94
CA GLN C 329 10.06 7.54 34.59
C GLN C 329 10.31 9.02 34.40
N ALA C 330 9.52 9.64 33.52
CA ALA C 330 9.65 11.07 33.26
C ALA C 330 9.07 11.89 34.40
N ARG C 331 9.57 13.12 34.54
CA ARG C 331 9.13 14.03 35.60
C ARG C 331 8.12 15.07 35.12
N TYR C 332 8.19 15.40 33.82
CA TYR C 332 7.30 16.39 33.18
C TYR C 332 7.33 17.78 33.82
N ASP C 333 8.46 18.12 34.41
CA ASP C 333 8.61 19.38 35.14
C ASP C 333 9.63 20.32 34.47
N GLY C 334 9.99 20.00 33.22
CA GLY C 334 10.98 20.78 32.48
C GLY C 334 12.43 20.39 32.75
N THR C 335 12.63 19.27 33.44
CA THR C 335 13.99 18.81 33.76
C THR C 335 14.32 17.46 33.11
N ASP C 336 13.42 16.99 32.26
CA ASP C 336 13.58 15.68 31.64
C ASP C 336 14.67 15.59 30.59
N ARG C 337 15.14 14.36 30.39
CA ARG C 337 15.98 13.95 29.27
C ARG C 337 15.54 14.63 27.98
N TRP C 338 16.50 15.19 27.26
CA TRP C 338 16.24 15.90 26.02
C TRP C 338 17.33 15.62 25.04
N LEU C 339 16.98 14.94 23.95
CA LEU C 339 17.91 14.61 22.88
C LEU C 339 17.47 15.26 21.57
N LYS C 340 18.43 15.65 20.74
CA LYS C 340 18.14 16.13 19.39
C LYS C 340 18.59 15.09 18.39
N ARG C 341 17.90 15.05 17.25
CA ARG C 341 18.22 14.11 16.19
C ARG C 341 18.20 14.79 14.85
N VAL C 342 19.20 14.46 14.03
CA VAL C 342 19.29 14.92 12.65
C VAL C 342 19.44 13.66 11.81
N CYS C 343 18.59 13.55 10.79
CA CYS C 343 18.65 12.46 9.82
C CYS C 343 19.65 12.81 8.71
N VAL C 344 20.50 11.85 8.33
CA VAL C 344 21.58 12.08 7.37
C VAL C 344 21.48 11.14 6.16
N THR C 345 21.49 11.71 4.97
CA THR C 345 21.52 10.90 3.74
C THR C 345 22.85 11.04 3.00
N SER C 346 23.36 9.92 2.50
CA SER C 346 24.55 9.92 1.67
C SER C 346 24.25 10.43 0.26
N ASP C 347 23.00 10.32 -0.19
CA ASP C 347 22.63 10.73 -1.55
C ASP C 347 21.22 11.34 -1.60
N LEU C 348 21.17 12.68 -1.52
CA LEU C 348 19.92 13.43 -1.55
C LEU C 348 19.15 13.25 -2.87
N ARG C 349 19.88 13.13 -3.98
CA ARG C 349 19.29 12.95 -5.32
C ARG C 349 18.58 11.62 -5.54
N ARG C 350 18.96 10.61 -4.73
CA ARG C 350 18.33 9.29 -4.79
C ARG C 350 16.84 9.32 -4.43
N SER C 351 16.46 10.25 -3.56
CA SER C 351 15.06 10.40 -3.16
C SER C 351 14.31 11.45 -3.98
N ARG C 352 14.84 11.81 -5.16
CA ARG C 352 14.22 12.90 -5.94
C ARG C 352 12.74 12.66 -6.24
N GLU C 353 12.38 11.41 -6.52
CA GLU C 353 11.01 11.06 -6.91
C GLU C 353 10.01 11.17 -5.75
N MET C 354 10.51 11.36 -4.52
CA MET C 354 9.63 11.55 -3.37
C MET C 354 9.82 12.92 -2.74
N ARG C 355 10.47 13.81 -3.48
CA ARG C 355 10.64 15.19 -3.03
C ARG C 355 9.97 16.13 -4.00
N ALA C 356 9.35 17.18 -3.45
CA ALA C 356 8.52 18.13 -4.18
C ALA C 356 9.27 18.89 -5.27
N THR C 357 10.47 19.37 -4.94
CA THR C 357 11.34 20.09 -5.86
C THR C 357 12.75 19.51 -5.71
N SER C 358 13.66 19.90 -6.61
CA SER C 358 15.07 19.51 -6.49
C SER C 358 15.74 20.13 -5.26
N ALA C 359 15.29 21.33 -4.90
CA ALA C 359 15.87 22.12 -3.81
C ALA C 359 15.51 21.61 -2.42
N THR C 360 14.34 20.99 -2.26
CA THR C 360 13.84 20.64 -0.93
C THR C 360 14.53 19.43 -0.31
N ARG C 361 14.71 19.47 1.00
CA ARG C 361 15.32 18.38 1.76
C ARG C 361 14.27 17.54 2.49
N LEU C 362 12.99 17.79 2.24
CA LEU C 362 11.94 17.04 2.90
C LEU C 362 11.29 16.01 1.98
N LEU C 363 11.22 14.78 2.48
CA LEU C 363 10.56 13.69 1.75
C LEU C 363 9.05 13.73 1.99
N GLY C 364 8.28 13.56 0.91
CA GLY C 364 6.83 13.60 1.01
C GLY C 364 6.16 14.22 -0.21
N THR D 29 24.33 28.47 -19.20
CA THR D 29 25.06 27.66 -18.18
C THR D 29 26.15 28.50 -17.50
N PRO D 30 25.98 28.76 -16.18
CA PRO D 30 26.95 29.57 -15.43
C PRO D 30 28.34 28.94 -15.36
N SER D 31 29.34 29.79 -15.13
CA SER D 31 30.72 29.36 -14.93
C SER D 31 31.45 30.36 -14.01
N TYR D 32 32.54 29.90 -13.42
CA TYR D 32 33.30 30.70 -12.47
C TYR D 32 34.71 30.88 -13.02
N SER D 33 35.17 32.12 -13.06
CA SER D 33 36.50 32.43 -13.55
C SER D 33 37.36 32.84 -12.37
N LEU D 34 38.49 32.20 -12.20
CA LEU D 34 39.40 32.55 -11.12
C LEU D 34 40.13 33.88 -11.40
N THR D 35 40.21 34.74 -10.40
CA THR D 35 41.10 35.90 -10.42
C THR D 35 42.53 35.38 -10.36
N PRO D 36 43.52 36.21 -10.77
CA PRO D 36 44.93 35.82 -10.65
C PRO D 36 45.35 35.41 -9.23
N ALA D 37 44.71 35.99 -8.21
CA ALA D 37 45.02 35.67 -6.81
C ALA D 37 44.52 34.28 -6.44
N GLU D 38 43.27 33.97 -6.79
CA GLU D 38 42.68 32.65 -6.56
C GLU D 38 43.43 31.51 -7.25
N ALA D 39 43.80 31.70 -8.51
CA ALA D 39 44.58 30.69 -9.23
C ALA D 39 45.93 30.42 -8.55
N SER D 40 46.56 31.48 -8.07
CA SER D 40 47.84 31.39 -7.40
C SER D 40 47.73 30.63 -6.09
N ALA D 41 46.67 30.89 -5.34
CA ALA D 41 46.42 30.20 -4.07
C ALA D 41 46.13 28.71 -4.27
N VAL D 42 45.35 28.40 -5.31
CA VAL D 42 45.05 27.01 -5.66
C VAL D 42 46.34 26.26 -6.01
N ALA D 43 47.11 26.82 -6.94
CA ALA D 43 48.36 26.21 -7.40
C ALA D 43 49.31 25.90 -6.24
N GLU D 44 49.46 26.83 -5.31
CA GLU D 44 50.36 26.63 -4.18
C GLU D 44 49.84 25.61 -3.16
N LEU D 45 48.52 25.60 -2.94
CA LEU D 45 47.91 24.59 -2.07
C LEU D 45 48.20 23.21 -2.65
N THR D 46 48.01 23.12 -3.95
CA THR D 46 48.13 21.87 -4.69
C THR D 46 49.59 21.36 -4.71
N LEU D 47 50.56 22.26 -4.77
CA LEU D 47 51.98 21.89 -4.76
C LEU D 47 52.40 21.43 -3.37
N GLU D 48 51.91 22.14 -2.34
CA GLU D 48 52.10 21.77 -0.93
C GLU D 48 51.62 20.34 -0.66
N LEU D 49 50.43 20.02 -1.17
CA LEU D 49 49.83 18.72 -0.96
C LEU D 49 50.57 17.60 -1.71
N ALA D 50 51.01 17.89 -2.92
CA ALA D 50 51.85 16.97 -3.70
C ALA D 50 53.12 16.62 -2.93
N ALA D 51 53.70 17.63 -2.28
CA ALA D 51 54.88 17.42 -1.43
C ALA D 51 54.59 16.60 -0.17
N ALA D 52 53.41 16.80 0.43
CA ALA D 52 53.11 16.21 1.74
C ALA D 52 52.68 14.74 1.73
N TYR D 53 52.06 14.30 0.62
CA TYR D 53 51.52 12.95 0.49
C TYR D 53 52.19 12.20 -0.67
N GLY D 54 52.32 10.89 -0.52
CA GLY D 54 53.07 10.05 -1.48
C GLY D 54 52.36 9.82 -2.80
N SER D 55 51.09 9.43 -2.71
CA SER D 55 50.26 9.16 -3.88
C SER D 55 48.83 8.97 -3.39
N PHE D 56 47.94 8.54 -4.29
CA PHE D 56 46.58 8.18 -3.91
C PHE D 56 46.50 6.84 -3.18
N GLY D 57 47.63 6.11 -3.18
CA GLY D 57 47.74 4.86 -2.42
C GLY D 57 47.70 5.12 -0.92
N ASP D 58 47.89 6.38 -0.54
CA ASP D 58 47.89 6.78 0.86
C ASP D 58 46.44 6.92 1.37
N PRO D 59 46.01 6.00 2.26
CA PRO D 59 44.66 6.09 2.81
C PRO D 59 44.43 7.38 3.62
N VAL D 60 45.51 7.97 4.12
CA VAL D 60 45.42 9.24 4.87
C VAL D 60 45.03 10.39 3.93
N LEU D 61 45.58 10.38 2.72
CA LEU D 61 45.18 11.37 1.72
C LEU D 61 43.69 11.30 1.44
N LEU D 62 43.19 10.09 1.19
CA LEU D 62 41.76 9.89 0.90
C LEU D 62 40.90 10.29 2.10
N ARG D 63 41.42 10.04 3.31
CA ARG D 63 40.76 10.49 4.54
C ARG D 63 40.68 12.01 4.58
N ASP D 64 41.79 12.69 4.32
CA ASP D 64 41.91 14.13 4.49
C ASP D 64 41.23 15.00 3.42
N LEU D 65 40.88 14.38 2.28
CA LEU D 65 40.33 15.08 1.11
C LEU D 65 39.28 16.20 1.38
N PRO D 66 38.14 15.87 2.04
CA PRO D 66 37.14 16.94 2.24
C PRO D 66 37.66 18.10 3.11
N ARG D 67 38.41 17.78 4.16
CA ARG D 67 39.09 18.80 4.98
C ARG D 67 40.05 19.63 4.13
N LEU D 68 40.87 18.96 3.32
CA LEU D 68 41.84 19.63 2.47
C LEU D 68 41.18 20.56 1.45
N ALA D 69 40.02 20.15 0.93
CA ALA D 69 39.26 20.93 -0.04
C ALA D 69 38.68 22.21 0.55
N ALA D 70 38.54 22.25 1.87
CA ALA D 70 38.03 23.45 2.57
C ALA D 70 39.06 24.58 2.60
N ARG D 71 40.29 24.26 2.21
CA ARG D 71 41.35 25.26 2.07
C ARG D 71 41.36 25.92 0.69
N LEU D 72 40.55 25.41 -0.23
CA LEU D 72 40.35 26.05 -1.53
C LEU D 72 39.70 27.42 -1.33
N PRO D 73 39.84 28.34 -2.32
CA PRO D 73 39.17 29.64 -2.17
C PRO D 73 37.69 29.49 -1.85
N GLU D 74 37.20 30.33 -0.95
CA GLU D 74 35.82 30.28 -0.48
C GLU D 74 34.76 30.38 -1.60
N GLY D 75 34.99 31.29 -2.55
CA GLY D 75 34.08 31.51 -3.67
C GLY D 75 33.98 30.31 -4.60
N VAL D 76 35.09 29.57 -4.70
CA VAL D 76 35.12 28.31 -5.45
C VAL D 76 34.25 27.25 -4.76
N GLN D 77 34.43 27.09 -3.44
CA GLN D 77 33.65 26.13 -2.68
C GLN D 77 32.17 26.45 -2.76
N ASP D 78 31.83 27.72 -2.61
CA ASP D 78 30.43 28.15 -2.65
C ASP D 78 29.82 27.94 -4.04
N PHE D 79 30.63 28.13 -5.07
CA PHE D 79 30.14 27.96 -6.44
C PHE D 79 29.84 26.50 -6.76
N LEU D 80 30.77 25.61 -6.46
CA LEU D 80 30.56 24.17 -6.66
C LEU D 80 29.39 23.62 -5.84
N ARG D 81 29.32 24.06 -4.57
CA ARG D 81 28.23 23.70 -3.69
C ARG D 81 26.88 24.15 -4.27
N GLU D 82 26.82 25.37 -4.81
CA GLU D 82 25.58 25.84 -5.43
C GLU D 82 25.19 25.01 -6.67
N PHE D 83 26.16 24.60 -7.48
CA PHE D 83 25.92 23.69 -8.60
C PHE D 83 25.38 22.32 -8.13
N LYS D 84 25.98 21.77 -7.09
CA LYS D 84 25.55 20.50 -6.50
C LYS D 84 24.10 20.56 -5.99
N LEU D 85 23.81 21.52 -5.10
CA LEU D 85 22.49 21.60 -4.50
C LEU D 85 21.37 21.98 -5.49
N ALA D 86 21.67 22.86 -6.43
CA ALA D 86 20.70 23.25 -7.46
C ALA D 86 20.12 22.05 -8.19
N ASP D 87 20.99 21.10 -8.55
CA ASP D 87 20.58 19.93 -9.32
C ASP D 87 19.78 20.41 -10.53
N ARG D 88 20.38 21.32 -11.28
CA ARG D 88 19.69 22.00 -12.38
C ARG D 88 20.44 21.77 -13.69
N HIS D 89 21.68 22.23 -13.73
CA HIS D 89 22.44 22.27 -14.96
C HIS D 89 23.26 21.04 -15.15
N GLY D 90 23.47 20.64 -16.39
CA GLY D 90 24.20 19.41 -16.71
C GLY D 90 25.71 19.50 -16.59
N HIS D 91 26.23 20.73 -16.51
CA HIS D 91 27.66 20.96 -16.35
C HIS D 91 27.93 22.35 -15.86
N THR D 92 29.13 22.56 -15.31
CA THR D 92 29.74 23.88 -15.11
C THR D 92 31.23 23.80 -15.41
N VAL D 93 31.85 24.97 -15.46
CA VAL D 93 33.28 25.09 -15.68
C VAL D 93 33.87 26.07 -14.66
N ILE D 94 35.01 25.70 -14.10
CA ILE D 94 35.84 26.66 -13.39
C ILE D 94 37.06 26.91 -14.27
N ARG D 95 37.19 28.17 -14.70
CA ARG D 95 38.23 28.58 -15.65
C ARG D 95 39.37 29.34 -14.99
N GLY D 96 40.56 29.22 -15.56
CA GLY D 96 41.66 30.10 -15.19
C GLY D 96 42.65 29.56 -14.18
N HIS D 97 42.67 28.25 -13.98
CA HIS D 97 43.68 27.62 -13.14
C HIS D 97 45.03 27.84 -13.73
N ASP D 98 46.03 27.89 -12.87
CA ASP D 98 47.42 27.97 -13.27
C ASP D 98 48.03 26.56 -13.30
N PHE D 99 48.08 25.94 -14.49
CA PHE D 99 48.69 24.63 -14.66
C PHE D 99 50.08 24.76 -15.29
N ASP D 100 51.12 24.60 -14.49
CA ASP D 100 52.52 24.77 -14.93
C ASP D 100 52.89 23.80 -16.06
N GLN D 101 52.91 24.32 -17.29
CA GLN D 101 53.15 23.50 -18.49
C GLN D 101 54.52 22.84 -18.56
N ARG D 102 55.54 23.50 -18.02
CA ARG D 102 56.87 22.90 -17.94
C ARG D 102 56.87 21.73 -16.96
N ARG D 103 56.35 21.96 -15.75
CA ARG D 103 56.28 20.93 -14.72
C ARG D 103 55.47 19.74 -15.22
N ILE D 104 54.27 20.00 -15.76
CA ILE D 104 53.38 18.97 -16.29
C ILE D 104 54.10 18.07 -17.31
N GLY D 105 54.95 18.67 -18.13
CA GLY D 105 55.76 17.91 -19.09
C GLY D 105 55.00 17.45 -20.33
N PRO D 106 55.63 16.61 -21.16
CA PRO D 106 55.05 16.16 -22.43
C PRO D 106 53.92 15.13 -22.28
N THR D 107 52.82 15.35 -23.01
CA THR D 107 51.72 14.39 -23.08
C THR D 107 52.29 13.00 -23.39
N PRO D 108 52.02 11.99 -22.53
CA PRO D 108 52.63 10.66 -22.69
C PRO D 108 52.16 9.94 -23.95
N ASP D 109 52.85 8.85 -24.31
CA ASP D 109 52.47 8.03 -25.45
C ASP D 109 51.41 7.02 -25.09
N HIS D 110 51.42 6.59 -23.83
CA HIS D 110 50.40 5.69 -23.29
C HIS D 110 50.20 5.95 -21.82
N TRP D 111 49.10 5.46 -21.26
CA TRP D 111 48.89 5.51 -19.80
C TRP D 111 49.51 4.33 -19.11
N ARG D 112 49.72 3.25 -19.86
CA ARG D 112 50.41 2.05 -19.34
C ARG D 112 51.85 2.42 -18.98
N GLY D 113 52.44 1.68 -18.03
CA GLY D 113 53.73 2.05 -17.49
C GLY D 113 53.58 3.36 -16.75
N ARG D 114 54.56 4.27 -16.94
CA ARG D 114 54.59 5.56 -16.24
C ARG D 114 54.69 5.39 -14.73
N VAL D 115 55.70 6.01 -14.12
CA VAL D 115 55.75 6.08 -12.67
C VAL D 115 54.55 6.90 -12.19
N ARG D 116 53.91 6.40 -11.13
CA ARG D 116 52.73 7.04 -10.57
C ARG D 116 53.02 7.40 -9.11
N PRO D 117 52.77 8.67 -8.73
CA PRO D 117 52.22 9.69 -9.61
C PRO D 117 53.29 10.44 -10.39
N GLY D 118 52.91 10.95 -11.55
CA GLY D 118 53.82 11.71 -12.41
C GLY D 118 54.03 13.15 -11.97
N PRO D 119 54.69 13.95 -12.84
CA PRO D 119 54.97 15.35 -12.51
C PRO D 119 53.70 16.21 -12.46
N GLU D 120 52.61 15.71 -13.04
CA GLU D 120 51.33 16.41 -13.02
C GLU D 120 50.48 16.07 -11.77
N PHE D 121 51.14 15.58 -10.72
CA PHE D 121 50.47 15.20 -9.46
C PHE D 121 49.68 16.34 -8.80
N PRO D 122 50.23 17.57 -8.80
CA PRO D 122 49.45 18.70 -8.28
C PRO D 122 48.06 18.86 -8.92
N GLU D 123 47.97 18.62 -10.23
CA GLU D 123 46.71 18.78 -10.96
C GLU D 123 45.75 17.63 -10.69
N GLU D 124 46.29 16.43 -10.55
CA GLU D 124 45.49 15.26 -10.15
C GLU D 124 44.86 15.48 -8.78
N LEU D 125 45.67 15.95 -7.83
CA LEU D 125 45.22 16.28 -6.48
C LEU D 125 44.11 17.33 -6.46
N LEU D 126 44.22 18.31 -7.35
CA LEU D 126 43.21 19.35 -7.48
C LEU D 126 41.86 18.74 -7.81
N LEU D 127 41.85 17.85 -8.80
CA LEU D 127 40.61 17.20 -9.19
C LEU D 127 40.06 16.28 -8.08
N MET D 128 40.95 15.71 -7.28
CA MET D 128 40.52 14.93 -6.11
C MET D 128 39.94 15.83 -5.00
N LEU D 129 40.51 17.02 -4.82
CA LEU D 129 39.94 18.02 -3.93
C LEU D 129 38.53 18.39 -4.37
N TYR D 130 38.39 18.71 -5.65
CA TYR D 130 37.09 19.03 -6.22
C TYR D 130 36.09 17.88 -6.11
N SER D 131 36.60 16.64 -6.18
CA SER D 131 35.72 15.47 -6.11
C SER D 131 35.12 15.28 -4.72
N ALA D 132 35.91 15.58 -3.69
CA ALA D 132 35.46 15.51 -2.30
C ALA D 132 34.47 16.63 -1.93
N LEU D 133 34.45 17.70 -2.72
CA LEU D 133 33.44 18.73 -2.55
C LEU D 133 32.12 18.26 -3.10
N LEU D 134 32.16 17.40 -4.12
CA LEU D 134 30.92 16.92 -4.75
C LEU D 134 30.44 15.58 -4.23
N GLY D 135 31.34 14.78 -3.66
CA GLY D 135 31.00 13.42 -3.23
C GLY D 135 32.24 12.65 -2.85
N GLU D 136 32.39 11.45 -3.42
CA GLU D 136 33.59 10.64 -3.21
C GLU D 136 34.22 10.18 -4.53
N PRO D 137 35.53 10.34 -4.67
CA PRO D 137 36.16 9.79 -5.86
C PRO D 137 36.16 8.27 -5.76
N PHE D 138 35.86 7.61 -6.87
CA PHE D 138 35.94 6.16 -6.93
C PHE D 138 36.61 5.74 -8.25
N GLY D 139 36.89 4.45 -8.40
CA GLY D 139 37.46 3.92 -9.62
C GLY D 139 36.87 2.59 -10.01
N TRP D 140 37.37 2.04 -11.10
CA TRP D 140 36.95 0.74 -11.61
C TRP D 140 38.13 -0.17 -11.62
N ALA D 141 37.96 -1.37 -11.09
CA ALA D 141 39.00 -2.39 -11.17
C ALA D 141 39.23 -2.81 -12.62
N THR D 142 38.24 -2.53 -13.48
CA THR D 142 38.19 -2.98 -14.87
C THR D 142 38.45 -1.87 -15.91
N GLN D 143 38.82 -0.67 -15.45
CA GLN D 143 39.18 0.41 -16.36
C GLN D 143 40.45 1.14 -15.92
N GLN D 144 41.39 1.28 -16.85
CA GLN D 144 42.70 1.91 -16.59
C GLN D 144 43.35 1.41 -15.30
N ASP D 145 43.36 0.08 -15.14
CA ASP D 145 43.96 -0.61 -13.99
C ASP D 145 43.58 -0.02 -12.64
N GLY D 146 42.31 0.39 -12.52
CA GLY D 146 41.79 0.96 -11.28
C GLY D 146 42.46 2.21 -10.73
N HIS D 147 42.96 3.08 -11.61
CA HIS D 147 43.50 4.37 -11.17
C HIS D 147 42.38 5.27 -10.78
N LEU D 148 42.56 6.03 -9.70
CA LEU D 148 41.51 6.93 -9.23
C LEU D 148 41.34 8.15 -10.12
N VAL D 149 42.42 8.57 -10.79
CA VAL D 149 42.37 9.63 -11.78
C VAL D 149 42.71 9.03 -13.15
N HIS D 150 41.78 9.17 -14.10
CA HIS D 150 41.96 8.62 -15.44
C HIS D 150 42.66 9.58 -16.36
N ASP D 151 43.26 9.03 -17.42
CA ASP D 151 43.90 9.82 -18.46
C ASP D 151 43.06 9.92 -19.73
N ILE D 152 42.99 11.12 -20.28
CA ILE D 152 42.38 11.32 -21.59
C ILE D 152 43.39 12.02 -22.51
N PHE D 153 44.03 11.23 -23.38
CA PHE D 153 44.94 11.75 -24.41
C PHE D 153 45.06 10.79 -25.59
N PRO D 154 45.39 11.30 -26.79
CA PRO D 154 45.38 10.42 -27.95
C PRO D 154 46.53 9.41 -27.97
N ILE D 155 46.16 8.14 -28.12
CA ILE D 155 47.09 7.03 -28.28
C ILE D 155 46.89 6.50 -29.70
N ARG D 156 47.99 6.31 -30.44
CA ARG D 156 47.90 5.85 -31.85
C ARG D 156 47.11 4.56 -32.01
N SER D 157 47.23 3.65 -31.05
CA SER D 157 46.49 2.39 -31.01
C SER D 157 44.97 2.55 -31.02
N HIS D 158 44.48 3.65 -30.44
CA HIS D 158 43.04 3.85 -30.31
C HIS D 158 42.52 4.92 -31.21
N GLU D 159 43.28 5.24 -32.25
CA GLU D 159 42.93 6.33 -33.18
C GLU D 159 41.53 6.18 -33.78
N ASN D 160 41.11 4.93 -34.01
CA ASN D 160 39.81 4.64 -34.61
C ASN D 160 38.75 4.12 -33.63
N ASP D 161 39.07 4.17 -32.33
CA ASP D 161 38.23 3.58 -31.29
C ASP D 161 37.21 4.54 -30.65
N GLN D 162 36.12 3.98 -30.15
CA GLN D 162 35.16 4.73 -29.35
C GLN D 162 35.63 4.78 -27.89
N LEU D 163 36.72 5.51 -27.67
CA LEU D 163 37.37 5.59 -26.38
C LEU D 163 37.82 7.02 -26.10
N GLY D 164 38.30 7.27 -24.88
CA GLY D 164 38.87 8.56 -24.53
C GLY D 164 40.19 8.81 -25.24
N MET D 165 40.93 7.73 -25.49
CA MET D 165 42.23 7.79 -26.17
C MET D 165 42.08 7.84 -27.71
N GLY D 166 40.86 7.97 -28.20
CA GLY D 166 40.60 8.13 -29.63
C GLY D 166 40.92 9.53 -30.12
N SER D 167 40.73 9.76 -31.42
CA SER D 167 40.87 11.11 -31.98
C SER D 167 40.16 11.27 -33.32
N LYS D 168 40.44 10.36 -34.26
CA LYS D 168 39.91 10.46 -35.63
C LYS D 168 38.39 10.38 -35.70
N GLN D 169 37.84 9.41 -35.00
CA GLN D 169 36.39 9.20 -34.96
C GLN D 169 35.76 10.08 -33.89
N LEU D 170 34.63 10.71 -34.23
CA LEU D 170 33.80 11.42 -33.26
C LEU D 170 33.48 10.47 -32.12
N LEU D 171 33.78 10.90 -30.89
CA LEU D 171 33.34 10.16 -29.71
C LEU D 171 31.87 10.47 -29.54
N THR D 172 31.03 9.49 -29.85
CA THR D 172 29.59 9.67 -29.77
C THR D 172 29.19 9.98 -28.33
N TRP D 173 28.20 10.84 -28.17
CA TRP D 173 27.81 11.25 -26.83
C TRP D 173 27.16 10.14 -26.06
N HIS D 174 27.30 10.22 -24.73
CA HIS D 174 26.86 9.15 -23.84
C HIS D 174 26.96 9.57 -22.40
N THR D 175 26.12 8.95 -21.56
CA THR D 175 26.28 9.00 -20.12
C THR D 175 27.50 8.14 -19.81
N GLU D 176 28.36 8.60 -18.90
CA GLU D 176 29.53 7.82 -18.54
C GLU D 176 29.14 6.54 -17.80
N ASP D 177 29.62 5.41 -18.34
CA ASP D 177 29.30 4.08 -17.82
C ASP D 177 27.80 3.83 -17.68
N ALA D 178 27.05 4.32 -18.69
CA ALA D 178 25.59 4.18 -18.76
C ALA D 178 25.07 2.81 -18.38
N PHE D 179 25.76 1.76 -18.80
CA PHE D 179 25.36 0.36 -18.55
C PHE D 179 25.37 -0.05 -17.07
N HIS D 180 26.13 0.67 -16.25
CA HIS D 180 26.48 0.20 -14.90
C HIS D 180 25.62 0.86 -13.85
N PRO D 181 25.00 0.05 -12.96
CA PRO D 181 24.12 0.59 -11.91
C PRO D 181 24.83 1.54 -10.94
N TYR D 182 26.15 1.37 -10.80
CA TYR D 182 26.92 2.24 -9.91
C TYR D 182 27.84 3.22 -10.64
N ARG D 183 27.45 3.57 -11.87
CA ARG D 183 28.14 4.62 -12.63
C ARG D 183 28.20 5.92 -11.84
N SER D 184 29.12 6.80 -12.23
CA SER D 184 29.31 8.12 -11.63
C SER D 184 28.03 8.91 -11.49
N ASP D 185 27.97 9.70 -10.42
CA ASP D 185 26.95 10.74 -10.31
C ASP D 185 27.49 12.02 -10.96
N TYR D 186 28.80 12.26 -10.78
CA TYR D 186 29.49 13.37 -11.43
C TYR D 186 30.81 12.94 -12.07
N LEU D 187 31.25 13.74 -13.04
CA LEU D 187 32.55 13.60 -13.66
C LEU D 187 33.32 14.90 -13.55
N ILE D 188 34.60 14.79 -13.26
CA ILE D 188 35.47 15.96 -13.18
C ILE D 188 36.52 15.82 -14.25
N LEU D 189 36.49 16.73 -15.23
CA LEU D 189 37.42 16.71 -16.35
C LEU D 189 38.28 17.96 -16.32
N GLY D 190 39.57 17.78 -16.04
CA GLY D 190 40.50 18.90 -15.99
C GLY D 190 41.33 18.96 -17.25
N ALA D 191 41.39 20.14 -17.87
CA ALA D 191 42.14 20.32 -19.11
C ALA D 191 43.57 20.78 -18.83
N LEU D 192 44.51 19.84 -18.87
CA LEU D 192 45.92 20.14 -18.66
C LEU D 192 46.50 20.94 -19.84
N ARG D 193 46.11 20.53 -21.05
CA ARG D 193 46.38 21.29 -22.27
C ARG D 193 45.39 20.90 -23.36
N ASN D 194 45.10 21.86 -24.24
CA ASN D 194 44.21 21.67 -25.38
C ASN D 194 44.55 22.69 -26.49
N PRO D 195 45.74 22.58 -27.10
CA PRO D 195 46.26 23.59 -28.04
C PRO D 195 45.36 23.90 -29.24
N ASP D 196 44.75 22.87 -29.85
CA ASP D 196 43.89 23.08 -31.00
C ASP D 196 42.42 23.31 -30.64
N HIS D 197 42.16 23.56 -29.36
CA HIS D 197 40.83 23.92 -28.85
C HIS D 197 39.73 22.98 -29.25
N VAL D 198 39.99 21.67 -29.11
CA VAL D 198 39.02 20.62 -29.47
C VAL D 198 37.82 20.66 -28.49
N PRO D 199 36.59 20.77 -29.03
CA PRO D 199 35.38 20.92 -28.21
C PRO D 199 34.80 19.62 -27.63
N THR D 200 34.66 19.56 -26.31
CA THR D 200 33.84 18.54 -25.66
C THR D 200 32.38 18.81 -26.07
N THR D 201 31.62 17.75 -26.31
CA THR D 201 30.20 17.91 -26.54
C THR D 201 29.42 17.57 -25.27
N VAL D 202 28.40 18.37 -24.96
CA VAL D 202 27.53 18.08 -23.82
C VAL D 202 26.10 18.56 -24.07
N GLY D 203 25.15 17.69 -23.74
CA GLY D 203 23.75 17.99 -23.91
C GLY D 203 22.89 17.57 -22.74
N GLU D 204 21.83 18.33 -22.50
CA GLU D 204 20.86 18.03 -21.47
C GLU D 204 19.57 17.48 -22.07
N LEU D 205 18.60 17.14 -21.22
CA LEU D 205 17.30 16.68 -21.65
C LEU D 205 16.34 17.88 -21.70
N ASP D 206 15.80 18.16 -22.88
CA ASP D 206 14.71 19.13 -23.01
C ASP D 206 13.41 18.33 -22.92
N LEU D 207 12.77 18.40 -21.75
CA LEU D 207 11.65 17.54 -21.42
C LEU D 207 10.35 17.89 -22.14
N SER D 208 10.21 19.17 -22.49
CA SER D 208 8.99 19.69 -23.13
C SER D 208 8.76 19.15 -24.55
N SER D 209 9.84 18.69 -25.17
CA SER D 209 9.79 18.16 -26.53
C SER D 209 9.13 16.77 -26.59
N LEU D 210 9.14 16.06 -25.47
CA LEU D 210 8.59 14.71 -25.39
C LEU D 210 7.19 14.72 -24.80
N SER D 211 6.34 13.82 -25.30
CA SER D 211 4.98 13.68 -24.81
C SER D 211 4.91 12.73 -23.63
N ALA D 212 3.89 12.90 -22.79
CA ALA D 212 3.67 12.05 -21.61
C ALA D 212 3.64 10.57 -21.98
N GLU D 213 3.24 10.28 -23.21
CA GLU D 213 3.28 8.94 -23.76
C GLU D 213 4.72 8.43 -23.81
N ASP D 214 5.57 9.17 -24.54
CA ASP D 214 6.97 8.79 -24.72
C ASP D 214 7.71 8.69 -23.38
N ILE D 215 7.62 9.76 -22.58
CA ILE D 215 8.27 9.84 -21.26
C ILE D 215 8.00 8.61 -20.41
N ASP D 216 6.73 8.21 -20.32
CA ASP D 216 6.36 7.09 -19.46
C ASP D 216 6.86 5.74 -19.96
N VAL D 217 7.04 5.61 -21.27
CA VAL D 217 7.67 4.41 -21.85
C VAL D 217 9.17 4.38 -21.52
N LEU D 218 9.82 5.54 -21.58
CA LEU D 218 11.24 5.68 -21.22
C LEU D 218 11.56 5.28 -19.77
N PHE D 219 10.58 5.40 -18.87
CA PHE D 219 10.76 5.07 -17.45
C PHE D 219 10.66 3.58 -17.17
N GLU D 220 10.22 2.82 -18.17
CA GLU D 220 10.05 1.37 -18.04
C GLU D 220 11.31 0.63 -18.52
N PRO D 221 11.61 -0.54 -17.90
CA PRO D 221 12.80 -1.29 -18.26
C PRO D 221 12.66 -1.99 -19.61
N ARG D 222 12.89 -1.24 -20.69
CA ARG D 222 12.63 -1.78 -22.03
C ARG D 222 13.82 -1.61 -22.99
N TYR D 223 14.96 -1.22 -22.44
CA TYR D 223 16.10 -0.81 -23.26
C TYR D 223 17.39 -1.50 -22.81
N HIS D 224 18.20 -1.92 -23.79
CA HIS D 224 19.48 -2.58 -23.52
C HIS D 224 20.64 -1.67 -23.77
N ILE D 225 21.51 -1.51 -22.77
CA ILE D 225 22.79 -0.81 -22.94
C ILE D 225 23.94 -1.72 -22.52
N ALA D 226 24.89 -1.94 -23.42
CA ALA D 226 26.06 -2.80 -23.16
C ALA D 226 27.25 -1.99 -22.64
N PRO D 227 28.18 -2.65 -21.92
CA PRO D 227 29.43 -2.00 -21.51
C PRO D 227 30.38 -1.70 -22.68
N ASP D 228 31.17 -0.64 -22.55
CA ASP D 228 32.10 -0.21 -23.60
C ASP D 228 33.43 -0.98 -23.58
N GLU D 229 34.28 -0.67 -24.55
CA GLU D 229 35.59 -1.33 -24.71
C GLU D 229 36.58 -1.05 -23.56
N SER D 230 36.46 0.10 -22.90
CA SER D 230 37.41 0.46 -21.83
C SER D 230 37.41 -0.58 -20.69
N HIS D 231 36.31 -1.32 -20.58
CA HIS D 231 36.16 -2.35 -19.55
C HIS D 231 36.65 -3.73 -19.94
N LEU D 232 37.17 -3.88 -21.17
CA LEU D 232 37.71 -5.17 -21.62
C LEU D 232 39.11 -5.47 -21.07
N PRO D 233 39.40 -6.75 -20.74
CA PRO D 233 40.75 -7.18 -20.33
C PRO D 233 41.88 -6.71 -21.26
N LYS D 234 41.66 -6.71 -22.57
CA LYS D 234 42.69 -6.27 -23.54
C LYS D 234 43.13 -4.81 -23.33
N ASN D 235 42.20 -3.97 -22.85
CA ASN D 235 42.50 -2.57 -22.55
C ASN D 235 42.93 -2.33 -21.10
N ASN D 236 43.22 -3.41 -20.38
CA ASN D 236 43.82 -3.34 -19.06
C ASN D 236 45.10 -4.18 -19.02
N THR D 237 45.83 -4.11 -17.91
CA THR D 237 47.11 -4.83 -17.76
C THR D 237 47.04 -6.37 -17.78
N ILE D 238 46.02 -6.95 -17.15
CA ILE D 238 45.72 -8.41 -17.12
C ILE D 238 46.10 -9.15 -15.85
N ALA D 239 45.29 -10.14 -15.51
CA ALA D 239 45.63 -11.24 -14.59
C ALA D 239 46.16 -10.87 -13.19
N THR D 240 46.57 -11.96 -12.56
CA THR D 240 47.47 -12.12 -11.47
C THR D 240 47.18 -13.50 -10.88
N GLU D 241 47.54 -13.67 -9.61
CA GLU D 241 46.99 -14.75 -8.83
C GLU D 241 45.55 -14.38 -8.48
N GLU D 242 45.38 -13.34 -7.66
CA GLU D 242 44.05 -12.88 -7.28
C GLU D 242 43.12 -12.83 -8.49
N GLU D 243 42.46 -13.94 -8.71
CA GLU D 243 41.67 -14.20 -9.94
C GLU D 243 41.46 -13.07 -10.95
N ALA D 244 41.53 -13.45 -12.23
CA ALA D 244 41.06 -12.62 -13.34
C ALA D 244 39.53 -12.46 -13.28
N ALA D 245 38.94 -13.01 -12.21
CA ALA D 245 37.56 -12.71 -11.81
C ALA D 245 37.41 -11.22 -11.45
N ARG D 246 38.46 -10.45 -11.72
CA ARG D 246 38.42 -9.00 -11.70
C ARG D 246 37.33 -8.47 -12.65
N PHE D 247 37.11 -9.20 -13.74
CA PHE D 247 36.20 -8.79 -14.79
C PHE D 247 34.82 -9.47 -14.73
N ALA D 248 34.61 -10.27 -13.68
CA ALA D 248 33.38 -11.05 -13.53
C ALA D 248 32.09 -10.23 -13.51
N THR D 249 32.10 -9.09 -12.80
CA THR D 249 30.90 -8.26 -12.70
C THR D 249 30.44 -7.75 -14.06
N ILE D 250 31.37 -7.28 -14.88
CA ILE D 250 31.04 -6.77 -16.21
C ILE D 250 30.72 -7.92 -17.19
N GLN D 251 31.40 -9.06 -17.01
CA GLN D 251 31.13 -10.25 -17.83
C GLN D 251 29.68 -10.74 -17.68
N ARG D 252 29.19 -10.78 -16.45
CA ARG D 252 27.79 -11.12 -16.17
C ARG D 252 26.81 -10.15 -16.85
N MET D 253 27.13 -8.85 -16.80
CA MET D 253 26.32 -7.83 -17.48
C MET D 253 26.27 -8.04 -18.99
N ILE D 254 27.37 -8.54 -19.57
CA ILE D 254 27.42 -8.92 -20.98
C ILE D 254 26.55 -10.15 -21.26
N ASP D 255 26.64 -11.13 -20.37
CA ASP D 255 25.91 -12.41 -20.49
C ASP D 255 24.39 -12.27 -20.37
N GLU D 256 23.95 -11.36 -19.52
CA GLU D 256 22.52 -11.27 -19.18
C GLU D 256 21.72 -10.34 -20.10
N ARG D 257 22.37 -9.33 -20.67
CA ARG D 257 21.71 -8.33 -21.51
C ARG D 257 20.43 -7.71 -20.90
N PRO D 258 20.46 -7.39 -19.58
CA PRO D 258 19.21 -7.00 -18.90
C PRO D 258 18.64 -5.71 -19.47
N LEU D 259 17.32 -5.56 -19.40
CA LEU D 259 16.67 -4.35 -19.83
C LEU D 259 16.53 -3.40 -18.66
N GLY D 260 16.76 -2.11 -18.92
CA GLY D 260 16.61 -1.07 -17.93
C GLY D 260 16.04 0.18 -18.56
N PRO D 261 15.55 1.11 -17.74
CA PRO D 261 14.99 2.37 -18.25
C PRO D 261 16.05 3.37 -18.70
N LEU D 262 15.62 4.31 -19.53
CA LEU D 262 16.46 5.41 -19.96
C LEU D 262 16.20 6.67 -19.15
N LEU D 263 15.00 6.78 -18.57
CA LEU D 263 14.67 7.88 -17.66
C LEU D 263 14.26 7.40 -16.26
N TYR D 264 14.65 8.19 -15.25
CA TYR D 264 14.37 7.84 -13.86
C TYR D 264 14.38 9.09 -12.96
N GLY D 265 14.03 8.92 -11.70
CA GLY D 265 13.89 10.06 -10.78
C GLY D 265 12.50 10.65 -10.92
N SER D 266 12.40 11.97 -10.94
CA SER D 266 11.10 12.63 -11.03
C SER D 266 10.55 12.54 -12.44
N ARG D 267 9.27 12.19 -12.56
CA ARG D 267 8.60 12.14 -13.86
C ARG D 267 8.36 13.52 -14.45
N LEU D 268 8.38 14.54 -13.59
CA LEU D 268 8.26 15.94 -14.03
C LEU D 268 9.62 16.56 -14.31
N ASP D 269 10.68 15.86 -13.92
CA ASP D 269 12.05 16.38 -14.02
C ASP D 269 13.07 15.22 -13.97
N PRO D 270 13.13 14.41 -15.03
CA PRO D 270 13.84 13.13 -14.93
C PRO D 270 15.35 13.20 -15.09
N TYR D 271 16.03 12.27 -14.43
CA TYR D 271 17.42 11.97 -14.72
C TYR D 271 17.45 11.02 -15.92
N MET D 272 18.59 10.94 -16.59
CA MET D 272 18.71 10.06 -17.75
C MET D 272 20.01 9.26 -17.79
N ARG D 273 19.95 8.11 -18.45
CA ARG D 273 21.15 7.40 -18.87
C ARG D 273 21.00 7.02 -20.34
N LEU D 274 22.01 7.35 -21.14
CA LEU D 274 21.92 7.24 -22.58
C LEU D 274 23.29 6.88 -23.12
N ASP D 275 23.33 5.97 -24.10
CA ASP D 275 24.58 5.58 -24.77
C ASP D 275 24.24 4.89 -26.10
N PRO D 276 23.88 5.69 -27.12
CA PRO D 276 23.44 5.21 -28.42
C PRO D 276 24.30 4.08 -28.99
N TYR D 277 25.62 4.25 -28.99
CA TYR D 277 26.53 3.27 -29.59
C TYR D 277 26.42 1.87 -29.00
N PHE D 278 26.01 1.79 -27.74
CA PHE D 278 25.89 0.50 -27.07
C PHE D 278 24.46 0.14 -26.72
N THR D 279 23.50 0.80 -27.37
CA THR D 279 22.09 0.55 -27.14
C THR D 279 21.40 -0.22 -28.26
N SER D 280 20.55 -1.17 -27.88
CA SER D 280 19.61 -1.83 -28.78
C SER D 280 18.22 -1.88 -28.14
N VAL D 281 17.18 -1.88 -28.95
CA VAL D 281 15.80 -2.01 -28.47
C VAL D 281 15.13 -3.21 -29.16
N PRO D 282 14.50 -4.12 -28.39
CA PRO D 282 13.80 -5.27 -28.97
C PRO D 282 12.84 -4.86 -30.09
N GLN D 283 13.00 -5.47 -31.26
CA GLN D 283 12.25 -5.09 -32.47
C GLN D 283 10.73 -5.02 -32.24
N ASP D 284 10.20 -6.00 -31.51
CA ASP D 284 8.77 -6.10 -31.21
C ASP D 284 8.21 -4.88 -30.49
N ASP D 285 9.02 -4.31 -29.59
CA ASP D 285 8.58 -3.19 -28.74
C ASP D 285 8.52 -1.89 -29.53
N THR D 286 7.46 -1.73 -30.31
CA THR D 286 7.24 -0.53 -31.12
C THR D 286 7.17 0.73 -30.26
N ASP D 287 6.47 0.66 -29.13
CA ASP D 287 6.38 1.78 -28.21
C ASP D 287 7.78 2.26 -27.80
N ALA D 288 8.59 1.32 -27.31
CA ALA D 288 9.95 1.64 -26.85
C ALA D 288 10.84 2.18 -27.96
N ARG D 289 10.77 1.56 -29.15
CA ARG D 289 11.58 2.00 -30.29
C ARG D 289 11.20 3.41 -30.73
N ARG D 290 9.91 3.70 -30.72
CA ARG D 290 9.39 5.04 -31.00
C ARG D 290 9.92 6.06 -29.98
N ALA D 291 9.66 5.80 -28.70
CA ALA D 291 10.10 6.70 -27.62
C ALA D 291 11.62 6.90 -27.62
N TYR D 292 12.37 5.82 -27.79
CA TYR D 292 13.82 5.91 -27.87
C TYR D 292 14.29 6.81 -29.01
N ASP D 293 13.78 6.58 -30.22
CA ASP D 293 14.09 7.40 -31.39
C ASP D 293 13.82 8.87 -31.08
N ALA D 294 12.66 9.15 -30.50
CA ALA D 294 12.27 10.50 -30.11
C ALA D 294 13.26 11.14 -29.13
N LEU D 295 13.75 10.35 -28.17
CA LEU D 295 14.70 10.82 -27.17
C LEU D 295 16.05 11.17 -27.79
N PHE D 296 16.53 10.30 -28.69
CA PHE D 296 17.81 10.50 -29.38
C PHE D 296 17.77 11.79 -30.20
N LYS D 297 16.64 12.02 -30.85
CA LYS D 297 16.42 13.24 -31.64
C LYS D 297 16.54 14.50 -30.77
N VAL D 298 15.83 14.51 -29.64
CA VAL D 298 15.81 15.65 -28.73
C VAL D 298 17.18 15.90 -28.10
N VAL D 299 17.82 14.85 -27.60
CA VAL D 299 19.13 15.00 -26.95
C VAL D 299 20.18 15.42 -27.97
N ASP D 300 20.26 14.68 -29.08
CA ASP D 300 21.24 14.97 -30.14
C ASP D 300 21.13 16.39 -30.71
N SER D 301 19.93 16.89 -30.92
CA SER D 301 19.76 18.24 -31.51
C SER D 301 20.13 19.34 -30.51
N GLY D 302 20.01 19.04 -29.22
CA GLY D 302 20.30 20.02 -28.17
C GLY D 302 21.75 20.00 -27.71
N MET D 303 22.55 19.13 -28.31
CA MET D 303 23.98 19.03 -27.97
C MET D 303 24.68 20.35 -28.22
N ARG D 304 25.49 20.78 -27.26
CA ARG D 304 26.31 21.98 -27.38
C ARG D 304 27.75 21.55 -27.50
N GLU D 305 28.61 22.50 -27.85
CA GLU D 305 30.05 22.34 -27.73
C GLU D 305 30.50 23.16 -26.54
N VAL D 306 31.46 22.62 -25.81
CA VAL D 306 32.12 23.33 -24.71
C VAL D 306 33.61 23.02 -24.85
N VAL D 307 34.41 24.05 -25.03
CA VAL D 307 35.86 23.85 -25.18
C VAL D 307 36.47 23.90 -23.79
N ALA D 308 37.10 22.79 -23.40
CA ALA D 308 37.85 22.74 -22.16
C ALA D 308 39.30 23.07 -22.48
N ASP D 309 39.64 24.34 -22.34
CA ASP D 309 41.00 24.78 -22.59
C ASP D 309 41.90 24.62 -21.40
N GLN D 310 43.21 24.65 -21.65
CA GLN D 310 44.21 24.53 -20.60
C GLN D 310 43.76 25.36 -19.40
N GLY D 311 43.69 24.72 -18.23
CA GLY D 311 43.35 25.43 -17.00
C GLY D 311 41.86 25.46 -16.71
N ASP D 312 41.06 24.91 -17.62
CA ASP D 312 39.64 24.72 -17.40
C ASP D 312 39.40 23.39 -16.72
N VAL D 313 38.48 23.39 -15.77
CA VAL D 313 38.00 22.17 -15.15
C VAL D 313 36.49 22.11 -15.42
N LEU D 314 36.07 21.04 -16.10
CA LEU D 314 34.68 20.86 -16.49
C LEU D 314 34.03 19.86 -15.56
N PHE D 315 32.89 20.25 -15.01
CA PHE D 315 32.15 19.41 -14.09
C PHE D 315 30.92 18.94 -14.81
N ILE D 316 30.71 17.64 -14.87
CA ILE D 316 29.55 17.05 -15.52
C ILE D 316 28.67 16.33 -14.51
N ASP D 317 27.38 16.64 -14.57
CA ASP D 317 26.34 15.92 -13.86
C ASP D 317 25.98 14.73 -14.72
N ASN D 318 26.48 13.55 -14.34
CA ASN D 318 26.26 12.34 -15.13
C ASN D 318 24.81 11.87 -15.20
N HIS D 319 23.92 12.53 -14.43
CA HIS D 319 22.49 12.22 -14.46
C HIS D 319 21.66 13.18 -15.25
N ARG D 320 22.22 14.35 -15.56
CA ARG D 320 21.48 15.38 -16.29
C ARG D 320 22.11 15.77 -17.63
N ALA D 321 23.26 15.18 -17.94
CA ALA D 321 23.97 15.49 -19.19
C ALA D 321 24.72 14.30 -19.77
N VAL D 322 24.68 14.20 -21.11
CA VAL D 322 25.54 13.28 -21.83
C VAL D 322 26.74 14.06 -22.34
N HIS D 323 27.81 13.37 -22.69
CA HIS D 323 28.97 14.07 -23.23
C HIS D 323 29.70 13.27 -24.26
N GLY D 324 30.42 13.97 -25.13
CA GLY D 324 31.24 13.36 -26.17
C GLY D 324 32.38 14.30 -26.50
N ARG D 325 32.96 14.12 -27.69
CA ARG D 325 34.13 14.88 -28.12
C ARG D 325 34.25 14.83 -29.65
N LEU D 326 34.46 15.99 -30.26
CA LEU D 326 34.53 16.08 -31.72
C LEU D 326 35.82 15.46 -32.27
N PRO D 327 35.81 15.03 -33.55
CA PRO D 327 37.02 14.42 -34.15
C PRO D 327 38.16 15.42 -34.24
N PHE D 328 39.39 14.93 -34.09
CA PHE D 328 40.57 15.79 -34.28
C PHE D 328 41.79 14.99 -34.73
N GLN D 329 42.77 15.70 -35.27
CA GLN D 329 44.05 15.10 -35.67
C GLN D 329 45.06 15.22 -34.54
N ALA D 330 45.51 14.06 -34.05
CA ALA D 330 46.54 14.01 -33.03
C ALA D 330 47.92 14.06 -33.65
N ARG D 331 48.87 14.64 -32.94
CA ARG D 331 50.25 14.81 -33.43
C ARG D 331 51.18 13.68 -32.99
N TYR D 332 50.85 13.05 -31.86
CA TYR D 332 51.65 11.98 -31.23
C TYR D 332 53.11 12.39 -31.00
N ASP D 333 53.30 13.60 -30.50
CA ASP D 333 54.64 14.17 -30.33
C ASP D 333 54.87 14.73 -28.93
N GLY D 334 53.94 14.46 -28.02
CA GLY D 334 54.03 14.93 -26.63
C GLY D 334 53.41 16.30 -26.39
N THR D 335 52.77 16.85 -27.42
CA THR D 335 52.14 18.17 -27.34
C THR D 335 50.61 18.09 -27.40
N ASP D 336 50.09 16.87 -27.47
CA ASP D 336 48.66 16.64 -27.69
C ASP D 336 47.75 17.06 -26.53
N ARG D 337 46.50 17.31 -26.86
CA ARG D 337 45.42 17.53 -25.90
C ARG D 337 45.47 16.49 -24.78
N TRP D 338 45.38 16.97 -23.54
CA TRP D 338 45.50 16.10 -22.37
C TRP D 338 44.49 16.46 -21.31
N LEU D 339 43.52 15.58 -21.07
CA LEU D 339 42.58 15.75 -19.96
C LEU D 339 42.79 14.69 -18.88
N LYS D 340 42.36 15.01 -17.66
CA LYS D 340 42.30 14.06 -16.56
C LYS D 340 40.85 13.91 -16.13
N ARG D 341 40.47 12.70 -15.73
CA ARG D 341 39.12 12.46 -15.26
C ARG D 341 39.08 11.78 -13.89
N VAL D 342 38.19 12.28 -13.02
CA VAL D 342 37.84 11.60 -11.77
C VAL D 342 36.36 11.28 -11.84
N CYS D 343 35.99 10.05 -11.50
CA CYS D 343 34.58 9.69 -11.32
C CYS D 343 34.15 9.95 -9.87
N VAL D 344 32.95 10.50 -9.71
CA VAL D 344 32.44 10.91 -8.40
C VAL D 344 31.13 10.18 -8.08
N THR D 345 31.10 9.52 -6.94
CA THR D 345 29.87 8.93 -6.43
C THR D 345 29.38 9.72 -5.24
N SER D 346 28.06 9.92 -5.16
CA SER D 346 27.45 10.52 -3.98
C SER D 346 27.36 9.51 -2.82
N ASP D 347 27.35 8.21 -3.13
CA ASP D 347 27.19 7.18 -2.11
C ASP D 347 28.07 5.93 -2.38
N LEU D 348 29.25 5.92 -1.76
CA LEU D 348 30.18 4.82 -1.91
C LEU D 348 29.58 3.48 -1.43
N ARG D 349 28.73 3.53 -0.41
CA ARG D 349 28.20 2.31 0.21
C ARG D 349 27.13 1.61 -0.64
N ARG D 350 26.47 2.35 -1.51
CA ARG D 350 25.49 1.78 -2.45
C ARG D 350 26.11 0.72 -3.37
N SER D 351 27.42 0.83 -3.63
CA SER D 351 28.12 -0.12 -4.50
C SER D 351 28.85 -1.23 -3.74
N ARG D 352 28.58 -1.36 -2.43
CA ARG D 352 29.31 -2.32 -1.60
C ARG D 352 29.31 -3.75 -2.17
N GLU D 353 28.19 -4.17 -2.74
CA GLU D 353 28.06 -5.52 -3.32
C GLU D 353 29.00 -5.80 -4.50
N MET D 354 29.52 -4.73 -5.11
CA MET D 354 30.45 -4.85 -6.24
C MET D 354 31.85 -4.38 -5.88
N ARG D 355 32.15 -4.34 -4.59
CA ARG D 355 33.48 -3.94 -4.13
C ARG D 355 34.05 -5.05 -3.23
N ALA D 356 35.36 -5.29 -3.34
CA ALA D 356 36.01 -6.41 -2.65
C ALA D 356 36.11 -6.23 -1.14
N THR D 357 36.22 -4.99 -0.70
CA THR D 357 36.25 -4.66 0.73
C THR D 357 35.43 -3.39 1.00
N SER D 358 35.17 -3.11 2.29
CA SER D 358 34.56 -1.83 2.69
C SER D 358 35.43 -0.63 2.31
N ALA D 359 36.74 -0.80 2.45
CA ALA D 359 37.70 0.31 2.30
C ALA D 359 37.95 0.71 0.86
N THR D 360 37.96 -0.26 -0.05
CA THR D 360 38.34 -0.01 -1.45
C THR D 360 37.34 0.88 -2.18
N ARG D 361 37.86 1.75 -3.04
CA ARG D 361 37.03 2.64 -3.86
C ARG D 361 36.91 2.15 -5.30
N LEU D 362 37.41 0.94 -5.55
CA LEU D 362 37.38 0.35 -6.88
C LEU D 362 36.22 -0.63 -7.02
N LEU D 363 35.41 -0.43 -8.05
CA LEU D 363 34.30 -1.33 -8.34
C LEU D 363 34.76 -2.49 -9.20
N GLY D 364 34.37 -3.70 -8.80
CA GLY D 364 34.65 -4.91 -9.58
C GLY D 364 35.89 -5.65 -9.10
N HRG E . -8.61 6.80 -0.03
CA HRG E . -7.57 6.00 0.70
CB HRG E . -6.38 5.74 -0.21
CG HRG E . -5.86 5.51 -2.65
CG' HRG E . -6.78 5.09 -1.52
CD HRG E . -5.44 4.30 -3.48
NE HRG E . -6.06 4.33 -4.78
CZ HRG E . -5.64 3.62 -5.83
NH1 HRG E . -6.25 3.73 -6.92
NH2 HRG E . -4.59 2.81 -5.74
C HRG E . -7.10 6.77 1.90
O HRG E . -6.97 8.00 1.88
OXT HRG E . -6.81 6.20 2.95
FE FE F . -19.51 -28.44 11.51
FE FE G . 14.20 5.65 16.59
N HRG H . 10.96 8.52 14.38
CA HRG H . 10.27 7.91 15.54
CB HRG H . 11.13 6.74 15.97
CG HRG H . 10.29 4.44 15.87
CG' HRG H . 10.32 5.69 16.71
CD HRG H . 9.07 3.61 16.20
NE HRG H . 9.41 2.27 16.60
CZ HRG H . 9.74 1.31 15.73
NH1 HRG H . 10.00 0.17 16.19
NH2 HRG H . 9.80 1.55 14.42
C HRG H . 10.21 8.90 16.68
O HRG H . 11.21 9.54 17.00
OXT HRG H . 9.17 9.10 17.32
FE FE I . 33.45 9.62 -21.66
N HRG J . 35.47 5.57 -19.92
CA HRG J . 35.76 5.48 -21.39
CB HRG J . 34.76 6.32 -22.14
CG HRG J . 33.35 6.17 -24.15
CG' HRG J . 33.92 5.38 -22.99
CD HRG J . 32.81 5.15 -25.13
NE HRG J . 31.60 5.60 -25.76
CZ HRG J . 30.39 5.24 -25.35
NH1 HRG J . 29.40 5.69 -25.97
NH2 HRG J . 30.24 4.44 -24.29
C HRG J . 37.13 6.02 -21.69
O HRG J . 37.75 5.58 -22.66
OXT HRG J . 37.63 6.91 -21.01
#